data_4C51
#
_entry.id   4C51
#
_cell.length_a   150.690
_cell.length_b   150.690
_cell.length_c   157.120
_cell.angle_alpha   90.00
_cell.angle_beta   90.00
_cell.angle_gamma   90.00
#
_symmetry.space_group_name_H-M   'P 42 21 2'
#
loop_
_entity.id
_entity.type
_entity.pdbx_description
1 polymer CATALASE-PEROXIDASE
2 non-polymer 'PROTOPORPHYRIN IX CONTAINING FE'
3 non-polymer alpha-D-glucopyranose
4 water water
#
_entity_poly.entity_id   1
_entity_poly.type   'polypeptide(L)'
_entity_poly.pdbx_seq_one_letter_code
;MPEQHPPITETTTGAASNGCPVVGHMKYPVEGGGNQDWWPNRLNLKVLHQNPAVADPMGAAFDYAAEVATIDVDALTRDI
EEVMTTSQPWWPADYGHYGPLFIRMAWHAAGTYRIHDGRGGAGGGMQRFAPLNSWPDNASLDKARRLLWPVKKKYGKKLS
WADLIVFAGNCALESMGFKTFGFGFGRVDQWEPDEVYWGKEATWLGDERYSGKRDLENPLAAVQMGLIYVNPEGPNGNPD
PMAAAVDIRETFRRMAMNDVETAALIVGGHTFGKTHGAGPADLVGPEPEAAPLEQMGLGWKSSYGTGTGKDAITSGIEVV
WTNTPTKWDNSFLEILYGYEWELTKSPAGAWQYTAKDGAGAGTIPDPFGGPGRSPTMLATDLSLRVDPIYERITRRWLEH
PEELADEFAKAWYKLIHLDMGPVARYLGPLVPKQTLLWQDPVPAVSHDLVGEAEIASLKSQIRASGLTVSQLVSTAWAAA
SSFRGSDKRGGANGGRIRLQPQVGWEVNDPDGDLRKVIRTLEEIQESFNSAAPGNIKVSFADLVVLGGCAAIEKAAKAAG
HNITVPFTPGRTDASQEQTDVESFAVLEPKADGFRNYLGKGNPLPAEYMLLDKANLLTLSAPEMTVLVGGLRVLGANYKR
LPLGVFTEASESLTNDFFVNLLDMGITWEPSPADDGTYQGKDGSGKVKWTGSRVDLVFGSNSELRALVEVYGADDAQPKF
VQDFVAAWDKVMNLDRFDVR
;
_entity_poly.pdbx_strand_id   A,B
#
loop_
_chem_comp.id
_chem_comp.type
_chem_comp.name
_chem_comp.formula
GLC D-saccharide, alpha linking alpha-D-glucopyranose 'C6 H12 O6'
HEM non-polymer 'PROTOPORPHYRIN IX CONTAINING FE' 'C34 H32 Fe N4 O4'
#
# COMPACT_ATOMS: atom_id res chain seq x y z
N GLY A 24 6.02 -6.55 -22.63
CA GLY A 24 5.02 -6.74 -21.54
C GLY A 24 3.58 -6.48 -21.99
N HIS A 25 2.75 -6.06 -21.03
CA HIS A 25 1.33 -5.71 -21.22
C HIS A 25 0.78 -5.14 -19.93
N MET A 26 0.52 -3.84 -19.92
CA MET A 26 0.03 -3.16 -18.72
C MET A 26 -1.34 -3.70 -18.29
N LYS A 27 -1.50 -3.93 -17.00
CA LYS A 27 -2.79 -4.39 -16.52
C LYS A 27 -3.50 -3.30 -15.72
N TYR A 28 -4.80 -3.48 -15.47
CA TYR A 28 -5.53 -2.69 -14.47
C TYR A 28 -4.84 -2.74 -13.11
N PRO A 29 -4.92 -1.64 -12.32
CA PRO A 29 -4.39 -1.68 -10.95
C PRO A 29 -5.06 -2.77 -10.06
N VAL A 30 -6.38 -2.90 -10.22
CA VAL A 30 -7.17 -3.90 -9.55
C VAL A 30 -6.63 -5.33 -9.83
N GLU A 31 -5.78 -5.42 -10.85
CA GLU A 31 -5.27 -6.69 -11.35
C GLU A 31 -3.73 -6.64 -11.32
N GLY A 32 -3.19 -5.70 -10.54
CA GLY A 32 -1.78 -5.74 -10.16
C GLY A 32 -0.84 -4.73 -10.82
N GLY A 33 -1.37 -4.00 -11.81
CA GLY A 33 -0.59 -3.07 -12.61
C GLY A 33 -0.34 -1.78 -11.87
N GLY A 34 0.83 -1.17 -12.11
CA GLY A 34 1.12 0.15 -11.54
C GLY A 34 2.35 0.75 -12.16
N ASN A 35 3.06 1.60 -11.41
CA ASN A 35 4.26 2.29 -11.90
C ASN A 35 5.55 1.47 -11.94
N GLN A 36 5.67 0.44 -11.11
CA GLN A 36 6.85 -0.42 -11.16
C GLN A 36 6.93 -1.13 -12.53
N ASP A 37 5.86 -1.03 -13.31
CA ASP A 37 5.81 -1.64 -14.65
C ASP A 37 6.52 -0.75 -15.68
N TRP A 38 6.55 0.55 -15.44
CA TRP A 38 7.17 1.51 -16.35
C TRP A 38 8.62 1.75 -16.03
N TRP A 39 8.94 1.75 -14.74
CA TRP A 39 10.32 1.89 -14.26
C TRP A 39 10.57 0.80 -13.22
N PRO A 40 10.94 -0.41 -13.69
CA PRO A 40 10.97 -1.58 -12.82
C PRO A 40 11.78 -1.36 -11.54
N ASN A 41 12.80 -0.54 -11.62
CA ASN A 41 13.72 -0.41 -10.51
C ASN A 41 13.60 0.81 -9.61
N ARG A 42 12.55 1.61 -9.77
CA ARG A 42 12.32 2.76 -8.86
C ARG A 42 12.09 2.35 -7.42
N LEU A 43 12.48 3.26 -6.53
CA LEU A 43 12.28 3.18 -5.11
C LEU A 43 10.84 2.79 -4.81
N ASN A 44 10.57 1.77 -3.99
CA ASN A 44 9.17 1.48 -3.63
C ASN A 44 8.84 1.99 -2.25
N LEU A 45 8.31 3.19 -2.19
CA LEU A 45 8.00 3.71 -0.89
C LEU A 45 6.91 2.95 -0.16
N LYS A 46 6.32 1.94 -0.81
CA LYS A 46 5.26 1.17 -0.18
C LYS A 46 5.74 0.31 0.97
N VAL A 47 7.03 0.02 1.03
CA VAL A 47 7.56 -0.73 2.16
C VAL A 47 7.47 0.04 3.49
N LEU A 48 7.12 1.32 3.44
CA LEU A 48 6.99 2.08 4.68
C LEU A 48 5.56 2.29 5.10
N HIS A 49 4.62 1.68 4.39
CA HIS A 49 3.26 1.72 4.87
C HIS A 49 2.66 0.36 4.78
N GLN A 50 3.45 -0.64 5.13
CA GLN A 50 2.94 -2.00 5.20
C GLN A 50 1.92 -2.15 6.31
N ASN A 51 0.99 -3.07 6.10
CA ASN A 51 -0.13 -3.32 7.01
C ASN A 51 -0.76 -2.05 7.57
N PRO A 52 -1.42 -1.26 6.69
CA PRO A 52 -2.01 0.04 7.07
C PRO A 52 -3.27 -0.12 7.90
N ALA A 53 -3.48 0.80 8.85
CA ALA A 53 -4.62 0.77 9.75
C ALA A 53 -5.97 0.55 9.01
N VAL A 54 -6.23 1.31 7.95
CA VAL A 54 -7.50 1.20 7.25
C VAL A 54 -7.85 -0.25 6.83
N ALA A 55 -6.81 -1.07 6.64
CA ALA A 55 -6.95 -2.44 6.17
C ALA A 55 -7.24 -3.41 7.30
N ASP A 56 -7.27 -2.93 8.54
CA ASP A 56 -7.30 -3.79 9.69
C ASP A 56 -8.67 -3.73 10.37
N PRO A 57 -9.42 -4.86 10.34
CA PRO A 57 -10.85 -4.85 10.67
C PRO A 57 -11.08 -4.73 12.16
N MET A 58 -10.02 -4.68 12.96
CA MET A 58 -10.15 -4.61 14.43
C MET A 58 -10.40 -3.22 14.96
N GLY A 59 -9.92 -2.19 14.27
CA GLY A 59 -10.07 -0.82 14.76
C GLY A 59 -9.00 -0.48 15.79
N ALA A 60 -8.73 0.81 15.97
CA ALA A 60 -7.57 1.26 16.74
C ALA A 60 -7.70 0.95 18.23
N ALA A 61 -8.93 0.84 18.72
CA ALA A 61 -9.23 0.48 20.11
C ALA A 61 -8.56 -0.83 20.53
N PHE A 62 -8.53 -1.79 19.60
CA PHE A 62 -8.15 -3.19 19.85
C PHE A 62 -6.78 -3.37 20.44
N ASP A 63 -6.73 -4.12 21.56
CA ASP A 63 -5.52 -4.42 22.34
C ASP A 63 -5.37 -5.91 22.55
N TYR A 64 -4.61 -6.58 21.68
CA TYR A 64 -4.49 -8.04 21.74
C TYR A 64 -3.98 -8.48 23.10
N ALA A 65 -2.87 -7.89 23.54
CA ALA A 65 -2.31 -8.22 24.86
C ALA A 65 -3.43 -8.39 25.91
N ALA A 66 -4.31 -7.41 25.95
CA ALA A 66 -5.47 -7.41 26.84
C ALA A 66 -6.50 -8.48 26.55
N GLU A 67 -6.57 -8.99 25.34
CA GLU A 67 -7.58 -9.98 25.00
C GLU A 67 -7.07 -11.35 25.28
N VAL A 68 -5.81 -11.59 24.95
CA VAL A 68 -5.22 -12.90 25.08
C VAL A 68 -5.03 -13.23 26.54
N ALA A 69 -4.80 -12.20 27.33
CA ALA A 69 -4.58 -12.42 28.73
C ALA A 69 -5.88 -12.80 29.47
N THR A 70 -7.00 -12.87 28.77
CA THR A 70 -8.26 -13.34 29.40
C THR A 70 -8.65 -14.74 28.93
N ILE A 71 -7.75 -15.38 28.20
CA ILE A 71 -8.07 -16.63 27.52
C ILE A 71 -7.90 -17.81 28.47
N ASP A 72 -8.88 -18.69 28.53
CA ASP A 72 -8.71 -19.95 29.30
C ASP A 72 -7.77 -20.95 28.60
N VAL A 73 -6.52 -21.04 29.05
CA VAL A 73 -5.53 -21.87 28.35
C VAL A 73 -5.85 -23.36 28.39
N ASP A 74 -6.36 -23.84 29.52
CA ASP A 74 -6.69 -25.26 29.60
C ASP A 74 -7.80 -25.61 28.58
N ALA A 75 -8.87 -24.82 28.60
CA ALA A 75 -9.95 -24.98 27.65
C ALA A 75 -9.41 -25.03 26.24
N LEU A 76 -8.54 -24.09 25.92
CA LEU A 76 -7.90 -24.03 24.63
C LEU A 76 -7.13 -25.31 24.33
N THR A 77 -6.32 -25.77 25.28
CA THR A 77 -5.60 -27.00 25.05
C THR A 77 -6.59 -28.12 24.80
N ARG A 78 -7.63 -28.17 25.60
CA ARG A 78 -8.65 -29.20 25.41
C ARG A 78 -9.29 -29.17 24.03
N ASP A 79 -9.65 -27.96 23.58
CA ASP A 79 -10.26 -27.73 22.27
C ASP A 79 -9.38 -28.11 21.08
N ILE A 80 -8.07 -27.88 21.22
CA ILE A 80 -7.08 -28.27 20.22
C ILE A 80 -6.90 -29.78 20.24
N GLU A 81 -6.79 -30.36 21.45
CA GLU A 81 -6.75 -31.83 21.57
C GLU A 81 -7.89 -32.52 20.82
N GLU A 82 -9.10 -32.00 21.03
CA GLU A 82 -10.28 -32.53 20.37
C GLU A 82 -10.22 -32.43 18.85
N VAL A 83 -9.64 -31.35 18.35
CA VAL A 83 -9.45 -31.22 16.91
C VAL A 83 -8.50 -32.29 16.39
N MET A 84 -7.42 -32.50 17.13
CA MET A 84 -6.31 -33.37 16.68
C MET A 84 -6.80 -34.79 16.46
N THR A 85 -7.74 -35.19 17.31
CA THR A 85 -8.21 -36.57 17.33
C THR A 85 -9.57 -36.73 16.63
N THR A 86 -10.07 -35.70 15.97
CA THR A 86 -11.29 -35.83 15.18
C THR A 86 -10.95 -35.71 13.71
N SER A 87 -10.77 -36.83 13.03
CA SER A 87 -10.45 -36.83 11.59
C SER A 87 -11.58 -36.20 10.74
N GLN A 88 -11.23 -35.64 9.58
CA GLN A 88 -12.17 -34.92 8.73
C GLN A 88 -12.17 -35.47 7.31
N PRO A 89 -13.37 -35.80 6.79
CA PRO A 89 -13.55 -36.33 5.44
C PRO A 89 -12.56 -35.74 4.41
N TRP A 90 -12.43 -34.42 4.36
CA TRP A 90 -11.77 -33.71 3.26
C TRP A 90 -10.27 -33.78 3.32
N TRP A 91 -9.75 -34.30 4.44
CA TRP A 91 -8.31 -34.57 4.63
C TRP A 91 -8.14 -35.46 5.85
N PRO A 92 -8.35 -36.77 5.67
CA PRO A 92 -8.47 -37.62 6.86
C PRO A 92 -7.10 -37.88 7.46
N ALA A 93 -7.11 -38.18 8.77
CA ALA A 93 -5.92 -38.11 9.61
C ALA A 93 -5.06 -39.37 9.67
N ASP A 94 -3.78 -39.25 9.27
CA ASP A 94 -2.77 -40.30 9.50
C ASP A 94 -2.85 -40.83 10.92
N TYR A 95 -2.97 -42.15 11.07
CA TYR A 95 -3.00 -42.76 12.39
C TYR A 95 -4.10 -42.15 13.27
N GLY A 96 -5.09 -41.52 12.65
CA GLY A 96 -6.18 -40.85 13.40
C GLY A 96 -5.83 -39.70 14.34
N HIS A 97 -4.65 -39.11 14.12
CA HIS A 97 -4.12 -38.09 14.98
C HIS A 97 -3.38 -37.03 14.11
N TYR A 98 -3.85 -35.78 14.17
CA TYR A 98 -3.32 -34.69 13.33
C TYR A 98 -2.07 -34.05 13.92
N GLY A 99 -1.81 -34.37 15.20
CA GLY A 99 -0.67 -33.84 15.92
C GLY A 99 0.57 -33.65 15.06
N PRO A 100 1.05 -34.75 14.48
CA PRO A 100 2.30 -34.59 13.76
C PRO A 100 2.21 -33.52 12.67
N LEU A 101 1.06 -33.44 11.98
CA LEU A 101 0.86 -32.45 10.91
C LEU A 101 0.97 -31.05 11.48
N PHE A 102 0.33 -30.87 12.64
CA PHE A 102 0.47 -29.61 13.38
C PHE A 102 1.90 -29.33 13.81
N ILE A 103 2.63 -30.37 14.21
CA ILE A 103 3.99 -30.09 14.52
C ILE A 103 4.66 -29.53 13.29
N ARG A 104 4.53 -30.25 12.17
CA ARG A 104 5.19 -29.84 10.95
C ARG A 104 4.85 -28.40 10.66
N MET A 105 3.55 -28.12 10.72
CA MET A 105 3.02 -26.81 10.45
C MET A 105 3.74 -25.77 11.28
N ALA A 106 3.63 -25.86 12.59
CA ALA A 106 4.34 -24.97 13.48
C ALA A 106 5.84 -24.82 13.13
N TRP A 107 6.50 -25.91 12.77
CA TRP A 107 7.92 -25.82 12.38
C TRP A 107 8.05 -24.95 11.11
N HIS A 108 7.25 -25.20 10.09
CA HIS A 108 7.32 -24.38 8.89
C HIS A 108 6.92 -22.92 9.13
N ALA A 109 5.97 -22.69 10.04
CA ALA A 109 5.63 -21.35 10.52
C ALA A 109 6.86 -20.59 11.06
N ALA A 110 7.61 -21.19 12.01
CA ALA A 110 8.79 -20.54 12.58
C ALA A 110 9.99 -20.62 11.64
N GLY A 111 9.97 -21.66 10.81
CA GLY A 111 11.12 -22.06 10.04
C GLY A 111 11.57 -21.13 8.95
N THR A 112 10.81 -20.09 8.63
CA THR A 112 11.27 -19.15 7.58
C THR A 112 12.28 -18.11 8.08
N TYR A 113 12.32 -17.94 9.40
CA TYR A 113 13.13 -16.91 10.04
C TYR A 113 14.56 -16.96 9.58
N ARG A 114 15.19 -15.80 9.40
CA ARG A 114 16.64 -15.82 9.13
C ARG A 114 17.38 -14.71 9.86
N ILE A 115 18.57 -15.01 10.36
CA ILE A 115 19.25 -14.07 11.25
C ILE A 115 19.80 -12.84 10.58
N HIS A 116 20.01 -12.92 9.26
CA HIS A 116 20.62 -11.81 8.55
C HIS A 116 19.82 -10.52 8.76
N ASP A 117 18.50 -10.60 8.53
CA ASP A 117 17.63 -9.43 8.71
C ASP A 117 16.49 -9.57 9.76
N GLY A 118 16.40 -10.72 10.43
CA GLY A 118 15.33 -10.92 11.43
C GLY A 118 13.94 -11.11 10.82
N ARG A 119 13.87 -11.07 9.48
CA ARG A 119 12.61 -11.28 8.76
C ARG A 119 12.29 -12.76 8.71
N GLY A 120 11.01 -13.08 8.45
CA GLY A 120 10.51 -14.45 8.59
C GLY A 120 10.22 -14.73 10.04
N GLY A 121 9.90 -15.99 10.35
CA GLY A 121 9.59 -16.37 11.72
C GLY A 121 8.10 -16.48 11.84
N ALA A 122 7.61 -16.98 12.97
CA ALA A 122 6.19 -17.28 13.05
C ALA A 122 5.41 -16.14 13.59
N GLY A 123 6.09 -15.02 13.81
CA GLY A 123 5.59 -13.94 14.64
C GLY A 123 4.45 -13.13 14.05
N GLY A 124 4.36 -13.05 12.73
CA GLY A 124 3.25 -12.32 12.09
C GLY A 124 2.14 -13.27 11.63
N GLY A 125 2.38 -14.57 11.79
CA GLY A 125 1.50 -15.60 11.25
C GLY A 125 1.39 -15.50 9.75
N MET A 126 2.49 -15.14 9.11
CA MET A 126 2.56 -14.86 7.68
C MET A 126 2.26 -16.06 6.81
N GLN A 127 2.36 -17.25 7.41
CA GLN A 127 2.18 -18.51 6.68
C GLN A 127 0.83 -18.61 6.01
N ARG A 128 -0.10 -17.79 6.46
CA ARG A 128 -1.45 -17.88 5.97
C ARG A 128 -1.66 -17.01 4.72
N PHE A 129 -0.64 -16.28 4.31
CA PHE A 129 -0.75 -15.42 3.15
C PHE A 129 0.28 -15.80 2.08
N ALA A 130 0.10 -15.25 0.87
CA ALA A 130 1.17 -15.24 -0.12
C ALA A 130 2.46 -14.52 0.41
N PRO A 131 3.66 -14.90 -0.10
CA PRO A 131 3.92 -16.06 -0.96
C PRO A 131 3.83 -17.37 -0.19
N LEU A 132 4.12 -17.33 1.11
CA LEU A 132 4.33 -18.52 1.95
C LEU A 132 3.21 -19.54 1.93
N ASN A 133 1.95 -19.12 1.80
CA ASN A 133 0.86 -20.10 1.83
C ASN A 133 0.94 -21.08 0.65
N SER A 134 1.70 -20.69 -0.37
CA SER A 134 1.82 -21.44 -1.61
C SER A 134 3.26 -21.88 -1.93
N TRP A 135 4.20 -21.68 -1.02
CA TRP A 135 5.53 -22.29 -1.14
C TRP A 135 5.36 -23.81 -1.31
N PRO A 136 6.22 -24.44 -2.16
CA PRO A 136 6.11 -25.89 -2.38
C PRO A 136 6.32 -26.66 -1.07
N ASP A 137 7.26 -26.17 -0.26
CA ASP A 137 7.60 -26.79 1.01
C ASP A 137 6.41 -26.74 1.98
N ASN A 138 5.47 -25.82 1.74
CA ASN A 138 4.28 -25.66 2.59
C ASN A 138 3.04 -26.40 2.07
N ALA A 139 3.28 -27.38 1.21
CA ALA A 139 2.22 -28.18 0.65
C ALA A 139 1.47 -28.92 1.78
N SER A 140 0.15 -28.96 1.68
CA SER A 140 -0.72 -29.55 2.70
C SER A 140 -0.97 -28.72 3.96
N LEU A 141 -0.10 -27.75 4.23
CA LEU A 141 -0.28 -26.91 5.42
C LEU A 141 -1.57 -26.05 5.36
N ASP A 142 -1.98 -25.69 4.14
CA ASP A 142 -3.32 -25.13 3.88
C ASP A 142 -4.42 -25.95 4.53
N LYS A 143 -4.38 -27.26 4.34
CA LYS A 143 -5.31 -28.16 4.98
C LYS A 143 -5.12 -28.06 6.47
N ALA A 144 -3.91 -28.32 6.95
CA ALA A 144 -3.62 -28.16 8.36
C ALA A 144 -4.24 -26.89 8.99
N ARG A 145 -4.01 -25.72 8.38
CA ARG A 145 -4.53 -24.48 8.95
C ARG A 145 -6.05 -24.55 9.03
N ARG A 146 -6.66 -24.97 7.92
CA ARG A 146 -8.11 -24.99 7.85
C ARG A 146 -8.71 -25.85 8.98
N LEU A 147 -8.01 -26.90 9.36
CA LEU A 147 -8.50 -27.86 10.36
C LEU A 147 -8.73 -27.25 11.75
N LEU A 148 -7.99 -26.15 11.97
CA LEU A 148 -8.02 -25.40 13.21
C LEU A 148 -9.12 -24.37 13.26
N TRP A 149 -9.75 -24.10 12.12
CA TRP A 149 -10.75 -23.06 12.15
C TRP A 149 -11.77 -23.25 13.30
N PRO A 150 -12.39 -24.44 13.45
CA PRO A 150 -13.21 -24.72 14.63
C PRO A 150 -12.71 -24.13 15.96
N VAL A 151 -11.41 -24.19 16.23
CA VAL A 151 -10.80 -23.54 17.43
C VAL A 151 -10.87 -22.01 17.36
N LYS A 152 -10.28 -21.45 16.30
CA LYS A 152 -10.33 -20.01 16.05
C LYS A 152 -11.74 -19.43 16.16
N LYS A 153 -12.70 -20.12 15.55
CA LYS A 153 -14.15 -19.86 15.59
C LYS A 153 -14.58 -19.63 17.02
N LYS A 154 -14.14 -20.51 17.90
CA LYS A 154 -14.52 -20.46 19.31
C LYS A 154 -13.83 -19.35 20.08
N TYR A 155 -12.62 -18.97 19.72
CA TYR A 155 -11.92 -18.00 20.54
C TYR A 155 -11.96 -16.57 20.05
N GLY A 156 -12.38 -16.39 18.80
CA GLY A 156 -12.50 -15.05 18.18
C GLY A 156 -11.27 -14.19 18.34
N LYS A 157 -11.49 -12.92 18.66
CA LYS A 157 -10.40 -11.94 18.77
C LYS A 157 -9.42 -12.20 19.92
N LYS A 158 -9.78 -13.10 20.84
CA LYS A 158 -8.93 -13.41 21.97
C LYS A 158 -7.76 -14.27 21.59
N LEU A 159 -7.66 -14.67 20.33
CA LEU A 159 -6.58 -15.57 19.93
C LEU A 159 -6.17 -15.32 18.49
N SER A 160 -4.93 -14.93 18.25
CA SER A 160 -4.50 -14.68 16.88
C SER A 160 -4.23 -15.97 16.13
N TRP A 161 -4.40 -15.98 14.80
CA TRP A 161 -3.85 -17.09 13.99
C TRP A 161 -2.35 -17.22 14.23
N ALA A 162 -1.63 -16.11 14.36
CA ALA A 162 -0.21 -16.21 14.66
C ALA A 162 0.04 -17.08 15.92
N ASP A 163 -0.67 -16.81 16.99
CA ASP A 163 -0.43 -17.54 18.22
C ASP A 163 -0.92 -18.95 18.08
N LEU A 164 -2.08 -19.13 17.45
CA LEU A 164 -2.71 -20.45 17.39
C LEU A 164 -1.93 -21.49 16.63
N ILE A 165 -1.41 -21.15 15.45
CA ILE A 165 -0.62 -22.09 14.63
C ILE A 165 0.57 -22.65 15.39
N VAL A 166 1.33 -21.81 16.09
CA VAL A 166 2.46 -22.39 16.82
C VAL A 166 2.00 -23.07 18.09
N PHE A 167 0.92 -22.58 18.70
CA PHE A 167 0.46 -23.20 19.91
C PHE A 167 -0.02 -24.61 19.64
N ALA A 168 -0.66 -24.81 18.48
CA ALA A 168 -1.14 -26.13 18.05
C ALA A 168 0.03 -27.11 18.03
N GLY A 169 1.11 -26.68 17.42
CA GLY A 169 2.34 -27.44 17.42
C GLY A 169 2.72 -27.80 18.82
N ASN A 170 2.71 -26.85 19.73
CA ASN A 170 3.19 -27.11 21.06
C ASN A 170 2.24 -28.06 21.78
N CYS A 171 0.94 -27.85 21.67
CA CYS A 171 -0.06 -28.81 22.18
C CYS A 171 0.04 -30.18 21.56
N ALA A 172 0.42 -30.26 20.29
CA ALA A 172 0.68 -31.55 19.66
C ALA A 172 1.78 -32.30 20.42
N LEU A 173 2.95 -31.68 20.56
CA LEU A 173 4.02 -32.26 21.35
C LEU A 173 3.57 -32.79 22.74
N GLU A 174 2.79 -31.97 23.47
CA GLU A 174 2.30 -32.31 24.79
C GLU A 174 1.42 -33.54 24.74
N SER A 175 0.51 -33.59 23.78
CA SER A 175 -0.51 -34.61 23.74
C SER A 175 0.05 -35.95 23.27
N MET A 176 1.21 -35.96 22.66
CA MET A 176 1.85 -37.22 22.34
C MET A 176 2.99 -37.51 23.30
N GLY A 177 2.90 -36.93 24.50
CA GLY A 177 3.72 -37.30 25.64
C GLY A 177 5.10 -36.71 25.70
N PHE A 178 5.35 -35.64 24.95
CA PHE A 178 6.62 -34.93 25.14
C PHE A 178 6.35 -33.67 25.91
N LYS A 179 7.05 -33.45 27.02
CA LYS A 179 6.77 -32.25 27.79
C LYS A 179 7.60 -31.09 27.29
N THR A 180 6.92 -30.02 26.91
CA THR A 180 7.54 -28.87 26.33
C THR A 180 7.96 -27.93 27.44
N PHE A 181 8.90 -27.05 27.15
CA PHE A 181 9.53 -26.21 28.14
C PHE A 181 8.74 -24.97 28.58
N GLY A 182 7.62 -24.69 27.93
CA GLY A 182 6.96 -23.40 28.08
C GLY A 182 6.44 -22.83 26.76
N PHE A 183 5.65 -21.77 26.89
CA PHE A 183 5.05 -21.11 25.75
C PHE A 183 4.57 -19.69 26.05
N GLY A 184 4.96 -18.77 25.16
CA GLY A 184 4.49 -17.39 25.20
C GLY A 184 3.45 -17.03 24.16
N PHE A 185 2.32 -16.50 24.60
CA PHE A 185 1.38 -15.89 23.68
C PHE A 185 1.83 -14.47 23.36
N GLY A 186 1.13 -13.81 22.42
CA GLY A 186 1.32 -12.39 22.13
C GLY A 186 1.67 -11.99 20.70
N ARG A 187 1.68 -12.94 19.76
CA ARG A 187 1.92 -12.58 18.35
C ARG A 187 0.66 -11.97 17.78
N VAL A 188 0.76 -10.75 17.28
CA VAL A 188 -0.38 -10.06 16.70
C VAL A 188 -0.53 -10.42 15.23
N ASP A 189 -1.75 -10.78 14.87
CA ASP A 189 -2.11 -11.01 13.48
C ASP A 189 -2.05 -9.78 12.62
N GLN A 190 -1.66 -9.97 11.36
CA GLN A 190 -1.59 -8.90 10.37
C GLN A 190 -2.47 -9.21 9.20
N TRP A 191 -2.79 -8.19 8.41
CA TRP A 191 -3.93 -8.30 7.50
C TRP A 191 -3.60 -8.32 6.02
N GLU A 192 -2.39 -7.93 5.69
CA GLU A 192 -1.86 -8.12 4.38
C GLU A 192 -0.44 -8.64 4.54
N PRO A 193 0.05 -9.45 3.58
CA PRO A 193 1.33 -10.18 3.72
C PRO A 193 2.56 -9.30 3.77
N ASP A 194 3.47 -9.63 4.69
CA ASP A 194 4.73 -8.90 4.84
C ASP A 194 5.60 -9.15 3.59
N GLU A 195 6.02 -8.07 2.95
CA GLU A 195 6.82 -8.13 1.71
C GLU A 195 8.28 -8.38 2.01
N VAL A 196 8.71 -9.63 1.90
CA VAL A 196 10.10 -10.05 2.25
C VAL A 196 10.85 -10.54 1.01
N TYR A 197 12.13 -10.21 0.90
CA TYR A 197 12.95 -10.76 -0.18
C TYR A 197 13.37 -12.24 0.04
N TRP A 198 12.86 -13.14 -0.80
CA TRP A 198 13.06 -14.59 -0.60
C TRP A 198 14.11 -15.17 -1.54
N GLY A 199 14.66 -14.33 -2.40
CA GLY A 199 15.62 -14.77 -3.42
C GLY A 199 15.23 -14.22 -4.77
N LYS A 200 16.15 -14.31 -5.73
CA LYS A 200 15.95 -13.78 -7.09
C LYS A 200 15.24 -14.74 -8.07
N GLU A 201 15.20 -16.02 -7.72
CA GLU A 201 14.64 -17.07 -8.58
C GLU A 201 13.18 -16.84 -8.99
N ALA A 202 12.93 -16.85 -10.30
CA ALA A 202 11.58 -16.68 -10.86
C ALA A 202 10.75 -17.98 -10.98
N THR A 203 11.37 -19.12 -10.69
CA THR A 203 10.67 -20.41 -10.71
C THR A 203 10.77 -21.07 -9.35
N TRP A 204 9.72 -21.80 -8.99
CA TRP A 204 9.69 -22.54 -7.74
C TRP A 204 10.72 -23.64 -7.74
N LEU A 205 11.42 -23.76 -6.60
CA LEU A 205 12.54 -24.70 -6.38
C LEU A 205 13.87 -24.32 -7.08
N GLY A 206 13.89 -23.22 -7.81
CA GLY A 206 15.12 -22.78 -8.50
C GLY A 206 16.29 -22.46 -7.57
N ASP A 207 17.49 -22.41 -8.13
CA ASP A 207 18.71 -22.15 -7.35
C ASP A 207 19.66 -21.27 -8.15
N GLU A 208 19.61 -19.96 -7.88
CA GLU A 208 20.59 -19.01 -8.44
C GLU A 208 21.19 -18.25 -7.26
N ARG A 209 21.47 -18.98 -6.19
CA ARG A 209 21.83 -18.33 -4.92
C ARG A 209 23.17 -18.75 -4.33
N TYR A 210 23.93 -19.57 -5.07
CA TYR A 210 25.25 -20.05 -4.63
C TYR A 210 26.41 -19.55 -5.47
N SER A 211 27.62 -19.64 -4.91
CA SER A 211 28.89 -19.25 -5.57
C SER A 211 30.07 -19.56 -4.64
N GLY A 212 31.29 -19.50 -5.18
CA GLY A 212 32.47 -19.98 -4.45
C GLY A 212 32.36 -21.51 -4.36
N LYS A 213 32.89 -22.09 -3.29
CA LYS A 213 32.65 -23.52 -2.99
C LYS A 213 31.13 -23.81 -2.81
N ARG A 214 30.56 -23.33 -1.70
CA ARG A 214 29.12 -23.36 -1.50
C ARG A 214 28.65 -22.19 -0.59
N ASP A 215 29.00 -20.97 -0.98
CA ASP A 215 28.60 -19.76 -0.25
C ASP A 215 27.19 -19.33 -0.62
N LEU A 216 26.35 -19.20 0.40
CA LEU A 216 24.94 -18.88 0.22
C LEU A 216 24.72 -17.38 0.25
N GLU A 217 24.00 -16.87 -0.75
CA GLU A 217 23.65 -15.47 -0.89
C GLU A 217 23.04 -14.92 0.40
N ASN A 218 23.63 -13.89 0.99
CA ASN A 218 22.92 -13.17 2.07
C ASN A 218 21.74 -12.39 1.46
N PRO A 219 20.60 -12.32 2.18
CA PRO A 219 20.31 -12.75 3.54
C PRO A 219 19.76 -14.16 3.68
N LEU A 220 19.51 -14.82 2.56
CA LEU A 220 18.74 -16.08 2.52
C LEU A 220 19.24 -17.22 3.44
N ALA A 221 18.33 -18.04 3.92
CA ALA A 221 18.71 -19.20 4.70
C ALA A 221 17.96 -20.46 4.23
N ALA A 222 17.68 -20.53 2.94
CA ALA A 222 17.23 -21.77 2.32
C ALA A 222 18.07 -22.02 1.07
N VAL A 223 18.09 -23.27 0.61
CA VAL A 223 18.99 -23.72 -0.45
C VAL A 223 18.43 -23.48 -1.86
N GLN A 224 17.14 -23.17 -1.90
CA GLN A 224 16.35 -23.13 -3.11
C GLN A 224 15.10 -22.26 -2.82
N MET A 225 14.47 -21.75 -3.87
CA MET A 225 13.26 -20.92 -3.73
C MET A 225 12.03 -21.73 -3.33
N GLY A 226 11.41 -21.36 -2.22
CA GLY A 226 10.24 -22.11 -1.74
C GLY A 226 10.54 -23.31 -0.85
N LEU A 227 11.76 -23.40 -0.37
CA LEU A 227 12.12 -24.34 0.66
C LEU A 227 12.32 -23.63 1.98
N ILE A 228 11.99 -24.33 3.08
CA ILE A 228 12.17 -23.84 4.42
C ILE A 228 13.65 -23.84 4.75
N TYR A 229 14.28 -25.03 4.70
CA TYR A 229 15.73 -25.11 4.94
C TYR A 229 16.56 -25.74 3.80
N VAL A 230 16.46 -27.07 3.65
CA VAL A 230 17.28 -27.81 2.67
C VAL A 230 16.42 -28.75 1.88
N ASN A 231 17.03 -29.37 0.88
CA ASN A 231 16.31 -30.31 0.02
C ASN A 231 16.25 -31.66 0.71
N PRO A 232 15.04 -32.19 0.94
CA PRO A 232 14.96 -33.51 1.57
C PRO A 232 15.76 -34.61 0.84
N GLU A 233 15.90 -34.49 -0.48
CA GLU A 233 16.69 -35.45 -1.24
C GLU A 233 18.16 -35.04 -1.37
N GLY A 234 18.60 -34.05 -0.60
CA GLY A 234 20.01 -33.66 -0.59
C GLY A 234 20.27 -32.62 -1.65
N PRO A 235 21.42 -31.93 -1.59
CA PRO A 235 21.68 -30.78 -2.46
C PRO A 235 21.36 -31.04 -3.94
N ASN A 236 20.47 -30.20 -4.47
CA ASN A 236 20.06 -30.25 -5.87
C ASN A 236 19.47 -31.60 -6.29
N GLY A 237 18.89 -32.31 -5.33
CA GLY A 237 18.22 -33.59 -5.59
C GLY A 237 19.16 -34.79 -5.52
N ASN A 238 20.41 -34.53 -5.15
CA ASN A 238 21.46 -35.54 -5.13
C ASN A 238 21.67 -36.16 -3.74
N PRO A 239 21.12 -37.39 -3.51
CA PRO A 239 21.00 -37.96 -2.16
C PRO A 239 22.28 -38.36 -1.39
N ASP A 240 23.32 -37.50 -1.43
CA ASP A 240 24.58 -37.71 -0.69
C ASP A 240 24.60 -37.10 0.74
N PRO A 241 24.47 -37.96 1.79
CA PRO A 241 24.33 -37.50 3.16
C PRO A 241 25.42 -36.61 3.69
N MET A 242 26.68 -36.92 3.42
CA MET A 242 27.78 -36.07 3.90
C MET A 242 27.67 -34.66 3.33
N ALA A 243 27.16 -34.60 2.09
CA ALA A 243 26.97 -33.33 1.40
C ALA A 243 25.76 -32.55 1.97
N ALA A 244 24.66 -33.27 2.23
CA ALA A 244 23.41 -32.71 2.76
C ALA A 244 23.65 -32.07 4.10
N ALA A 245 24.51 -32.68 4.89
CA ALA A 245 24.87 -32.15 6.19
C ALA A 245 25.50 -30.78 6.12
N VAL A 246 26.23 -30.49 5.05
CA VAL A 246 26.88 -29.18 4.95
C VAL A 246 25.82 -28.09 4.79
N ASP A 247 24.78 -28.41 4.02
CA ASP A 247 23.65 -27.53 3.79
C ASP A 247 22.87 -27.30 5.09
N ILE A 248 22.43 -28.42 5.69
CA ILE A 248 21.80 -28.44 7.02
C ILE A 248 22.59 -27.57 7.98
N ARG A 249 23.86 -27.89 8.22
CA ARG A 249 24.65 -27.09 9.14
C ARG A 249 24.52 -25.60 8.83
N GLU A 250 24.57 -25.27 7.53
CA GLU A 250 24.67 -23.87 7.10
C GLU A 250 23.37 -23.15 7.22
N THR A 251 22.31 -23.72 6.64
CA THR A 251 21.00 -23.12 6.75
C THR A 251 20.48 -23.01 8.20
N PHE A 252 20.65 -24.06 9.01
CA PHE A 252 20.25 -23.97 10.42
C PHE A 252 21.01 -22.90 11.17
N ARG A 253 22.31 -22.76 10.90
CA ARG A 253 23.11 -21.69 11.51
C ARG A 253 22.47 -20.34 11.28
N ARG A 254 21.99 -20.12 10.05
CA ARG A 254 21.38 -18.88 9.63
C ARG A 254 19.96 -18.73 10.13
N MET A 255 19.46 -19.75 10.82
CA MET A 255 18.19 -19.66 11.56
C MET A 255 18.47 -19.80 13.05
N ALA A 256 19.65 -19.35 13.44
CA ALA A 256 20.12 -19.28 14.82
C ALA A 256 20.31 -20.61 15.58
N MET A 257 20.34 -21.74 14.87
CA MET A 257 20.55 -23.01 15.53
C MET A 257 21.99 -23.44 15.32
N ASN A 258 22.65 -23.82 16.41
CA ASN A 258 23.93 -24.52 16.29
C ASN A 258 23.75 -26.03 16.17
N ASP A 259 24.85 -26.74 16.37
CA ASP A 259 24.91 -28.14 16.01
C ASP A 259 24.01 -29.03 16.85
N VAL A 260 24.11 -28.83 18.16
CA VAL A 260 23.27 -29.56 19.11
C VAL A 260 21.77 -29.31 18.88
N GLU A 261 21.40 -28.01 18.81
CA GLU A 261 20.03 -27.57 18.53
C GLU A 261 19.48 -28.17 17.23
N THR A 262 20.24 -28.02 16.15
CA THR A 262 19.86 -28.61 14.89
C THR A 262 19.59 -30.10 14.99
N ALA A 263 20.54 -30.84 15.55
CA ALA A 263 20.40 -32.29 15.62
C ALA A 263 19.11 -32.61 16.37
N ALA A 264 19.01 -32.04 17.56
CA ALA A 264 17.83 -32.18 18.40
C ALA A 264 16.53 -31.92 17.59
N LEU A 265 16.51 -30.79 16.89
CA LEU A 265 15.33 -30.39 16.15
C LEU A 265 14.86 -31.45 15.16
N ILE A 266 15.74 -31.90 14.29
CA ILE A 266 15.35 -32.89 13.29
C ILE A 266 14.94 -34.22 13.90
N VAL A 267 15.70 -34.66 14.91
CA VAL A 267 15.41 -35.97 15.51
C VAL A 267 14.11 -35.95 16.26
N GLY A 268 13.96 -34.92 17.10
CA GLY A 268 12.71 -34.62 17.79
C GLY A 268 11.54 -34.48 16.82
N GLY A 269 11.82 -33.81 15.70
CA GLY A 269 10.82 -33.58 14.71
C GLY A 269 10.36 -34.89 14.18
N HIS A 270 11.33 -35.66 13.68
CA HIS A 270 10.96 -36.85 12.94
C HIS A 270 10.61 -38.05 13.82
N THR A 271 10.56 -37.83 15.12
CA THR A 271 10.02 -38.82 16.00
C THR A 271 8.51 -38.99 15.76
N PHE A 272 7.95 -38.07 14.96
CA PHE A 272 6.50 -38.02 14.75
C PHE A 272 6.14 -37.97 13.29
N GLY A 273 5.00 -38.61 13.02
CA GLY A 273 4.32 -38.59 11.73
C GLY A 273 5.08 -39.32 10.65
N LYS A 274 4.78 -38.94 9.40
CA LYS A 274 5.37 -39.52 8.19
C LYS A 274 5.39 -38.47 7.07
N THR A 275 6.04 -38.82 5.96
CA THR A 275 5.94 -38.00 4.75
C THR A 275 4.83 -38.58 3.84
N HIS A 276 4.53 -37.85 2.76
CA HIS A 276 3.51 -38.27 1.78
C HIS A 276 3.98 -38.15 0.30
N GLY A 277 4.05 -39.31 -0.35
CA GLY A 277 4.32 -39.41 -1.79
C GLY A 277 3.74 -40.67 -2.42
N ALA A 278 2.46 -40.93 -2.15
CA ALA A 278 1.78 -42.17 -2.54
C ALA A 278 1.70 -42.49 -4.06
N GLY A 279 1.54 -41.48 -4.91
CA GLY A 279 1.49 -41.67 -6.36
C GLY A 279 2.19 -40.55 -7.10
N PRO A 280 2.06 -40.50 -8.45
CA PRO A 280 2.81 -39.57 -9.32
C PRO A 280 2.71 -38.08 -8.94
N ALA A 281 3.86 -37.41 -8.90
CA ALA A 281 3.95 -35.97 -8.54
C ALA A 281 3.11 -35.01 -9.40
N ASP A 282 2.98 -35.32 -10.67
CA ASP A 282 2.25 -34.46 -11.61
C ASP A 282 0.71 -34.63 -11.58
N LEU A 283 0.17 -35.40 -10.64
CA LEU A 283 -1.29 -35.45 -10.49
C LEU A 283 -1.79 -34.48 -9.39
N VAL A 284 -0.85 -33.64 -8.93
CA VAL A 284 -1.10 -32.64 -7.90
C VAL A 284 -1.35 -31.31 -8.59
N GLY A 285 -2.58 -30.81 -8.43
CA GLY A 285 -3.02 -29.52 -8.98
C GLY A 285 -2.21 -28.29 -8.56
N PRO A 286 -2.76 -27.09 -8.84
CA PRO A 286 -1.94 -25.92 -8.58
C PRO A 286 -2.06 -25.50 -7.13
N GLU A 287 -1.05 -24.75 -6.68
CA GLU A 287 -0.94 -24.30 -5.29
C GLU A 287 -1.98 -23.19 -5.01
N PRO A 288 -2.33 -23.00 -3.72
CA PRO A 288 -3.38 -22.09 -3.24
C PRO A 288 -3.61 -20.78 -4.02
N GLU A 289 -2.57 -19.96 -4.21
CA GLU A 289 -2.76 -18.69 -4.92
C GLU A 289 -3.27 -18.83 -6.34
N ALA A 290 -2.89 -19.92 -7.00
CA ALA A 290 -3.29 -20.19 -8.38
C ALA A 290 -4.49 -21.15 -8.49
N ALA A 291 -4.94 -21.69 -7.35
CA ALA A 291 -6.09 -22.60 -7.32
C ALA A 291 -7.36 -21.89 -7.76
N PRO A 292 -8.34 -22.64 -8.31
CA PRO A 292 -9.61 -22.01 -8.67
C PRO A 292 -10.53 -21.78 -7.47
N LEU A 293 -11.55 -20.95 -7.69
CA LEU A 293 -12.38 -20.41 -6.60
C LEU A 293 -13.09 -21.44 -5.75
N GLU A 294 -13.56 -22.55 -6.35
CA GLU A 294 -14.37 -23.51 -5.58
C GLU A 294 -13.56 -24.34 -4.59
N GLN A 295 -12.24 -24.25 -4.71
CA GLN A 295 -11.37 -24.92 -3.77
C GLN A 295 -11.32 -24.19 -2.39
N MET A 296 -11.89 -22.98 -2.33
CA MET A 296 -11.93 -22.23 -1.08
C MET A 296 -10.53 -22.01 -0.49
N GLY A 297 -9.63 -21.53 -1.35
CA GLY A 297 -8.26 -21.22 -0.94
C GLY A 297 -7.37 -22.40 -0.59
N LEU A 298 -7.77 -23.60 -0.98
CA LEU A 298 -6.95 -24.79 -0.79
C LEU A 298 -6.37 -25.20 -2.11
N GLY A 299 -5.05 -25.32 -2.15
CA GLY A 299 -4.35 -25.77 -3.35
C GLY A 299 -3.98 -27.25 -3.36
N TRP A 300 -3.15 -27.59 -4.35
CA TRP A 300 -2.55 -28.90 -4.50
C TRP A 300 -3.56 -30.08 -4.53
N LYS A 301 -4.72 -29.88 -5.17
CA LYS A 301 -5.72 -30.92 -5.28
C LYS A 301 -5.15 -32.06 -6.12
N SER A 302 -5.39 -33.29 -5.67
CA SER A 302 -4.79 -34.48 -6.28
C SER A 302 -5.86 -35.29 -7.04
N SER A 303 -5.62 -35.54 -8.33
CA SER A 303 -6.49 -36.44 -9.11
C SER A 303 -6.19 -37.92 -8.84
N TYR A 304 -4.99 -38.19 -8.26
CA TYR A 304 -4.56 -39.55 -7.85
C TYR A 304 -5.41 -40.14 -6.71
N GLY A 305 -5.99 -41.32 -6.95
CA GLY A 305 -6.85 -42.01 -5.97
C GLY A 305 -7.98 -41.13 -5.41
N THR A 306 -8.21 -41.21 -4.09
CA THR A 306 -9.08 -40.26 -3.40
C THR A 306 -8.41 -38.88 -3.29
N GLY A 307 -7.09 -38.83 -3.43
CA GLY A 307 -6.32 -37.57 -3.44
C GLY A 307 -5.94 -37.09 -2.06
N THR A 308 -6.61 -37.66 -1.06
CA THR A 308 -6.36 -37.37 0.32
C THR A 308 -6.03 -38.68 1.03
N GLY A 309 -5.52 -38.56 2.26
CA GLY A 309 -5.32 -39.67 3.20
C GLY A 309 -4.39 -40.78 2.72
N LYS A 310 -4.92 -42.00 2.69
CA LYS A 310 -4.30 -43.19 2.08
C LYS A 310 -3.44 -42.86 0.85
N ASP A 311 -3.87 -41.85 0.09
CA ASP A 311 -3.30 -41.48 -1.20
C ASP A 311 -2.59 -40.13 -1.21
N ALA A 312 -2.40 -39.54 -0.04
CA ALA A 312 -1.90 -38.19 0.01
C ALA A 312 -0.54 -38.03 -0.70
N ILE A 313 -0.42 -37.00 -1.51
CA ILE A 313 0.88 -36.62 -2.06
C ILE A 313 1.16 -35.24 -1.52
N THR A 314 2.22 -35.11 -0.72
CA THR A 314 2.62 -33.81 -0.20
C THR A 314 3.99 -33.48 -0.79
N SER A 315 5.04 -34.11 -0.25
CA SER A 315 6.43 -33.80 -0.64
C SER A 315 6.93 -34.74 -1.73
N GLY A 316 6.19 -35.81 -1.98
CA GLY A 316 6.58 -36.80 -2.98
C GLY A 316 7.34 -38.01 -2.44
N ILE A 317 8.05 -37.81 -1.33
CA ILE A 317 8.76 -38.87 -0.60
C ILE A 317 7.78 -39.69 0.23
N GLU A 318 8.11 -40.96 0.50
CA GLU A 318 7.23 -41.84 1.29
C GLU A 318 7.93 -42.58 2.47
N VAL A 319 8.47 -41.79 3.41
CA VAL A 319 9.17 -42.27 4.59
C VAL A 319 8.23 -42.31 5.82
N VAL A 320 8.31 -43.33 6.67
CA VAL A 320 7.67 -43.28 7.99
C VAL A 320 8.74 -43.57 9.02
N TRP A 321 9.30 -42.53 9.65
CA TRP A 321 10.54 -42.70 10.43
C TRP A 321 10.52 -43.73 11.59
N THR A 322 9.53 -43.63 12.48
CA THR A 322 9.44 -44.46 13.68
C THR A 322 8.32 -45.47 13.56
N ASN A 323 8.17 -46.33 14.56
CA ASN A 323 7.11 -47.32 14.56
C ASN A 323 6.05 -46.81 15.50
N THR A 324 6.34 -45.67 16.10
CA THR A 324 5.41 -45.03 17.03
C THR A 324 5.19 -43.58 16.58
N PRO A 325 4.47 -43.41 15.46
CA PRO A 325 4.46 -42.10 14.79
C PRO A 325 3.76 -41.00 15.62
N THR A 326 2.90 -41.43 16.53
CA THR A 326 2.15 -40.51 17.38
C THR A 326 2.51 -40.63 18.88
N LYS A 327 3.78 -40.92 19.15
CA LYS A 327 4.29 -41.13 20.51
C LYS A 327 5.75 -40.72 20.55
N TRP A 328 6.11 -40.01 21.62
CA TRP A 328 7.48 -39.61 21.83
C TRP A 328 8.18 -40.79 22.50
N ASP A 329 9.37 -41.14 22.00
CA ASP A 329 10.25 -42.20 22.55
C ASP A 329 11.53 -42.18 21.76
N ASN A 330 12.32 -43.25 21.82
CA ASN A 330 13.61 -43.20 21.10
C ASN A 330 13.74 -43.90 19.73
N SER A 331 12.64 -44.39 19.16
CA SER A 331 12.67 -45.14 17.90
C SER A 331 13.46 -44.48 16.77
N PHE A 332 13.24 -43.20 16.53
CA PHE A 332 13.98 -42.56 15.47
C PHE A 332 15.47 -42.83 15.58
N LEU A 333 16.09 -42.44 16.67
CA LEU A 333 17.51 -42.69 16.82
C LEU A 333 17.87 -44.19 16.81
N GLU A 334 16.98 -45.03 17.36
CA GLU A 334 17.19 -46.47 17.37
C GLU A 334 17.16 -47.00 15.96
N ILE A 335 16.07 -46.72 15.24
CA ILE A 335 15.98 -47.12 13.84
C ILE A 335 17.15 -46.60 12.95
N LEU A 336 17.52 -45.34 13.11
CA LEU A 336 18.65 -44.80 12.35
C LEU A 336 19.94 -45.57 12.60
N TYR A 337 20.25 -45.88 13.84
CA TYR A 337 21.49 -46.61 14.12
C TYR A 337 21.39 -48.12 14.03
N GLY A 338 20.18 -48.67 14.16
CA GLY A 338 19.98 -50.11 14.25
C GLY A 338 19.79 -50.83 12.93
N TYR A 339 20.10 -50.18 11.82
CA TYR A 339 20.05 -50.79 10.49
C TYR A 339 21.11 -50.20 9.58
N GLU A 340 21.26 -50.83 8.42
CA GLU A 340 22.08 -50.30 7.36
C GLU A 340 21.16 -49.80 6.27
N TRP A 341 21.64 -48.79 5.54
CA TRP A 341 20.75 -48.08 4.60
C TRP A 341 21.17 -48.17 3.13
N GLU A 342 20.18 -48.35 2.26
CA GLU A 342 20.43 -48.36 0.82
C GLU A 342 19.45 -47.45 0.10
N LEU A 343 19.93 -46.76 -0.95
CA LEU A 343 19.09 -45.92 -1.82
C LEU A 343 17.84 -46.60 -2.36
N THR A 344 16.85 -45.81 -2.71
CA THR A 344 15.56 -46.39 -3.13
C THR A 344 14.64 -45.28 -3.65
N LYS A 345 13.50 -45.62 -4.25
CA LYS A 345 12.63 -44.60 -4.79
C LYS A 345 11.20 -44.73 -4.33
N SER A 346 10.66 -43.60 -3.88
CA SER A 346 9.26 -43.49 -3.47
C SER A 346 8.35 -43.80 -4.64
N PRO A 347 7.11 -44.22 -4.35
CA PRO A 347 6.09 -44.37 -5.41
C PRO A 347 6.01 -43.18 -6.43
N ALA A 348 6.54 -42.01 -6.06
CA ALA A 348 6.52 -40.81 -6.90
C ALA A 348 7.92 -40.47 -7.36
N GLY A 349 8.81 -41.46 -7.27
CA GLY A 349 10.14 -41.36 -7.86
C GLY A 349 11.08 -40.42 -7.15
N ALA A 350 10.96 -40.40 -5.82
CA ALA A 350 11.80 -39.58 -4.96
C ALA A 350 12.86 -40.44 -4.27
N TRP A 351 14.09 -39.91 -4.19
CA TRP A 351 15.15 -40.52 -3.36
C TRP A 351 14.85 -40.62 -1.86
N GLN A 352 14.77 -41.86 -1.39
CA GLN A 352 14.80 -42.10 0.04
C GLN A 352 15.78 -43.23 0.39
N TYR A 353 16.05 -43.40 1.68
CA TYR A 353 16.67 -44.62 2.14
C TYR A 353 15.71 -45.67 2.72
N THR A 354 16.18 -46.90 2.71
CA THR A 354 15.47 -48.00 3.31
C THR A 354 16.52 -49.01 3.83
N ALA A 355 16.07 -49.89 4.71
CA ALA A 355 16.93 -50.84 5.42
C ALA A 355 17.46 -51.92 4.49
N LYS A 356 18.79 -52.08 4.49
CA LYS A 356 19.48 -53.15 3.76
C LYS A 356 18.88 -54.57 3.96
N ASP A 357 19.10 -55.41 2.94
CA ASP A 357 18.71 -56.83 3.00
C ASP A 357 17.37 -57.04 3.70
N GLY A 358 16.32 -56.38 3.20
CA GLY A 358 14.94 -56.54 3.70
C GLY A 358 14.76 -56.72 5.21
N ALA A 359 15.67 -56.14 6.01
CA ALA A 359 15.59 -56.15 7.47
C ALA A 359 14.43 -55.29 7.97
N GLY A 360 13.88 -55.64 9.13
CA GLY A 360 12.79 -54.87 9.74
C GLY A 360 11.47 -54.81 8.98
N ALA A 361 11.32 -55.60 7.93
CA ALA A 361 10.08 -55.64 7.14
C ALA A 361 8.82 -55.75 8.04
N GLY A 362 7.77 -55.00 7.67
CA GLY A 362 6.48 -55.06 8.36
C GLY A 362 6.36 -54.40 9.72
N THR A 363 7.49 -53.90 10.25
CA THR A 363 7.55 -53.41 11.63
C THR A 363 7.08 -51.96 11.81
N ILE A 364 7.14 -51.19 10.72
CA ILE A 364 6.65 -49.80 10.71
C ILE A 364 5.18 -49.79 10.29
N PRO A 365 4.28 -49.23 11.13
CA PRO A 365 2.82 -49.36 10.91
C PRO A 365 2.29 -48.43 9.81
N ASP A 366 1.15 -48.80 9.23
CA ASP A 366 0.54 -48.03 8.16
C ASP A 366 -0.37 -46.93 8.72
N PRO A 367 -0.36 -45.73 8.08
CA PRO A 367 -1.20 -44.60 8.48
C PRO A 367 -2.70 -44.93 8.49
N PHE A 368 -3.16 -45.82 7.61
CA PHE A 368 -4.58 -46.17 7.54
C PHE A 368 -4.90 -47.64 7.66
N GLY A 369 -4.15 -48.33 8.51
CA GLY A 369 -4.39 -49.74 8.81
C GLY A 369 -4.14 -50.69 7.64
N GLY A 370 -3.27 -50.33 6.71
CA GLY A 370 -2.80 -51.28 5.67
C GLY A 370 -1.85 -52.32 6.26
N PRO A 371 -0.99 -52.93 5.42
CA PRO A 371 0.01 -53.82 6.01
C PRO A 371 1.18 -53.02 6.61
N GLY A 372 2.05 -53.68 7.38
CA GLY A 372 3.30 -53.07 7.86
C GLY A 372 4.16 -52.56 6.71
N ARG A 373 5.27 -51.93 7.07
CA ARG A 373 6.23 -51.38 6.09
C ARG A 373 7.65 -51.50 6.65
N SER A 374 8.62 -51.30 5.78
CA SER A 374 10.00 -51.38 6.19
C SER A 374 10.47 -50.03 6.72
N PRO A 375 11.55 -50.03 7.53
CA PRO A 375 12.23 -48.84 8.01
C PRO A 375 12.77 -48.03 6.86
N THR A 376 12.45 -46.74 6.89
CA THR A 376 12.72 -45.82 5.78
C THR A 376 13.27 -44.52 6.38
N MET A 377 14.04 -43.76 5.60
CA MET A 377 14.65 -42.50 6.06
C MET A 377 14.90 -41.49 4.92
N LEU A 378 14.91 -40.20 5.23
CA LEU A 378 15.33 -39.21 4.22
C LEU A 378 16.84 -39.17 4.14
N ALA A 379 17.33 -38.70 3.01
CA ALA A 379 18.78 -38.54 2.85
C ALA A 379 19.33 -37.65 3.95
N THR A 380 18.54 -36.66 4.35
CA THR A 380 18.95 -35.68 5.36
C THR A 380 19.00 -36.28 6.75
N ASP A 381 18.21 -37.31 6.98
CA ASP A 381 18.23 -38.01 8.24
C ASP A 381 19.55 -38.77 8.38
N LEU A 382 19.98 -39.46 7.32
CA LEU A 382 21.26 -40.15 7.35
C LEU A 382 22.40 -39.22 7.71
N SER A 383 22.32 -37.95 7.27
CA SER A 383 23.35 -36.94 7.58
C SER A 383 23.77 -36.97 9.02
N LEU A 384 22.78 -37.25 9.87
CA LEU A 384 22.93 -37.19 11.32
C LEU A 384 23.82 -38.29 11.88
N ARG A 385 23.84 -39.41 11.15
CA ARG A 385 24.69 -40.56 11.46
C ARG A 385 26.06 -40.50 10.72
N VAL A 386 26.03 -40.01 9.48
CA VAL A 386 27.19 -39.95 8.60
C VAL A 386 28.14 -38.78 8.89
N ASP A 387 27.60 -37.61 9.21
CA ASP A 387 28.49 -36.49 9.51
C ASP A 387 29.16 -36.81 10.84
N PRO A 388 30.51 -36.69 10.90
CA PRO A 388 31.27 -36.66 12.17
C PRO A 388 30.58 -35.95 13.32
N ILE A 389 30.28 -34.65 13.18
CA ILE A 389 29.72 -33.87 14.30
C ILE A 389 28.31 -34.30 14.71
N TYR A 390 27.41 -34.41 13.75
CA TYR A 390 26.08 -34.95 14.08
C TYR A 390 26.14 -36.34 14.70
N GLU A 391 27.07 -37.19 14.24
CA GLU A 391 27.17 -38.58 14.74
C GLU A 391 27.55 -38.59 16.21
N ARG A 392 28.63 -37.90 16.53
CA ARG A 392 29.07 -37.74 17.90
C ARG A 392 27.88 -37.36 18.82
N ILE A 393 27.07 -36.41 18.35
CA ILE A 393 25.95 -35.87 19.11
C ILE A 393 24.80 -36.84 19.19
N THR A 394 24.47 -37.50 18.09
CA THR A 394 23.30 -38.36 18.09
C THR A 394 23.56 -39.73 18.71
N ARG A 395 24.83 -40.18 18.67
CA ARG A 395 25.21 -41.50 19.23
C ARG A 395 25.09 -41.42 20.74
N ARG A 396 25.54 -40.28 21.26
CA ARG A 396 25.27 -39.94 22.64
C ARG A 396 23.79 -40.12 23.03
N TRP A 397 22.87 -39.51 22.29
CA TRP A 397 21.48 -39.57 22.68
C TRP A 397 20.83 -40.94 22.45
N LEU A 398 21.54 -41.83 21.77
CA LEU A 398 21.02 -43.17 21.55
C LEU A 398 20.96 -43.93 22.90
N GLU A 399 22.00 -43.71 23.69
CA GLU A 399 22.19 -44.32 24.98
C GLU A 399 21.70 -43.38 26.07
N HIS A 400 21.37 -42.14 25.69
CA HIS A 400 20.94 -41.11 26.66
C HIS A 400 19.79 -40.26 26.17
N PRO A 401 18.59 -40.86 26.06
CA PRO A 401 17.41 -40.22 25.48
C PRO A 401 16.89 -39.02 26.26
N GLU A 402 17.16 -39.01 27.56
CA GLU A 402 16.73 -37.91 28.41
C GLU A 402 17.53 -36.62 28.09
N GLU A 403 18.70 -36.78 27.48
CA GLU A 403 19.44 -35.61 27.10
C GLU A 403 18.85 -35.06 25.82
N LEU A 404 18.34 -35.94 24.95
CA LEU A 404 17.67 -35.47 23.72
C LEU A 404 16.42 -34.69 24.13
N ALA A 405 15.49 -35.39 24.78
CA ALA A 405 14.30 -34.77 25.36
C ALA A 405 14.57 -33.39 26.02
N ASP A 406 15.75 -33.20 26.60
CA ASP A 406 16.08 -31.94 27.21
C ASP A 406 16.49 -30.92 26.17
N GLU A 407 17.33 -31.33 25.23
CA GLU A 407 17.82 -30.41 24.21
C GLU A 407 16.70 -30.01 23.29
N PHE A 408 15.93 -31.01 22.85
CA PHE A 408 14.80 -30.76 22.00
C PHE A 408 13.85 -29.77 22.62
N ALA A 409 13.37 -30.03 23.84
CA ALA A 409 12.52 -29.06 24.56
C ALA A 409 13.04 -27.63 24.44
N LYS A 410 14.36 -27.46 24.54
CA LYS A 410 14.98 -26.16 24.56
C LYS A 410 15.06 -25.56 23.20
N ALA A 411 15.33 -26.37 22.18
CA ALA A 411 15.54 -25.83 20.84
C ALA A 411 14.20 -25.44 20.27
N TRP A 412 13.21 -26.30 20.48
CA TRP A 412 11.86 -26.06 20.02
C TRP A 412 11.27 -24.80 20.59
N TYR A 413 11.45 -24.60 21.89
CA TYR A 413 11.01 -23.37 22.52
C TYR A 413 11.64 -22.18 21.83
N LYS A 414 12.96 -22.20 21.73
CA LYS A 414 13.68 -21.16 21.03
C LYS A 414 13.20 -21.00 19.57
N LEU A 415 13.05 -22.12 18.88
CA LEU A 415 12.50 -22.07 17.53
C LEU A 415 11.21 -21.25 17.42
N ILE A 416 10.22 -21.54 18.24
CA ILE A 416 8.98 -20.82 18.07
C ILE A 416 8.94 -19.49 18.81
N HIS A 417 10.04 -19.09 19.45
CA HIS A 417 9.98 -17.83 20.17
C HIS A 417 11.05 -16.86 19.72
N LEU A 418 11.85 -17.30 18.75
CA LEU A 418 12.99 -16.53 18.28
C LEU A 418 12.69 -15.08 17.88
N ASP A 419 11.55 -14.86 17.26
CA ASP A 419 11.28 -13.56 16.70
C ASP A 419 10.32 -12.74 17.52
N MET A 420 10.25 -12.99 18.82
CA MET A 420 9.33 -12.23 19.70
C MET A 420 10.01 -11.16 20.50
N GLY A 421 11.31 -11.03 20.28
CA GLY A 421 12.16 -10.08 21.01
C GLY A 421 12.01 -10.16 22.51
N PRO A 422 12.06 -9.01 23.19
CA PRO A 422 12.08 -8.85 24.64
C PRO A 422 11.10 -9.77 25.34
N VAL A 423 11.56 -10.35 26.44
CA VAL A 423 10.76 -11.33 27.13
C VAL A 423 9.52 -10.70 27.75
N ALA A 424 9.52 -9.37 27.88
CA ALA A 424 8.32 -8.62 28.31
C ALA A 424 7.07 -8.92 27.48
N ARG A 425 7.27 -9.21 26.19
CA ARG A 425 6.17 -9.43 25.28
C ARG A 425 5.53 -10.77 25.49
N TYR A 426 6.26 -11.75 26.05
CA TYR A 426 5.67 -13.08 26.21
C TYR A 426 4.49 -13.01 27.18
N LEU A 427 3.40 -13.71 26.85
CA LEU A 427 2.09 -13.57 27.56
C LEU A 427 1.46 -14.85 28.05
N GLY A 428 0.62 -14.71 29.09
CA GLY A 428 -0.20 -15.84 29.53
C GLY A 428 0.49 -16.79 30.50
N PRO A 429 -0.28 -17.79 31.02
CA PRO A 429 0.12 -18.66 32.14
C PRO A 429 1.35 -19.55 31.92
N LEU A 430 1.79 -19.75 30.68
CA LEU A 430 2.77 -20.79 30.38
C LEU A 430 4.19 -20.31 30.17
N VAL A 431 4.45 -19.03 30.38
CA VAL A 431 5.83 -18.53 30.18
C VAL A 431 6.70 -19.04 31.30
N PRO A 432 7.83 -19.68 30.99
CA PRO A 432 8.61 -20.20 32.09
C PRO A 432 9.35 -19.08 32.79
N LYS A 433 9.74 -19.34 34.04
CA LYS A 433 10.47 -18.43 34.89
C LYS A 433 11.84 -18.05 34.33
N GLN A 434 12.53 -19.03 33.78
CA GLN A 434 13.93 -18.87 33.48
C GLN A 434 14.24 -18.10 32.18
N THR A 435 15.21 -17.18 32.26
CA THR A 435 15.67 -16.46 31.06
C THR A 435 16.84 -17.12 30.37
N LEU A 436 16.99 -16.80 29.08
CA LEU A 436 17.95 -17.45 28.20
C LEU A 436 18.75 -16.42 27.43
N LEU A 437 20.00 -16.75 27.15
CA LEU A 437 20.90 -15.81 26.50
C LEU A 437 20.39 -15.26 25.15
N TRP A 438 19.76 -16.12 24.36
CA TRP A 438 19.29 -15.71 23.04
C TRP A 438 18.12 -14.77 23.12
N GLN A 439 17.58 -14.55 24.31
CA GLN A 439 16.55 -13.51 24.47
C GLN A 439 17.12 -12.10 24.72
N ASP A 440 18.45 -11.97 24.69
CA ASP A 440 19.21 -10.73 24.97
C ASP A 440 18.71 -10.07 26.24
N PRO A 441 18.68 -10.81 27.35
CA PRO A 441 18.01 -10.27 28.53
C PRO A 441 18.67 -9.01 29.13
N VAL A 442 17.95 -8.37 30.04
CA VAL A 442 18.45 -7.19 30.74
C VAL A 442 17.93 -7.28 32.17
N PRO A 443 18.75 -6.84 33.15
CA PRO A 443 18.38 -6.86 34.58
C PRO A 443 17.01 -6.27 34.79
N ALA A 444 16.22 -6.78 35.73
CA ALA A 444 14.95 -6.12 36.03
C ALA A 444 15.23 -4.82 36.74
N VAL A 445 14.26 -3.92 36.71
CA VAL A 445 14.41 -2.63 37.37
C VAL A 445 14.49 -2.93 38.85
N SER A 446 15.64 -2.64 39.45
CA SER A 446 15.87 -2.98 40.86
C SER A 446 15.72 -1.80 41.86
N HIS A 447 15.54 -0.58 41.33
CA HIS A 447 15.44 0.63 42.15
C HIS A 447 14.25 1.49 41.81
N ASP A 448 14.12 2.63 42.48
CA ASP A 448 13.10 3.60 42.11
C ASP A 448 13.64 4.30 40.91
N LEU A 449 12.76 4.69 40.01
CA LEU A 449 13.18 5.37 38.79
C LEU A 449 13.15 6.89 38.96
N VAL A 450 14.11 7.54 38.31
CA VAL A 450 14.18 8.99 38.32
C VAL A 450 12.84 9.63 37.93
N GLY A 451 12.44 10.67 38.65
CA GLY A 451 11.16 11.35 38.42
C GLY A 451 11.38 12.64 37.66
N GLU A 452 10.34 13.47 37.60
CA GLU A 452 10.37 14.72 36.83
C GLU A 452 11.57 15.63 37.17
N ALA A 453 11.87 15.76 38.47
CA ALA A 453 12.95 16.64 38.91
C ALA A 453 14.39 16.12 38.61
N GLU A 454 14.59 14.82 38.72
CA GLU A 454 15.92 14.24 38.61
C GLU A 454 16.30 14.21 37.16
N ILE A 455 15.28 13.97 36.33
CA ILE A 455 15.36 14.07 34.88
C ILE A 455 15.86 15.48 34.50
N ALA A 456 15.14 16.52 34.94
CA ALA A 456 15.55 17.92 34.73
C ALA A 456 17.01 18.12 35.19
N SER A 457 17.24 17.94 36.49
CA SER A 457 18.57 17.97 37.11
C SER A 457 19.70 17.31 36.27
N LEU A 458 19.43 16.11 35.76
CA LEU A 458 20.43 15.38 35.00
C LEU A 458 20.63 15.95 33.62
N LYS A 459 19.54 16.43 33.01
CA LYS A 459 19.61 17.04 31.69
C LYS A 459 20.60 18.19 31.78
N SER A 460 20.37 19.07 32.78
CA SER A 460 21.29 20.15 33.10
C SER A 460 22.72 19.70 33.23
N GLN A 461 22.94 18.66 34.04
CA GLN A 461 24.28 18.11 34.23
C GLN A 461 24.89 17.67 32.93
N ILE A 462 24.08 17.13 32.01
CA ILE A 462 24.64 16.59 30.77
C ILE A 462 25.11 17.72 29.86
N ARG A 463 24.32 18.79 29.72
CA ARG A 463 24.77 19.98 28.96
C ARG A 463 26.08 20.52 29.58
N ALA A 464 26.11 20.71 30.91
CA ALA A 464 27.33 21.14 31.61
C ALA A 464 28.55 20.23 31.37
N SER A 465 28.34 19.04 30.84
CA SER A 465 29.42 18.08 30.74
C SER A 465 30.41 18.45 29.65
N GLY A 466 30.05 19.46 28.86
CA GLY A 466 30.83 19.83 27.68
C GLY A 466 30.98 18.73 26.64
N LEU A 467 30.00 17.83 26.62
CA LEU A 467 29.79 17.00 25.45
C LEU A 467 28.96 17.81 24.42
N THR A 468 29.46 17.85 23.18
CA THR A 468 28.80 18.58 22.13
C THR A 468 27.46 17.96 21.80
N VAL A 469 26.55 18.76 21.24
CA VAL A 469 25.28 18.23 20.75
C VAL A 469 25.50 17.08 19.77
N SER A 470 26.52 17.18 18.93
CA SER A 470 26.79 16.18 17.92
C SER A 470 27.15 14.80 18.50
N GLN A 471 28.07 14.75 19.45
CA GLN A 471 28.45 13.48 20.09
C GLN A 471 27.23 12.94 20.82
N LEU A 472 26.56 13.83 21.54
CA LEU A 472 25.45 13.44 22.36
C LEU A 472 24.33 12.76 21.60
N VAL A 473 24.02 13.31 20.42
CA VAL A 473 22.97 12.78 19.57
C VAL A 473 23.51 11.59 18.82
N SER A 474 24.68 11.72 18.20
CA SER A 474 25.30 10.58 17.51
C SER A 474 25.20 9.28 18.28
N THR A 475 25.34 9.41 19.61
CA THR A 475 25.41 8.28 20.53
C THR A 475 24.03 7.69 20.80
N ALA A 476 23.13 8.51 21.33
CA ALA A 476 21.72 8.13 21.48
C ALA A 476 21.27 7.39 20.24
N TRP A 477 21.51 7.96 19.07
CA TRP A 477 21.07 7.33 17.85
C TRP A 477 21.74 6.00 17.70
N ALA A 478 23.07 5.98 17.81
CA ALA A 478 23.80 4.74 17.65
C ALA A 478 23.21 3.60 18.52
N ALA A 479 22.78 3.95 19.72
CA ALA A 479 22.22 2.96 20.63
C ALA A 479 20.86 2.47 20.16
N ALA A 480 19.94 3.43 20.03
CA ALA A 480 18.53 3.14 19.82
C ALA A 480 18.29 2.52 18.47
N SER A 481 19.02 3.00 17.48
CA SER A 481 18.79 2.62 16.10
C SER A 481 19.41 1.28 15.75
N SER A 482 19.77 0.49 16.75
CA SER A 482 20.30 -0.83 16.43
C SER A 482 19.13 -1.79 16.36
N PHE A 483 17.95 -1.31 16.77
CA PHE A 483 16.70 -2.08 16.79
C PHE A 483 16.29 -2.55 15.39
N ARG A 484 15.63 -3.71 15.30
CA ARG A 484 14.88 -4.04 14.08
C ARG A 484 13.50 -4.65 14.34
N GLY A 485 12.47 -4.04 13.76
CA GLY A 485 11.06 -4.43 13.93
C GLY A 485 10.78 -5.86 13.53
N SER A 486 11.66 -6.39 12.68
CA SER A 486 11.52 -7.74 12.14
C SER A 486 11.43 -8.81 13.23
N ASP A 487 12.47 -8.97 14.05
CA ASP A 487 12.48 -9.93 15.17
C ASP A 487 12.58 -9.25 16.53
N LYS A 488 12.47 -7.92 16.50
CA LYS A 488 12.40 -7.04 17.67
C LYS A 488 13.65 -7.03 18.55
N ARG A 489 14.74 -7.56 18.01
CA ARG A 489 16.04 -7.50 18.63
C ARG A 489 16.64 -6.09 18.52
N GLY A 490 17.64 -5.78 19.33
CA GLY A 490 18.34 -4.50 19.22
C GLY A 490 17.66 -3.43 20.03
N GLY A 491 18.17 -2.21 19.96
CA GLY A 491 17.58 -1.13 20.73
C GLY A 491 18.52 -0.52 21.76
N ALA A 492 18.02 0.50 22.47
CA ALA A 492 18.82 1.21 23.44
C ALA A 492 18.65 0.66 24.86
N ASN A 493 17.64 -0.17 25.10
CA ASN A 493 17.61 -0.90 26.35
C ASN A 493 18.84 -1.80 26.45
N GLY A 494 19.15 -2.20 27.68
CA GLY A 494 20.37 -2.97 27.95
C GLY A 494 21.70 -2.23 27.95
N GLY A 495 21.70 -0.96 27.54
CA GLY A 495 22.92 -0.16 27.37
C GLY A 495 24.05 -0.87 26.66
N ARG A 496 23.71 -1.77 25.75
CA ARG A 496 24.69 -2.63 25.12
C ARG A 496 25.71 -1.91 24.25
N ILE A 497 25.57 -0.57 24.16
CA ILE A 497 26.41 0.30 23.29
C ILE A 497 27.87 0.28 23.72
N ARG A 498 28.05 0.07 25.03
CA ARG A 498 29.35 0.09 25.66
C ARG A 498 30.00 -1.27 25.70
N LEU A 499 29.27 -2.32 25.34
CA LEU A 499 29.81 -3.69 25.39
C LEU A 499 30.20 -4.10 24.00
N GLN A 500 30.85 -5.23 23.88
CA GLN A 500 31.07 -5.81 22.56
C GLN A 500 29.74 -6.35 22.01
N PRO A 501 29.58 -6.39 20.68
CA PRO A 501 30.46 -5.81 19.67
C PRO A 501 30.05 -4.39 19.27
N GLN A 502 28.95 -3.90 19.84
CA GLN A 502 28.44 -2.58 19.47
C GLN A 502 29.49 -1.48 19.65
N VAL A 503 30.23 -1.50 20.75
CA VAL A 503 31.18 -0.43 21.08
C VAL A 503 32.32 -0.29 20.04
N GLY A 504 32.58 -1.35 19.30
CA GLY A 504 33.61 -1.31 18.27
C GLY A 504 33.07 -1.54 16.88
N TRP A 505 31.82 -1.12 16.64
CA TRP A 505 31.23 -1.17 15.30
C TRP A 505 31.66 0.00 14.44
N GLU A 506 32.09 -0.30 13.20
CA GLU A 506 32.65 0.73 12.30
C GLU A 506 31.77 1.98 12.34
N VAL A 507 30.50 1.79 11.99
CA VAL A 507 29.54 2.86 11.93
C VAL A 507 29.43 3.65 13.24
N ASN A 508 29.56 2.96 14.38
CA ASN A 508 29.41 3.62 15.70
C ASN A 508 30.60 4.48 16.05
N ASP A 509 31.68 4.26 15.30
CA ASP A 509 33.03 4.83 15.45
C ASP A 509 33.76 4.70 16.79
N PRO A 510 34.60 3.67 16.93
CA PRO A 510 35.49 3.60 18.10
C PRO A 510 36.65 4.62 18.01
N ASP A 511 37.12 4.88 16.78
CA ASP A 511 38.17 5.87 16.43
C ASP A 511 37.76 7.29 16.74
N GLY A 512 36.50 7.62 16.48
CA GLY A 512 35.90 8.77 17.09
C GLY A 512 35.94 8.67 18.61
N ASP A 513 35.11 9.47 19.26
CA ASP A 513 35.18 9.68 20.68
C ASP A 513 34.10 8.92 21.47
N LEU A 514 33.62 7.78 20.96
CA LEU A 514 32.53 7.09 21.65
C LEU A 514 32.93 6.78 23.11
N ARG A 515 34.17 6.29 23.26
CA ARG A 515 34.74 5.97 24.57
C ARG A 515 34.65 7.19 25.47
N LYS A 516 35.04 8.34 24.92
CA LYS A 516 35.01 9.62 25.64
C LYS A 516 33.62 9.95 26.19
N VAL A 517 32.63 9.71 25.34
CA VAL A 517 31.22 10.02 25.64
C VAL A 517 30.71 9.03 26.69
N ILE A 518 31.06 7.76 26.48
CA ILE A 518 30.72 6.71 27.45
C ILE A 518 31.26 7.10 28.83
N ARG A 519 32.56 7.42 28.89
CA ARG A 519 33.20 7.69 30.15
C ARG A 519 32.53 8.87 30.86
N THR A 520 32.30 9.95 30.12
CA THR A 520 31.69 11.12 30.74
C THR A 520 30.34 10.80 31.35
N LEU A 521 29.66 9.84 30.69
CA LEU A 521 28.28 9.51 31.04
C LEU A 521 28.24 8.68 32.31
N GLU A 522 29.10 7.65 32.34
CA GLU A 522 29.32 6.82 33.53
C GLU A 522 29.61 7.68 34.75
N GLU A 523 30.42 8.72 34.54
CA GLU A 523 30.74 9.69 35.58
C GLU A 523 29.50 10.41 36.10
N ILE A 524 28.73 10.99 35.19
CA ILE A 524 27.50 11.64 35.62
C ILE A 524 26.59 10.63 36.32
N GLN A 525 26.64 9.38 35.87
CA GLN A 525 25.87 8.30 36.50
C GLN A 525 26.26 8.16 37.97
N GLU A 526 27.56 8.01 38.19
CA GLU A 526 28.10 7.80 39.52
C GLU A 526 27.79 8.97 40.44
N SER A 527 28.12 10.18 40.00
CA SER A 527 27.81 11.39 40.77
C SER A 527 26.40 11.43 41.28
N PHE A 528 25.45 11.30 40.35
CA PHE A 528 24.03 11.30 40.67
C PHE A 528 23.68 10.18 41.65
N ASN A 529 24.31 9.02 41.45
CA ASN A 529 24.05 7.81 42.23
C ASN A 529 24.46 7.89 43.72
N SER A 530 25.47 8.68 44.01
CA SER A 530 25.82 9.01 45.39
C SER A 530 24.83 10.02 45.95
N ALA A 531 24.77 11.20 45.35
CA ALA A 531 23.74 12.22 45.68
C ALA A 531 22.35 11.63 46.01
N ALA A 532 21.85 10.75 45.15
CA ALA A 532 20.69 9.88 45.45
C ALA A 532 19.65 10.41 46.45
N PRO A 533 18.56 11.05 45.95
CA PRO A 533 17.41 11.46 46.79
C PRO A 533 16.48 10.28 47.13
N GLY A 534 16.63 9.72 48.32
CA GLY A 534 15.94 8.46 48.65
C GLY A 534 16.55 7.26 47.93
N ASN A 535 15.70 6.35 47.46
CA ASN A 535 16.18 5.13 46.81
C ASN A 535 16.16 5.15 45.28
N ILE A 536 16.61 6.27 44.70
CA ILE A 536 16.62 6.45 43.26
C ILE A 536 18.01 6.16 42.65
N LYS A 537 18.03 5.35 41.60
CA LYS A 537 19.25 5.15 40.83
C LYS A 537 18.95 5.36 39.37
N VAL A 538 19.99 5.62 38.61
CA VAL A 538 19.84 5.79 37.18
C VAL A 538 20.80 4.84 36.53
N SER A 539 20.35 4.26 35.43
CA SER A 539 21.16 3.32 34.68
C SER A 539 21.97 4.06 33.64
N PHE A 540 22.97 3.37 33.13
CA PHE A 540 23.74 3.89 32.01
C PHE A 540 22.94 3.97 30.70
N ALA A 541 22.19 2.91 30.43
CA ALA A 541 21.26 2.88 29.30
C ALA A 541 20.34 4.12 29.27
N ASP A 542 19.60 4.38 30.35
CA ASP A 542 18.73 5.57 30.38
C ASP A 542 19.51 6.86 30.12
N LEU A 543 20.74 6.91 30.62
CA LEU A 543 21.57 8.11 30.53
C LEU A 543 22.00 8.47 29.10
N VAL A 544 22.49 7.47 28.37
CA VAL A 544 22.71 7.57 26.92
C VAL A 544 21.52 8.18 26.14
N VAL A 545 20.33 7.63 26.34
CA VAL A 545 19.12 8.14 25.72
C VAL A 545 18.89 9.56 26.20
N LEU A 546 18.90 9.75 27.52
CA LEU A 546 18.61 11.07 28.10
C LEU A 546 19.48 12.15 27.45
N GLY A 547 20.74 11.78 27.25
CA GLY A 547 21.76 12.62 26.63
C GLY A 547 21.34 13.26 25.32
N GLY A 548 21.04 12.44 24.32
CA GLY A 548 20.38 12.90 23.10
C GLY A 548 19.19 13.81 23.37
N CYS A 549 18.36 13.47 24.35
CA CYS A 549 17.15 14.25 24.57
C CYS A 549 17.46 15.64 25.08
N ALA A 550 18.48 15.74 25.92
CA ALA A 550 18.97 17.03 26.38
C ALA A 550 19.59 17.78 25.20
N ALA A 551 20.59 17.17 24.53
CA ALA A 551 21.16 17.76 23.31
C ALA A 551 20.09 18.35 22.39
N ILE A 552 19.09 17.54 22.04
CA ILE A 552 18.03 17.99 21.16
C ILE A 552 17.30 19.18 21.76
N GLU A 553 17.07 19.18 23.07
CA GLU A 553 16.41 20.32 23.70
C GLU A 553 17.23 21.60 23.55
N LYS A 554 18.54 21.42 23.63
CA LYS A 554 19.52 22.50 23.49
C LYS A 554 19.53 23.04 22.08
N ALA A 555 19.68 22.15 21.10
CA ALA A 555 19.72 22.53 19.69
C ALA A 555 18.44 23.21 19.22
N ALA A 556 17.32 22.90 19.87
CA ALA A 556 16.04 23.48 19.58
C ALA A 556 15.96 24.92 20.02
N LYS A 557 16.58 25.19 21.17
CA LYS A 557 16.61 26.53 21.72
C LYS A 557 17.48 27.38 20.81
N ALA A 558 18.70 26.91 20.53
CA ALA A 558 19.66 27.64 19.71
C ALA A 558 19.09 28.05 18.34
N ALA A 559 17.79 27.85 18.15
CA ALA A 559 17.09 28.27 16.95
C ALA A 559 15.69 28.66 17.33
N GLY A 560 15.57 29.33 18.46
CA GLY A 560 14.32 29.95 18.91
C GLY A 560 13.13 29.04 19.12
N HIS A 561 13.37 27.87 19.70
CA HIS A 561 12.27 27.01 20.13
C HIS A 561 12.51 26.46 21.52
N ASN A 562 11.49 26.61 22.37
CA ASN A 562 11.50 25.98 23.68
C ASN A 562 10.62 24.75 23.65
N ILE A 563 11.17 23.68 23.09
CA ILE A 563 10.47 22.43 23.09
C ILE A 563 11.09 21.58 24.19
N THR A 564 10.27 20.77 24.82
CA THR A 564 10.75 19.82 25.82
C THR A 564 10.59 18.35 25.31
N VAL A 565 11.69 17.62 25.25
CA VAL A 565 11.70 16.27 24.67
C VAL A 565 11.31 15.21 25.70
N PRO A 566 10.26 14.41 25.40
CA PRO A 566 9.81 13.45 26.44
C PRO A 566 10.81 12.32 26.64
N PHE A 567 10.75 11.69 27.81
CA PHE A 567 11.74 10.70 28.16
C PHE A 567 11.17 9.68 29.13
N THR A 568 11.32 8.41 28.79
CA THR A 568 10.73 7.34 29.58
C THR A 568 11.83 6.51 30.20
N PRO A 569 12.02 6.68 31.52
CA PRO A 569 13.08 5.98 32.25
C PRO A 569 12.68 4.53 32.51
N GLY A 570 13.67 3.67 32.71
CA GLY A 570 13.38 2.26 32.93
C GLY A 570 14.33 1.28 32.29
N ARG A 571 15.20 1.77 31.43
CA ARG A 571 16.16 0.91 30.78
C ARG A 571 17.13 0.46 31.85
N THR A 572 17.65 -0.75 31.73
CA THR A 572 18.64 -1.27 32.69
C THR A 572 19.90 -1.66 31.91
N ASP A 573 20.98 -2.00 32.61
CA ASP A 573 22.26 -2.26 31.91
C ASP A 573 22.69 -3.73 31.92
N ALA A 574 22.89 -4.30 30.74
CA ALA A 574 23.34 -5.69 30.62
C ALA A 574 24.84 -5.81 30.88
N SER A 575 25.23 -6.95 31.41
CA SER A 575 26.61 -7.30 31.53
C SER A 575 27.02 -7.88 30.19
N GLN A 576 28.32 -7.97 29.97
CA GLN A 576 28.85 -8.58 28.76
C GLN A 576 28.47 -10.08 28.71
N GLU A 577 28.15 -10.64 29.89
CA GLU A 577 27.78 -12.06 30.03
C GLU A 577 26.37 -12.28 29.49
N GLN A 578 25.50 -11.29 29.67
CA GLN A 578 24.15 -11.35 29.12
C GLN A 578 24.11 -11.04 27.61
N THR A 579 25.27 -10.76 27.03
CA THR A 579 25.33 -10.28 25.64
C THR A 579 26.12 -11.20 24.70
N ASP A 580 25.42 -12.10 24.03
CA ASP A 580 26.10 -12.96 23.07
C ASP A 580 26.71 -12.18 21.89
N VAL A 581 28.00 -11.87 22.00
CA VAL A 581 28.74 -11.18 20.94
C VAL A 581 28.48 -11.70 19.51
N GLU A 582 28.69 -12.99 19.29
CA GLU A 582 28.43 -13.62 18.01
C GLU A 582 26.99 -13.40 17.47
N SER A 583 26.00 -13.50 18.37
CA SER A 583 24.61 -13.24 18.03
C SER A 583 24.39 -11.83 17.49
N PHE A 584 24.87 -10.82 18.21
CA PHE A 584 24.76 -9.41 17.81
C PHE A 584 25.44 -9.02 16.49
N ALA A 585 26.35 -9.85 16.02
CA ALA A 585 27.02 -9.60 14.76
C ALA A 585 26.03 -9.17 13.65
N VAL A 586 24.86 -9.81 13.61
CA VAL A 586 23.92 -9.63 12.51
C VAL A 586 23.27 -8.22 12.54
N LEU A 587 23.26 -7.57 13.70
CA LEU A 587 22.68 -6.23 13.82
C LEU A 587 23.64 -5.10 13.44
N GLU A 588 24.84 -5.41 12.96
CA GLU A 588 25.73 -4.31 12.65
C GLU A 588 25.25 -3.71 11.37
N PRO A 589 24.92 -2.40 11.40
CA PRO A 589 24.54 -1.69 10.19
C PRO A 589 25.66 -1.80 9.18
N LYS A 590 25.38 -2.31 7.99
CA LYS A 590 26.33 -2.15 6.88
C LYS A 590 26.02 -0.85 6.10
N ALA A 591 25.05 -0.07 6.62
CA ALA A 591 24.44 1.08 5.91
C ALA A 591 23.50 1.79 6.85
N ASP A 592 23.68 3.07 7.12
CA ASP A 592 22.69 3.80 7.90
C ASP A 592 22.55 5.21 7.31
N GLY A 593 21.63 5.36 6.38
CA GLY A 593 21.46 6.65 5.74
C GLY A 593 21.17 7.76 6.71
N PHE A 594 20.68 7.41 7.90
CA PHE A 594 20.38 8.43 8.89
C PHE A 594 21.64 9.04 9.48
N ARG A 595 22.73 8.30 9.39
CA ARG A 595 24.02 8.77 9.84
C ARG A 595 24.94 9.01 8.65
N ASN A 596 24.33 9.09 7.49
CA ASN A 596 25.04 9.13 6.24
C ASN A 596 26.23 8.18 6.16
N TYR A 597 26.04 6.96 6.65
CA TYR A 597 27.03 5.87 6.61
C TYR A 597 26.67 4.82 5.56
N LEU A 598 27.65 4.43 4.75
CA LEU A 598 27.48 3.30 3.86
C LEU A 598 28.83 2.55 3.69
N GLY A 599 28.95 1.41 4.37
CA GLY A 599 30.11 0.53 4.30
C GLY A 599 29.90 -0.41 3.14
N LYS A 600 30.74 -1.45 3.02
CA LYS A 600 30.76 -2.32 1.83
C LYS A 600 29.74 -3.46 1.81
N GLY A 601 29.37 -3.87 0.59
CA GLY A 601 28.70 -5.13 0.37
C GLY A 601 27.20 -5.18 0.59
N ASN A 602 26.53 -4.02 0.55
CA ASN A 602 25.06 -4.00 0.55
C ASN A 602 24.60 -4.37 -0.85
N PRO A 603 23.45 -5.06 -0.96
CA PRO A 603 22.95 -5.52 -2.26
C PRO A 603 22.49 -4.42 -3.26
N LEU A 604 21.99 -3.29 -2.76
CA LEU A 604 21.44 -2.26 -3.64
C LEU A 604 22.01 -0.93 -3.25
N PRO A 605 21.92 0.10 -4.14
CA PRO A 605 22.53 1.42 -3.82
C PRO A 605 22.01 2.15 -2.57
N ALA A 606 22.82 3.09 -2.10
CA ALA A 606 22.61 3.81 -0.85
C ALA A 606 21.16 4.03 -0.47
N GLU A 607 20.36 4.42 -1.46
CA GLU A 607 19.02 4.92 -1.19
C GLU A 607 18.03 3.81 -0.88
N TYR A 608 18.20 2.66 -1.50
CA TYR A 608 17.36 1.55 -1.18
C TYR A 608 17.70 1.06 0.22
N MET A 609 18.94 1.30 0.63
CA MET A 609 19.37 0.81 1.91
C MET A 609 18.71 1.63 2.98
N LEU A 610 18.67 2.94 2.74
CA LEU A 610 17.89 3.86 3.54
C LEU A 610 16.48 3.38 3.75
N LEU A 611 15.81 2.97 2.69
CA LEU A 611 14.42 2.56 2.85
C LEU A 611 14.29 1.29 3.65
N ASP A 612 15.17 0.32 3.36
CA ASP A 612 15.18 -0.93 4.10
C ASP A 612 15.39 -0.64 5.57
N LYS A 613 16.38 0.18 5.88
CA LYS A 613 16.65 0.58 7.25
C LYS A 613 15.45 1.24 7.90
N ALA A 614 14.74 2.09 7.17
CA ALA A 614 13.61 2.78 7.77
C ALA A 614 12.53 1.75 8.09
N ASN A 615 12.28 0.87 7.14
CA ASN A 615 11.32 -0.17 7.31
C ASN A 615 11.68 -0.99 8.53
N LEU A 616 12.94 -1.35 8.69
CA LEU A 616 13.35 -2.05 9.91
C LEU A 616 13.09 -1.24 11.17
N LEU A 617 13.24 0.08 11.10
CA LEU A 617 12.93 0.90 12.27
C LEU A 617 11.43 1.19 12.51
N THR A 618 10.54 0.54 11.74
CA THR A 618 9.07 0.78 11.80
C THR A 618 8.68 2.25 11.56
N LEU A 619 9.39 2.93 10.67
CA LEU A 619 9.09 4.33 10.40
C LEU A 619 8.29 4.52 9.14
N SER A 620 7.45 5.53 9.14
CA SER A 620 6.78 5.94 7.93
C SER A 620 7.67 6.91 7.15
N ALA A 621 7.38 7.11 5.86
CA ALA A 621 8.08 8.09 5.05
C ALA A 621 8.09 9.50 5.66
N PRO A 622 6.97 9.97 6.20
CA PRO A 622 7.13 11.26 6.87
C PRO A 622 8.21 11.23 7.98
N GLU A 623 8.13 10.20 8.82
CA GLU A 623 9.09 9.97 9.90
C GLU A 623 10.54 9.85 9.41
N MET A 624 10.75 8.97 8.45
CA MET A 624 12.04 8.88 7.81
C MET A 624 12.52 10.25 7.38
N THR A 625 11.63 11.00 6.72
CA THR A 625 12.01 12.29 6.16
C THR A 625 12.49 13.27 7.23
N VAL A 626 11.69 13.51 8.27
CA VAL A 626 12.10 14.49 9.27
C VAL A 626 13.35 14.06 10.02
N LEU A 627 13.54 12.76 10.19
CA LEU A 627 14.74 12.34 10.86
C LEU A 627 15.97 12.68 10.02
N VAL A 628 16.02 12.27 8.76
CA VAL A 628 17.14 12.65 7.94
C VAL A 628 17.40 14.17 8.05
N GLY A 629 16.34 14.95 7.93
CA GLY A 629 16.48 16.39 8.03
C GLY A 629 17.12 16.85 9.31
N GLY A 630 16.63 16.37 10.45
CA GLY A 630 17.13 16.82 11.75
C GLY A 630 18.53 16.30 11.96
N LEU A 631 18.69 15.00 11.79
CA LEU A 631 19.96 14.37 12.05
C LEU A 631 21.12 15.05 11.33
N ARG A 632 20.95 15.29 10.02
CA ARG A 632 21.92 16.05 9.21
C ARG A 632 22.43 17.30 9.93
N VAL A 633 21.52 18.19 10.32
CA VAL A 633 21.89 19.49 10.86
C VAL A 633 22.32 19.46 12.33
N LEU A 634 22.14 18.32 13.00
CA LEU A 634 22.67 18.16 14.35
C LEU A 634 24.08 17.54 14.23
N GLY A 635 24.45 17.16 13.01
CA GLY A 635 25.77 16.61 12.75
C GLY A 635 25.86 15.24 13.37
N ALA A 636 24.80 14.46 13.21
CA ALA A 636 24.77 13.05 13.57
C ALA A 636 25.56 12.27 12.54
N ASN A 637 26.07 12.99 11.57
CA ASN A 637 26.75 12.31 10.51
C ASN A 637 27.96 11.53 11.01
N TYR A 638 28.10 10.34 10.46
CA TYR A 638 29.32 9.53 10.59
C TYR A 638 30.56 10.29 10.18
N LYS A 639 31.66 10.07 10.89
CA LYS A 639 32.92 10.84 10.71
C LYS A 639 32.65 12.35 10.57
N ARG A 640 31.53 12.80 11.14
CA ARG A 640 31.09 14.19 11.13
C ARG A 640 31.35 14.83 9.77
N LEU A 641 31.08 14.07 8.69
CA LEU A 641 31.20 14.54 7.30
C LEU A 641 30.18 15.65 6.98
N PRO A 642 30.52 16.52 5.99
CA PRO A 642 29.65 17.67 5.69
C PRO A 642 28.44 17.29 4.81
N LEU A 643 28.52 16.12 4.15
CA LEU A 643 27.46 15.63 3.25
C LEU A 643 26.07 15.84 3.82
N GLY A 644 25.25 16.56 3.10
CA GLY A 644 23.87 16.68 3.45
C GLY A 644 23.66 17.75 4.48
N VAL A 645 24.75 18.29 5.03
CA VAL A 645 24.56 19.27 6.08
C VAL A 645 24.22 20.65 5.49
N PHE A 646 23.00 20.78 4.99
CA PHE A 646 22.60 22.00 4.32
C PHE A 646 22.13 23.07 5.27
N THR A 647 23.04 23.48 6.15
CA THR A 647 22.77 24.56 7.08
C THR A 647 24.04 25.40 7.23
N GLU A 648 23.87 26.67 7.62
CA GLU A 648 25.02 27.54 7.95
C GLU A 648 25.30 27.45 9.44
N ALA A 649 24.26 27.15 10.22
CA ALA A 649 24.35 27.05 11.68
C ALA A 649 24.96 25.73 12.17
N SER A 650 25.61 25.81 13.33
CA SER A 650 26.20 24.67 14.04
C SER A 650 25.17 24.15 15.00
N GLU A 651 25.00 22.83 15.02
CA GLU A 651 24.26 22.17 16.08
C GLU A 651 23.01 22.95 16.48
N SER A 652 22.19 23.26 15.49
CA SER A 652 20.97 24.00 15.72
C SER A 652 19.89 23.31 14.91
N LEU A 653 18.72 23.14 15.52
CA LEU A 653 17.63 22.34 14.93
C LEU A 653 16.68 23.23 14.18
N THR A 654 16.79 23.15 12.85
CA THR A 654 16.06 23.96 11.89
C THR A 654 15.73 23.09 10.70
N ASN A 655 14.89 23.60 9.82
CA ASN A 655 14.60 22.84 8.61
C ASN A 655 15.52 23.20 7.45
N ASP A 656 16.66 23.79 7.75
CA ASP A 656 17.55 24.28 6.69
C ASP A 656 17.82 23.22 5.66
N PHE A 657 17.84 21.96 6.09
CA PHE A 657 18.11 20.86 5.16
C PHE A 657 17.11 20.90 4.03
N PHE A 658 15.84 21.01 4.41
CA PHE A 658 14.74 21.01 3.49
C PHE A 658 14.74 22.24 2.61
N VAL A 659 14.93 23.42 3.20
CA VAL A 659 14.86 24.66 2.42
C VAL A 659 15.93 24.65 1.33
N ASN A 660 17.15 24.33 1.75
CA ASN A 660 18.29 24.29 0.88
C ASN A 660 18.24 23.18 -0.14
N LEU A 661 17.60 22.06 0.18
CA LEU A 661 17.47 20.98 -0.78
C LEU A 661 16.58 21.40 -1.93
N LEU A 662 15.63 22.29 -1.64
CA LEU A 662 14.65 22.75 -2.63
C LEU A 662 15.09 24.04 -3.31
N ASP A 663 16.29 24.51 -3.01
CA ASP A 663 16.89 25.65 -3.67
C ASP A 663 17.36 25.35 -5.13
N MET A 664 16.57 25.86 -6.08
CA MET A 664 16.87 25.79 -7.51
C MET A 664 18.05 26.65 -7.95
N GLY A 665 18.45 27.60 -7.10
CA GLY A 665 19.69 28.36 -7.26
C GLY A 665 20.94 27.49 -7.18
N ILE A 666 20.82 26.32 -6.56
CA ILE A 666 21.95 25.38 -6.52
C ILE A 666 21.89 24.39 -7.69
N THR A 667 23.04 24.11 -8.33
CA THR A 667 23.10 23.14 -9.45
C THR A 667 23.90 21.89 -9.06
N TRP A 668 23.29 20.71 -9.19
CA TRP A 668 23.95 19.48 -8.72
C TRP A 668 24.63 18.67 -9.82
N GLU A 669 25.91 18.32 -9.62
CA GLU A 669 26.59 17.33 -10.46
C GLU A 669 27.38 16.35 -9.59
N PRO A 670 27.60 15.12 -10.09
CA PRO A 670 28.50 14.13 -9.42
C PRO A 670 29.92 14.68 -9.25
N SER A 671 30.52 14.49 -8.07
CA SER A 671 31.90 14.92 -7.86
C SER A 671 32.82 14.36 -8.94
N PRO A 672 33.76 15.20 -9.41
CA PRO A 672 34.74 14.74 -10.38
C PRO A 672 35.54 13.61 -9.73
N ALA A 673 35.94 13.83 -8.47
CA ALA A 673 36.54 12.78 -7.62
C ALA A 673 35.55 11.62 -7.42
N ASP A 674 35.22 10.94 -8.53
CA ASP A 674 34.11 9.97 -8.63
C ASP A 674 34.01 9.00 -7.44
N ASP A 675 32.90 9.09 -6.68
CA ASP A 675 32.72 8.27 -5.45
C ASP A 675 31.28 8.26 -4.90
N GLY A 676 30.29 8.20 -5.78
CA GLY A 676 28.88 8.35 -5.38
C GLY A 676 28.56 9.54 -4.47
N THR A 677 29.33 10.63 -4.59
CA THR A 677 28.93 11.90 -3.96
C THR A 677 28.75 13.00 -5.02
N TYR A 678 28.28 14.17 -4.58
CA TYR A 678 27.78 15.20 -5.48
C TYR A 678 28.22 16.58 -4.98
N GLN A 679 28.35 17.50 -5.94
CA GLN A 679 28.58 18.91 -5.63
C GLN A 679 27.39 19.77 -6.02
N GLY A 680 27.10 20.76 -5.19
CA GLY A 680 26.04 21.72 -5.45
C GLY A 680 26.60 23.13 -5.49
N LYS A 681 26.58 23.74 -6.67
CA LYS A 681 27.17 25.05 -6.94
C LYS A 681 26.10 26.11 -7.10
N ASP A 682 26.41 27.36 -6.76
CA ASP A 682 25.47 28.47 -6.94
C ASP A 682 25.72 29.27 -8.21
N GLY A 683 25.07 30.44 -8.30
CA GLY A 683 25.15 31.35 -9.46
C GLY A 683 26.55 31.75 -9.90
N SER A 684 27.51 31.71 -8.98
CA SER A 684 28.91 32.08 -9.25
C SER A 684 29.88 30.88 -9.40
N GLY A 685 29.37 29.67 -9.60
CA GLY A 685 30.20 28.47 -9.83
C GLY A 685 30.99 27.83 -8.68
N LYS A 686 30.84 28.38 -7.46
CA LYS A 686 31.46 27.85 -6.22
C LYS A 686 30.69 26.67 -5.64
N VAL A 687 31.41 25.62 -5.26
CA VAL A 687 30.84 24.50 -4.51
C VAL A 687 30.40 25.04 -3.14
N LYS A 688 29.10 24.93 -2.87
CA LYS A 688 28.48 25.51 -1.68
C LYS A 688 27.99 24.38 -0.75
N TRP A 689 27.58 23.28 -1.36
CA TRP A 689 27.08 22.13 -0.62
C TRP A 689 27.67 20.90 -1.26
N THR A 690 27.97 19.87 -0.46
CA THR A 690 28.16 18.50 -1.01
C THR A 690 27.13 17.51 -0.44
N GLY A 691 26.97 16.35 -1.07
CA GLY A 691 25.99 15.35 -0.61
C GLY A 691 26.02 13.96 -1.23
N SER A 692 25.45 12.99 -0.51
CA SER A 692 25.47 11.60 -0.95
C SER A 692 24.20 11.35 -1.75
N ARG A 693 24.02 10.11 -2.21
CA ARG A 693 22.78 9.72 -2.84
C ARG A 693 21.62 9.78 -1.84
N VAL A 694 21.90 9.37 -0.61
CA VAL A 694 20.88 9.33 0.41
C VAL A 694 20.30 10.71 0.59
N ASP A 695 21.14 11.73 0.48
CA ASP A 695 20.71 13.14 0.62
C ASP A 695 19.90 13.63 -0.58
N LEU A 696 20.37 13.29 -1.78
CA LEU A 696 19.79 13.91 -2.96
C LEU A 696 18.49 13.29 -3.38
N VAL A 697 18.31 12.02 -3.05
CA VAL A 697 17.09 11.30 -3.39
C VAL A 697 15.86 12.01 -2.80
N PHE A 698 16.05 12.71 -1.68
CA PHE A 698 14.95 13.41 -1.07
C PHE A 698 14.48 14.59 -1.93
N GLY A 699 15.36 15.13 -2.76
CA GLY A 699 14.92 16.20 -3.63
C GLY A 699 14.63 15.71 -5.03
N SER A 700 14.68 14.40 -5.23
CA SER A 700 14.70 13.91 -6.58
C SER A 700 13.62 12.89 -6.85
N ASN A 701 13.34 12.03 -5.88
CA ASN A 701 12.21 11.17 -5.98
C ASN A 701 10.93 12.00 -5.74
N SER A 702 9.93 11.90 -6.62
CA SER A 702 8.76 12.80 -6.52
C SER A 702 7.93 12.68 -5.25
N GLU A 703 7.84 11.47 -4.71
CA GLU A 703 7.12 11.27 -3.48
C GLU A 703 7.88 11.83 -2.30
N LEU A 704 9.21 11.73 -2.33
CA LEU A 704 10.00 12.22 -1.21
C LEU A 704 10.06 13.73 -1.28
N ARG A 705 10.26 14.23 -2.50
CA ARG A 705 10.26 15.67 -2.73
C ARG A 705 8.96 16.28 -2.22
N ALA A 706 7.85 15.53 -2.34
CA ALA A 706 6.53 16.04 -1.89
C ALA A 706 6.50 16.29 -0.39
N LEU A 707 7.10 15.38 0.35
CA LEU A 707 7.26 15.51 1.79
C LEU A 707 8.24 16.63 2.11
N VAL A 708 9.38 16.69 1.40
CA VAL A 708 10.39 17.73 1.62
C VAL A 708 9.74 19.12 1.57
N GLU A 709 8.89 19.32 0.56
CA GLU A 709 8.14 20.57 0.35
C GLU A 709 7.19 21.00 1.49
N VAL A 710 6.80 20.04 2.34
CA VAL A 710 5.96 20.36 3.47
C VAL A 710 6.83 21.00 4.54
N TYR A 711 7.95 20.34 4.83
CA TYR A 711 8.89 20.76 5.88
C TYR A 711 9.78 21.90 5.43
N GLY A 712 9.80 22.16 4.12
CA GLY A 712 10.56 23.27 3.55
C GLY A 712 9.83 24.60 3.42
N ALA A 713 8.53 24.62 3.69
CA ALA A 713 7.77 25.85 3.54
C ALA A 713 8.15 26.86 4.61
N ASP A 714 7.63 28.08 4.49
CA ASP A 714 8.04 29.16 5.36
C ASP A 714 7.33 29.03 6.70
N ASP A 715 6.09 28.56 6.64
CA ASP A 715 5.30 28.26 7.85
C ASP A 715 5.69 26.93 8.58
N ALA A 716 6.64 26.20 8.04
CA ALA A 716 6.89 24.85 8.49
C ALA A 716 7.69 24.67 9.78
N GLN A 717 8.32 25.73 10.28
CA GLN A 717 9.35 25.59 11.31
C GLN A 717 8.91 24.85 12.58
N PRO A 718 7.84 25.35 13.27
CA PRO A 718 7.42 24.67 14.50
C PRO A 718 6.97 23.23 14.23
N LYS A 719 6.17 23.03 13.17
CA LYS A 719 5.69 21.70 12.84
C LYS A 719 6.84 20.72 12.60
N PHE A 720 7.90 21.17 11.95
CA PHE A 720 9.08 20.34 11.80
C PHE A 720 9.57 19.93 13.16
N VAL A 721 9.78 20.90 14.03
CA VAL A 721 10.39 20.58 15.31
C VAL A 721 9.52 19.55 16.03
N GLN A 722 8.22 19.80 16.08
CA GLN A 722 7.28 18.81 16.66
C GLN A 722 7.41 17.40 16.11
N ASP A 723 7.20 17.27 14.81
CA ASP A 723 7.26 15.98 14.16
C ASP A 723 8.61 15.34 14.33
N PHE A 724 9.67 16.14 14.40
CA PHE A 724 11.00 15.56 14.57
C PHE A 724 11.18 14.90 15.92
N VAL A 725 10.94 15.67 16.98
CA VAL A 725 10.87 15.13 18.32
C VAL A 725 10.02 13.85 18.36
N ALA A 726 8.76 13.93 17.91
CA ALA A 726 7.85 12.79 17.93
C ALA A 726 8.48 11.54 17.36
N ALA A 727 9.22 11.70 16.26
CA ALA A 727 9.91 10.60 15.63
C ALA A 727 11.14 10.13 16.40
N TRP A 728 11.90 11.07 16.95
CA TRP A 728 13.08 10.74 17.74
C TRP A 728 12.60 9.90 18.89
N ASP A 729 11.69 10.47 19.65
CA ASP A 729 11.07 9.78 20.75
C ASP A 729 10.51 8.40 20.35
N LYS A 730 9.99 8.24 19.15
CA LYS A 730 9.55 6.94 18.72
C LYS A 730 10.70 5.96 18.61
N VAL A 731 11.82 6.41 18.08
CA VAL A 731 12.95 5.52 17.86
C VAL A 731 13.65 5.24 19.17
N MET A 732 13.66 6.22 20.07
CA MET A 732 14.19 6.00 21.40
C MET A 732 13.44 4.89 22.13
N ASN A 733 12.15 4.74 21.81
CA ASN A 733 11.30 3.82 22.51
C ASN A 733 11.00 2.51 21.81
N LEU A 734 11.73 2.17 20.76
CA LEU A 734 11.28 1.03 19.99
C LEU A 734 11.26 -0.27 20.79
N ASP A 735 12.26 -0.48 21.64
CA ASP A 735 12.39 -1.77 22.34
C ASP A 735 11.73 -1.76 23.71
N ARG A 736 11.04 -0.68 24.02
CA ARG A 736 10.53 -0.49 25.35
C ARG A 736 9.19 -1.20 25.63
N PHE A 737 9.12 -2.48 25.25
CA PHE A 737 7.93 -3.26 25.51
C PHE A 737 7.62 -3.43 26.98
N ASP A 738 8.65 -3.24 27.82
CA ASP A 738 8.56 -3.26 29.29
C ASP A 738 7.59 -2.22 29.85
N VAL A 739 7.40 -1.11 29.14
CA VAL A 739 6.42 -0.10 29.56
C VAL A 739 5.19 -0.01 28.64
N ARG A 740 5.33 -0.49 27.39
CA ARG A 740 4.24 -0.52 26.39
C ARG A 740 3.19 -1.63 26.67
N GLY B 24 11.77 -14.10 -16.02
CA GLY B 24 11.91 -12.84 -15.22
C GLY B 24 13.10 -12.86 -14.28
N HIS B 25 12.96 -12.15 -13.17
CA HIS B 25 13.96 -12.04 -12.09
C HIS B 25 13.37 -11.29 -10.91
N MET B 26 13.13 -12.00 -9.80
CA MET B 26 12.52 -11.40 -8.60
C MET B 26 13.43 -10.38 -7.97
N LYS B 27 12.86 -9.26 -7.58
CA LYS B 27 13.65 -8.20 -6.97
C LYS B 27 13.27 -8.04 -5.49
N TYR B 28 14.10 -7.31 -4.76
CA TYR B 28 13.74 -6.88 -3.42
C TYR B 28 12.40 -6.12 -3.43
N PRO B 29 11.66 -6.17 -2.30
CA PRO B 29 10.42 -5.38 -2.21
C PRO B 29 10.71 -3.87 -2.24
N VAL B 30 11.80 -3.47 -1.59
CA VAL B 30 12.29 -2.11 -1.59
C VAL B 30 12.55 -1.58 -3.04
N GLU B 31 12.58 -2.51 -3.99
CA GLU B 31 12.93 -2.26 -5.37
C GLU B 31 11.79 -2.77 -6.24
N GLY B 32 10.61 -2.92 -5.63
CA GLY B 32 9.35 -3.13 -6.38
C GLY B 32 8.78 -4.54 -6.49
N GLY B 33 9.54 -5.54 -6.05
CA GLY B 33 9.13 -6.93 -6.13
C GLY B 33 8.09 -7.27 -5.08
N GLY B 34 7.24 -8.25 -5.39
CA GLY B 34 6.27 -8.77 -4.43
C GLY B 34 5.52 -9.94 -5.02
N ASN B 35 4.28 -10.13 -4.56
CA ASN B 35 3.48 -11.28 -4.99
C ASN B 35 2.87 -11.27 -6.40
N GLN B 36 2.56 -10.09 -6.93
CA GLN B 36 2.06 -9.99 -8.32
C GLN B 36 3.10 -10.53 -9.33
N ASP B 37 4.32 -10.81 -8.85
CA ASP B 37 5.39 -11.40 -9.68
C ASP B 37 5.25 -12.92 -9.84
N TRP B 38 4.63 -13.57 -8.87
CA TRP B 38 4.42 -15.01 -8.89
C TRP B 38 3.12 -15.37 -9.56
N TRP B 39 2.08 -14.59 -9.24
CA TRP B 39 0.75 -14.79 -9.84
C TRP B 39 0.30 -13.47 -10.44
N PRO B 40 0.65 -13.23 -11.72
CA PRO B 40 0.53 -11.86 -12.26
C PRO B 40 -0.89 -11.32 -12.21
N ASN B 41 -1.88 -12.22 -12.24
CA ASN B 41 -3.24 -11.79 -12.33
C ASN B 41 -4.11 -11.86 -11.07
N ARG B 42 -3.49 -12.02 -9.90
CA ARG B 42 -4.26 -12.06 -8.64
C ARG B 42 -4.88 -10.71 -8.33
N LEU B 43 -6.01 -10.77 -7.64
CA LEU B 43 -6.71 -9.62 -7.08
C LEU B 43 -5.74 -8.70 -6.35
N ASN B 44 -5.76 -7.39 -6.62
CA ASN B 44 -4.86 -6.53 -5.89
C ASN B 44 -5.58 -5.76 -4.85
N LEU B 45 -5.62 -6.28 -3.63
CA LEU B 45 -6.37 -5.60 -2.58
C LEU B 45 -5.85 -4.21 -2.23
N LYS B 46 -4.68 -3.86 -2.76
CA LYS B 46 -4.07 -2.60 -2.40
C LYS B 46 -4.80 -1.39 -2.96
N VAL B 47 -5.65 -1.60 -3.96
CA VAL B 47 -6.48 -0.51 -4.46
C VAL B 47 -7.47 -0.02 -3.42
N LEU B 48 -7.69 -0.79 -2.34
CA LEU B 48 -8.57 -0.34 -1.25
C LEU B 48 -7.88 0.36 -0.09
N HIS B 49 -6.56 0.52 -0.16
CA HIS B 49 -5.89 1.29 0.84
C HIS B 49 -4.98 2.31 0.20
N GLN B 50 -5.43 2.90 -0.90
CA GLN B 50 -4.65 3.99 -1.52
C GLN B 50 -4.53 5.19 -0.62
N ASN B 51 -3.39 5.87 -0.71
CA ASN B 51 -3.11 7.08 0.08
C ASN B 51 -3.42 6.91 1.57
N PRO B 52 -2.67 6.02 2.23
CA PRO B 52 -2.94 5.68 3.65
C PRO B 52 -2.53 6.80 4.61
N ALA B 53 -3.28 6.92 5.71
CA ALA B 53 -3.02 7.93 6.71
C ALA B 53 -1.54 7.98 7.09
N VAL B 54 -0.94 6.84 7.43
CA VAL B 54 0.48 6.81 7.87
C VAL B 54 1.42 7.57 6.91
N ALA B 55 1.07 7.58 5.62
CA ALA B 55 1.90 8.15 4.57
C ALA B 55 1.77 9.64 4.45
N ASP B 56 0.88 10.23 5.22
CA ASP B 56 0.48 11.63 5.06
C ASP B 56 1.06 12.52 6.17
N PRO B 57 2.01 13.38 5.82
CA PRO B 57 2.79 14.09 6.82
C PRO B 57 1.98 15.14 7.56
N MET B 58 0.71 15.35 7.19
CA MET B 58 -0.06 16.43 7.80
C MET B 58 -0.62 16.10 9.16
N GLY B 59 -0.90 14.81 9.41
CA GLY B 59 -1.54 14.38 10.66
C GLY B 59 -3.05 14.56 10.61
N ALA B 60 -3.79 13.79 11.41
CA ALA B 60 -5.25 13.62 11.23
C ALA B 60 -6.05 14.87 11.61
N ALA B 61 -5.44 15.71 12.47
CA ALA B 61 -5.94 17.06 12.80
C ALA B 61 -6.29 17.91 11.54
N PHE B 62 -5.38 17.91 10.56
CA PHE B 62 -5.38 18.78 9.37
C PHE B 62 -6.66 18.82 8.54
N ASP B 63 -7.18 20.02 8.31
CA ASP B 63 -8.42 20.21 7.55
C ASP B 63 -8.18 21.28 6.49
N TYR B 64 -7.77 20.85 5.30
CA TYR B 64 -7.47 21.78 4.18
C TYR B 64 -8.51 22.86 3.94
N ALA B 65 -9.77 22.48 3.73
CA ALA B 65 -10.82 23.46 3.63
C ALA B 65 -10.61 24.63 4.65
N ALA B 66 -10.33 24.29 5.91
CA ALA B 66 -10.14 25.30 6.94
C ALA B 66 -8.93 26.22 6.65
N GLU B 67 -7.95 25.71 5.93
CA GLU B 67 -6.70 26.39 5.83
C GLU B 67 -6.81 27.31 4.67
N VAL B 68 -7.37 26.82 3.59
CA VAL B 68 -7.41 27.57 2.34
C VAL B 68 -8.41 28.70 2.44
N ALA B 69 -9.42 28.54 3.26
CA ALA B 69 -10.35 29.62 3.37
C ALA B 69 -9.78 30.81 4.20
N THR B 70 -8.54 30.71 4.71
CA THR B 70 -7.90 31.85 5.36
C THR B 70 -6.91 32.52 4.42
N ILE B 71 -6.91 32.13 3.15
CA ILE B 71 -5.82 32.51 2.26
C ILE B 71 -6.14 33.86 1.63
N ASP B 72 -5.13 34.75 1.59
CA ASP B 72 -5.28 36.04 0.90
C ASP B 72 -5.20 35.79 -0.60
N VAL B 73 -6.35 35.81 -1.25
CA VAL B 73 -6.33 35.51 -2.66
C VAL B 73 -5.58 36.56 -3.51
N ASP B 74 -5.70 37.82 -3.15
CA ASP B 74 -5.08 38.89 -3.93
C ASP B 74 -3.57 38.76 -3.84
N ALA B 75 -3.09 38.57 -2.61
CA ALA B 75 -1.66 38.37 -2.34
C ALA B 75 -1.10 37.23 -3.18
N LEU B 76 -1.85 36.13 -3.17
CA LEU B 76 -1.60 34.95 -3.99
C LEU B 76 -1.51 35.29 -5.49
N THR B 77 -2.53 35.95 -6.03
CA THR B 77 -2.49 36.35 -7.42
C THR B 77 -1.25 37.22 -7.70
N ARG B 78 -0.94 38.13 -6.78
CA ARG B 78 0.19 38.99 -6.99
C ARG B 78 1.47 38.20 -7.01
N ASP B 79 1.55 37.20 -6.13
CA ASP B 79 2.74 36.37 -6.02
C ASP B 79 3.00 35.49 -7.25
N ILE B 80 1.91 34.99 -7.82
CA ILE B 80 1.94 34.20 -9.05
C ILE B 80 2.35 35.09 -10.23
N GLU B 81 1.72 36.27 -10.35
CA GLU B 81 2.10 37.24 -11.38
C GLU B 81 3.59 37.56 -11.34
N GLU B 82 4.14 37.71 -10.15
CA GLU B 82 5.53 38.02 -10.03
C GLU B 82 6.39 36.86 -10.52
N VAL B 83 5.98 35.64 -10.24
CA VAL B 83 6.71 34.47 -10.74
C VAL B 83 6.70 34.42 -12.27
N MET B 84 5.55 34.75 -12.87
CA MET B 84 5.29 34.62 -14.32
C MET B 84 6.20 35.50 -15.12
N THR B 85 6.49 36.67 -14.55
CA THR B 85 7.26 37.70 -15.23
C THR B 85 8.72 37.74 -14.77
N THR B 86 9.14 36.80 -13.93
CA THR B 86 10.54 36.68 -13.52
C THR B 86 11.18 35.42 -14.11
N SER B 87 11.80 35.58 -15.28
CA SER B 87 12.50 34.48 -15.96
C SER B 87 13.60 33.83 -15.10
N GLN B 88 13.91 32.56 -15.35
CA GLN B 88 14.86 31.83 -14.53
C GLN B 88 15.89 31.15 -15.39
N PRO B 89 17.18 31.32 -15.03
CA PRO B 89 18.33 30.75 -15.75
C PRO B 89 18.11 29.35 -16.30
N TRP B 90 17.63 28.45 -15.43
CA TRP B 90 17.52 27.00 -15.69
C TRP B 90 16.38 26.57 -16.62
N TRP B 91 15.46 27.52 -16.88
CA TRP B 91 14.45 27.38 -17.92
C TRP B 91 13.87 28.75 -18.30
N PRO B 92 14.61 29.54 -19.11
CA PRO B 92 14.21 30.93 -19.35
C PRO B 92 12.89 31.03 -20.13
N ALA B 93 12.20 32.13 -19.90
CA ALA B 93 10.81 32.34 -20.31
C ALA B 93 10.59 32.88 -21.74
N ASP B 94 9.97 32.08 -22.62
CA ASP B 94 9.45 32.60 -23.89
C ASP B 94 8.83 33.97 -23.69
N TYR B 95 9.19 34.93 -24.53
CA TYR B 95 8.59 36.27 -24.49
C TYR B 95 8.58 36.84 -23.07
N GLY B 96 9.44 36.31 -22.19
CA GLY B 96 9.61 36.82 -20.81
C GLY B 96 8.41 36.68 -19.87
N HIS B 97 7.54 35.73 -20.20
CA HIS B 97 6.26 35.58 -19.55
C HIS B 97 5.90 34.10 -19.58
N TYR B 98 5.85 33.49 -18.40
CA TYR B 98 5.62 32.03 -18.24
C TYR B 98 4.15 31.65 -18.39
N GLY B 99 3.29 32.66 -18.31
CA GLY B 99 1.84 32.48 -18.38
C GLY B 99 1.42 31.38 -19.32
N PRO B 100 1.76 31.51 -20.61
CA PRO B 100 1.25 30.50 -21.52
C PRO B 100 1.65 29.06 -21.11
N LEU B 101 2.88 28.85 -20.64
CA LEU B 101 3.31 27.53 -20.13
C LEU B 101 2.41 27.08 -18.98
N PHE B 102 2.14 28.02 -18.06
CA PHE B 102 1.21 27.75 -16.98
C PHE B 102 -0.18 27.43 -17.46
N ILE B 103 -0.63 28.02 -18.56
CA ILE B 103 -1.93 27.62 -19.09
C ILE B 103 -1.83 26.18 -19.56
N ARG B 104 -0.83 25.89 -20.38
CA ARG B 104 -0.64 24.54 -20.86
C ARG B 104 -0.67 23.62 -19.66
N MET B 105 0.11 23.96 -18.64
CA MET B 105 0.22 23.11 -17.50
C MET B 105 -1.15 22.77 -16.91
N ALA B 106 -1.85 23.77 -16.40
CA ALA B 106 -3.23 23.63 -15.96
C ALA B 106 -4.10 22.80 -16.89
N TRP B 107 -3.98 22.97 -18.20
CA TRP B 107 -4.78 22.15 -19.13
C TRP B 107 -4.38 20.65 -19.04
N HIS B 108 -3.10 20.36 -19.02
CA HIS B 108 -2.66 18.97 -18.90
C HIS B 108 -3.05 18.39 -17.53
N ALA B 109 -3.05 19.24 -16.50
CA ALA B 109 -3.50 18.87 -15.18
C ALA B 109 -4.95 18.39 -15.24
N ALA B 110 -5.84 19.20 -15.80
CA ALA B 110 -7.25 18.82 -15.87
C ALA B 110 -7.56 17.84 -16.99
N GLY B 111 -6.77 17.91 -18.05
CA GLY B 111 -7.05 17.18 -19.27
C GLY B 111 -6.96 15.66 -19.25
N THR B 112 -6.49 15.04 -18.16
CA THR B 112 -6.47 13.56 -18.07
C THR B 112 -7.83 12.96 -17.73
N TYR B 113 -8.71 13.79 -17.20
CA TYR B 113 -10.02 13.36 -16.77
C TYR B 113 -10.79 12.56 -17.83
N ARG B 114 -11.39 11.43 -17.46
CA ARG B 114 -12.27 10.81 -18.43
C ARG B 114 -13.64 10.45 -17.88
N ILE B 115 -14.69 10.54 -18.70
CA ILE B 115 -16.05 10.39 -18.17
C ILE B 115 -16.46 8.98 -17.88
N HIS B 116 -15.77 8.01 -18.50
CA HIS B 116 -16.15 6.63 -18.29
C HIS B 116 -16.17 6.23 -16.82
N ASP B 117 -15.10 6.57 -16.10
CA ASP B 117 -14.96 6.24 -14.67
C ASP B 117 -14.73 7.46 -13.74
N GLY B 118 -14.67 8.68 -14.26
CA GLY B 118 -14.45 9.85 -13.41
C GLY B 118 -13.02 10.02 -12.94
N ARG B 119 -12.17 9.07 -13.31
CA ARG B 119 -10.74 9.09 -12.92
C ARG B 119 -9.99 10.12 -13.75
N GLY B 120 -8.78 10.47 -13.34
CA GLY B 120 -8.05 11.56 -14.00
C GLY B 120 -8.59 12.88 -13.50
N GLY B 121 -8.11 13.97 -14.09
CA GLY B 121 -8.62 15.31 -13.75
C GLY B 121 -7.63 16.01 -12.86
N ALA B 122 -7.84 17.27 -12.57
CA ALA B 122 -6.79 17.99 -11.83
C ALA B 122 -6.94 17.93 -10.31
N GLY B 123 -7.91 17.14 -9.86
CA GLY B 123 -8.41 17.15 -8.49
C GLY B 123 -7.48 16.61 -7.41
N GLY B 124 -6.56 15.71 -7.77
CA GLY B 124 -5.62 15.15 -6.79
C GLY B 124 -4.24 15.78 -6.90
N GLY B 125 -4.08 16.64 -7.89
CA GLY B 125 -2.76 17.18 -8.27
C GLY B 125 -1.85 16.04 -8.68
N MET B 126 -2.41 15.02 -9.31
CA MET B 126 -1.70 13.81 -9.68
C MET B 126 -0.57 14.02 -10.67
N GLN B 127 -0.59 15.16 -11.36
CA GLN B 127 0.41 15.46 -12.39
C GLN B 127 1.83 15.49 -11.84
N ARG B 128 1.95 15.59 -10.52
CA ARG B 128 3.25 15.73 -9.92
C ARG B 128 3.85 14.40 -9.58
N PHE B 129 3.11 13.31 -9.80
CA PHE B 129 3.62 11.97 -9.50
C PHE B 129 3.66 11.13 -10.76
N ALA B 130 4.34 9.98 -10.70
CA ALA B 130 4.23 8.97 -11.76
C ALA B 130 2.78 8.43 -11.86
N PRO B 131 2.39 7.88 -13.01
CA PRO B 131 3.11 7.94 -14.28
C PRO B 131 3.11 9.37 -14.90
N LEU B 132 2.08 10.15 -14.60
CA LEU B 132 1.80 11.39 -15.30
C LEU B 132 2.96 12.35 -15.34
N ASN B 133 3.76 12.46 -14.29
CA ASN B 133 4.86 13.44 -14.31
C ASN B 133 5.87 13.15 -15.41
N SER B 134 5.80 11.94 -15.93
CA SER B 134 6.71 11.47 -16.99
C SER B 134 6.04 11.07 -18.32
N TRP B 135 4.76 11.36 -18.47
CA TRP B 135 4.09 11.23 -19.76
C TRP B 135 4.81 12.07 -20.82
N PRO B 136 4.95 11.55 -22.05
CA PRO B 136 5.64 12.35 -23.05
C PRO B 136 4.88 13.65 -23.28
N ASP B 137 3.56 13.61 -23.25
CA ASP B 137 2.73 14.81 -23.48
C ASP B 137 2.93 15.87 -22.38
N ASN B 138 3.53 15.47 -21.26
CA ASN B 138 3.78 16.37 -20.15
C ASN B 138 5.24 16.75 -20.07
N ALA B 139 5.93 16.68 -21.21
CA ALA B 139 7.32 17.19 -21.31
C ALA B 139 7.40 18.68 -20.94
N SER B 140 8.35 19.02 -20.09
CA SER B 140 8.62 20.41 -19.70
C SER B 140 7.77 20.89 -18.52
N LEU B 141 6.62 20.27 -18.33
CA LEU B 141 5.74 20.63 -17.21
C LEU B 141 6.41 20.41 -15.83
N ASP B 142 7.32 19.44 -15.74
CA ASP B 142 8.25 19.34 -14.60
C ASP B 142 8.90 20.68 -14.29
N LYS B 143 9.49 21.33 -15.32
CA LYS B 143 10.05 22.67 -15.15
C LYS B 143 8.98 23.63 -14.69
N ALA B 144 7.88 23.71 -15.47
CA ALA B 144 6.70 24.50 -15.09
C ALA B 144 6.31 24.43 -13.62
N ARG B 145 6.18 23.20 -13.11
CA ARG B 145 5.82 23.00 -11.69
C ARG B 145 6.89 23.57 -10.75
N ARG B 146 8.16 23.29 -11.07
CA ARG B 146 9.25 23.75 -10.24
C ARG B 146 9.26 25.28 -10.07
N LEU B 147 8.99 25.95 -11.17
CA LEU B 147 8.94 27.39 -11.16
C LEU B 147 8.03 27.97 -10.11
N LEU B 148 6.97 27.24 -9.73
CA LEU B 148 5.97 27.73 -8.78
C LEU B 148 6.32 27.46 -7.31
N TRP B 149 7.34 26.65 -7.08
CA TRP B 149 7.74 26.39 -5.72
C TRP B 149 7.84 27.67 -4.88
N PRO B 150 8.54 28.74 -5.34
CA PRO B 150 8.56 30.02 -4.61
C PRO B 150 7.20 30.47 -4.07
N VAL B 151 6.14 30.28 -4.85
CA VAL B 151 4.79 30.55 -4.36
C VAL B 151 4.34 29.57 -3.27
N LYS B 152 4.47 28.27 -3.55
CA LYS B 152 4.14 27.21 -2.56
C LYS B 152 4.92 27.35 -1.24
N LYS B 153 6.20 27.63 -1.33
CA LYS B 153 7.05 27.97 -0.21
C LYS B 153 6.31 28.99 0.64
N LYS B 154 5.76 30.01 0.01
CA LYS B 154 5.21 31.13 0.77
C LYS B 154 3.89 30.80 1.44
N TYR B 155 3.14 29.85 0.89
CA TYR B 155 1.78 29.63 1.38
C TYR B 155 1.63 28.41 2.24
N GLY B 156 2.66 27.57 2.20
CA GLY B 156 2.73 26.34 2.99
C GLY B 156 1.48 25.49 2.89
N LYS B 157 0.97 25.07 4.04
CA LYS B 157 -0.19 24.18 4.13
C LYS B 157 -1.49 24.81 3.68
N LYS B 158 -1.53 26.13 3.59
CA LYS B 158 -2.75 26.86 3.23
C LYS B 158 -3.10 26.72 1.74
N LEU B 159 -2.19 26.12 0.97
CA LEU B 159 -2.44 25.98 -0.44
C LEU B 159 -1.89 24.68 -0.97
N SER B 160 -2.73 23.90 -1.63
CA SER B 160 -2.29 22.59 -2.12
C SER B 160 -1.57 22.74 -3.43
N TRP B 161 -0.74 21.79 -3.79
CA TRP B 161 -0.25 21.76 -5.16
C TRP B 161 -1.42 21.57 -6.11
N ALA B 162 -2.37 20.75 -5.71
CA ALA B 162 -3.53 20.50 -6.55
C ALA B 162 -4.17 21.82 -6.92
N ASP B 163 -4.43 22.67 -5.92
CA ASP B 163 -5.09 23.96 -6.13
C ASP B 163 -4.18 24.92 -6.90
N LEU B 164 -2.89 24.93 -6.59
CA LEU B 164 -2.00 25.93 -7.13
C LEU B 164 -1.80 25.77 -8.63
N ILE B 165 -1.52 24.56 -9.08
CA ILE B 165 -1.29 24.29 -10.50
C ILE B 165 -2.41 24.79 -11.43
N VAL B 166 -3.68 24.52 -11.09
CA VAL B 166 -4.76 25.03 -11.93
C VAL B 166 -5.01 26.52 -11.69
N PHE B 167 -4.77 27.00 -10.48
CA PHE B 167 -4.93 28.42 -10.25
C PHE B 167 -3.92 29.22 -11.03
N ALA B 168 -2.71 28.70 -11.13
CA ALA B 168 -1.65 29.35 -11.88
C ALA B 168 -2.14 29.58 -13.30
N GLY B 169 -2.67 28.51 -13.91
CA GLY B 169 -3.29 28.60 -15.23
C GLY B 169 -4.40 29.66 -15.34
N ASN B 170 -5.19 29.82 -14.27
CA ASN B 170 -6.28 30.78 -14.27
C ASN B 170 -5.76 32.21 -14.10
N CYS B 171 -4.80 32.42 -13.19
CA CYS B 171 -4.10 33.70 -13.12
C CYS B 171 -3.37 34.06 -14.42
N ALA B 172 -2.74 33.07 -15.07
CA ALA B 172 -2.15 33.35 -16.36
C ALA B 172 -3.19 33.99 -17.30
N LEU B 173 -4.33 33.33 -17.51
CA LEU B 173 -5.40 33.88 -18.33
C LEU B 173 -5.76 35.33 -17.97
N GLU B 174 -5.97 35.57 -16.68
CA GLU B 174 -6.24 36.92 -16.15
C GLU B 174 -5.14 37.90 -16.57
N SER B 175 -3.90 37.53 -16.34
CA SER B 175 -2.83 38.52 -16.45
C SER B 175 -2.58 38.87 -17.90
N MET B 176 -3.06 38.05 -18.81
CA MET B 176 -2.87 38.35 -20.22
C MET B 176 -4.17 38.86 -20.83
N GLY B 177 -5.02 39.37 -19.97
CA GLY B 177 -6.19 40.12 -20.35
C GLY B 177 -7.42 39.35 -20.73
N PHE B 178 -7.49 38.08 -20.37
CA PHE B 178 -8.74 37.36 -20.59
C PHE B 178 -9.44 37.19 -19.26
N LYS B 179 -10.70 37.60 -19.19
CA LYS B 179 -11.36 37.52 -17.89
C LYS B 179 -12.06 36.21 -17.70
N THR B 180 -11.67 35.52 -16.64
CA THR B 180 -12.15 34.19 -16.37
C THR B 180 -13.44 34.27 -15.59
N PHE B 181 -14.19 33.19 -15.65
CA PHE B 181 -15.55 33.12 -15.13
C PHE B 181 -15.65 32.84 -13.63
N GLY B 182 -14.53 32.64 -12.95
CA GLY B 182 -14.58 32.19 -11.55
C GLY B 182 -13.59 31.06 -11.28
N PHE B 183 -13.45 30.72 -9.99
CA PHE B 183 -12.54 29.68 -9.55
C PHE B 183 -12.83 29.18 -8.15
N GLY B 184 -12.89 27.87 -8.02
CA GLY B 184 -13.06 27.23 -6.73
C GLY B 184 -11.79 26.60 -6.20
N PHE B 185 -11.43 26.93 -4.96
CA PHE B 185 -10.37 26.23 -4.25
C PHE B 185 -10.95 24.97 -3.59
N GLY B 186 -10.03 24.14 -3.08
CA GLY B 186 -10.41 23.01 -2.25
C GLY B 186 -9.94 21.63 -2.68
N ARG B 187 -9.11 21.54 -3.71
CA ARG B 187 -8.52 20.23 -4.10
C ARG B 187 -7.47 19.79 -3.08
N VAL B 188 -7.66 18.61 -2.49
CA VAL B 188 -6.76 18.14 -1.46
C VAL B 188 -5.58 17.44 -2.09
N ASP B 189 -4.38 17.81 -1.65
CA ASP B 189 -3.17 17.11 -2.05
C ASP B 189 -3.05 15.71 -1.52
N GLN B 190 -2.48 14.82 -2.32
CA GLN B 190 -2.31 13.44 -1.90
C GLN B 190 -0.84 13.09 -1.86
N TRP B 191 -0.48 11.98 -1.22
CA TRP B 191 0.92 11.76 -0.93
C TRP B 191 1.57 10.63 -1.66
N GLU B 192 0.75 9.78 -2.29
CA GLU B 192 1.25 8.78 -3.22
C GLU B 192 0.32 8.77 -4.43
N PRO B 193 0.84 8.40 -5.61
CA PRO B 193 0.08 8.55 -6.86
C PRO B 193 -1.12 7.66 -6.93
N ASP B 194 -2.20 8.19 -7.48
CA ASP B 194 -3.42 7.42 -7.68
C ASP B 194 -3.21 6.39 -8.81
N GLU B 195 -3.48 5.11 -8.50
CA GLU B 195 -3.28 4.00 -9.44
C GLU B 195 -4.46 3.93 -10.42
N VAL B 196 -4.26 4.47 -11.63
CA VAL B 196 -5.30 4.50 -12.67
C VAL B 196 -4.91 3.65 -13.87
N TYR B 197 -5.87 2.98 -14.50
CA TYR B 197 -5.61 2.26 -15.72
C TYR B 197 -5.57 3.20 -16.94
N TRP B 198 -4.38 3.36 -17.53
CA TRP B 198 -4.18 4.31 -18.66
C TRP B 198 -4.15 3.69 -20.05
N GLY B 199 -4.20 2.35 -20.09
CA GLY B 199 -4.22 1.55 -21.31
C GLY B 199 -3.30 0.36 -21.15
N LYS B 200 -3.34 -0.58 -22.11
CA LYS B 200 -2.49 -1.79 -22.06
C LYS B 200 -1.07 -1.59 -22.61
N GLU B 201 -0.87 -0.60 -23.46
CA GLU B 201 0.42 -0.37 -24.13
C GLU B 201 1.62 -0.34 -23.21
N ALA B 202 2.61 -1.19 -23.50
CA ALA B 202 3.85 -1.24 -22.70
C ALA B 202 4.93 -0.24 -23.12
N THR B 203 4.69 0.48 -24.23
CA THR B 203 5.65 1.49 -24.75
C THR B 203 4.96 2.83 -24.84
N TRP B 204 5.69 3.89 -24.52
CA TRP B 204 5.17 5.25 -24.66
C TRP B 204 4.77 5.55 -26.10
N LEU B 205 3.63 6.20 -26.23
CA LEU B 205 3.04 6.59 -27.52
C LEU B 205 2.46 5.42 -28.34
N GLY B 206 2.49 4.21 -27.79
CA GLY B 206 1.89 3.05 -28.44
C GLY B 206 0.37 3.14 -28.63
N ASP B 207 -0.17 2.31 -29.51
CA ASP B 207 -1.59 2.32 -29.82
C ASP B 207 -2.08 0.88 -30.01
N GLU B 208 -2.57 0.28 -28.93
CA GLU B 208 -3.27 -1.01 -29.01
C GLU B 208 -4.69 -0.84 -28.48
N ARG B 209 -5.32 0.28 -28.82
CA ARG B 209 -6.59 0.69 -28.20
C ARG B 209 -7.75 0.97 -29.15
N TYR B 210 -7.59 0.65 -30.43
CA TYR B 210 -8.68 0.80 -31.42
C TYR B 210 -9.13 -0.50 -32.06
N SER B 211 -10.34 -0.47 -32.65
CA SER B 211 -10.95 -1.60 -33.39
C SER B 211 -12.25 -1.13 -34.04
N GLY B 212 -12.83 -1.96 -34.91
CA GLY B 212 -13.95 -1.53 -35.74
C GLY B 212 -13.44 -0.47 -36.70
N LYS B 213 -14.31 0.47 -37.12
CA LYS B 213 -13.85 1.64 -37.88
C LYS B 213 -12.79 2.43 -37.07
N ARG B 214 -13.20 3.13 -36.02
CA ARG B 214 -12.26 3.79 -35.15
C ARG B 214 -12.86 3.84 -33.74
N ASP B 215 -13.21 2.67 -33.19
CA ASP B 215 -13.77 2.59 -31.83
C ASP B 215 -12.70 2.52 -30.77
N LEU B 216 -12.76 3.48 -29.85
CA LEU B 216 -11.75 3.61 -28.82
C LEU B 216 -12.13 2.82 -27.56
N GLU B 217 -11.20 2.00 -27.10
CA GLU B 217 -11.33 1.16 -25.89
C GLU B 217 -11.88 1.97 -24.70
N ASN B 218 -12.97 1.51 -24.10
CA ASN B 218 -13.37 2.10 -22.82
C ASN B 218 -12.43 1.59 -21.74
N PRO B 219 -12.09 2.42 -20.74
CA PRO B 219 -12.57 3.75 -20.41
C PRO B 219 -11.81 4.88 -21.07
N LEU B 220 -10.71 4.56 -21.76
CA LEU B 220 -9.69 5.54 -22.17
C LEU B 220 -10.22 6.71 -23.01
N ALA B 221 -9.57 7.87 -22.87
CA ALA B 221 -9.96 9.07 -23.63
C ALA B 221 -8.75 9.79 -24.29
N ALA B 222 -7.72 9.03 -24.58
CA ALA B 222 -6.64 9.49 -25.42
C ALA B 222 -6.39 8.44 -26.51
N VAL B 223 -5.79 8.89 -27.62
CA VAL B 223 -5.59 8.06 -28.82
C VAL B 223 -4.35 7.15 -28.82
N GLN B 224 -3.49 7.33 -27.81
CA GLN B 224 -2.16 6.73 -27.69
C GLN B 224 -1.73 6.81 -26.23
N MET B 225 -0.85 5.90 -25.79
CA MET B 225 -0.36 5.89 -24.40
C MET B 225 0.54 7.10 -24.10
N GLY B 226 0.21 7.85 -23.06
CA GLY B 226 1.01 9.01 -22.68
C GLY B 226 0.66 10.28 -23.42
N LEU B 227 -0.52 10.31 -24.03
CA LEU B 227 -1.06 11.54 -24.61
C LEU B 227 -2.25 11.97 -23.77
N ILE B 228 -2.47 13.29 -23.72
CA ILE B 228 -3.61 13.88 -23.03
C ILE B 228 -4.91 13.60 -23.80
N TYR B 229 -4.99 14.07 -25.05
CA TYR B 229 -6.13 13.78 -25.95
C TYR B 229 -5.71 13.17 -27.31
N VAL B 230 -5.19 13.97 -28.26
CA VAL B 230 -4.92 13.47 -29.62
C VAL B 230 -3.51 13.73 -30.04
N ASN B 231 -3.09 13.18 -31.17
CA ASN B 231 -1.74 13.40 -31.67
C ASN B 231 -1.70 14.77 -32.33
N PRO B 232 -0.74 15.66 -31.92
CA PRO B 232 -0.66 16.96 -32.59
C PRO B 232 -0.39 16.85 -34.09
N GLU B 233 0.28 15.78 -34.54
CA GLU B 233 0.52 15.56 -35.96
C GLU B 233 -0.54 14.75 -36.65
N GLY B 234 -1.67 14.51 -35.99
CA GLY B 234 -2.82 13.82 -36.61
C GLY B 234 -2.72 12.33 -36.35
N PRO B 235 -3.80 11.57 -36.67
CA PRO B 235 -3.85 10.17 -36.24
C PRO B 235 -2.63 9.35 -36.69
N ASN B 236 -1.97 8.75 -35.70
CA ASN B 236 -0.80 7.89 -35.93
C ASN B 236 0.32 8.60 -36.66
N GLY B 237 0.40 9.93 -36.52
CA GLY B 237 1.47 10.75 -37.10
C GLY B 237 1.14 11.26 -38.49
N ASN B 238 -0.06 10.95 -38.97
CA ASN B 238 -0.50 11.32 -40.31
C ASN B 238 -1.28 12.63 -40.35
N PRO B 239 -0.66 13.71 -40.86
CA PRO B 239 -1.21 15.07 -40.72
C PRO B 239 -2.45 15.43 -41.57
N ASP B 240 -3.49 14.59 -41.54
CA ASP B 240 -4.75 14.85 -42.27
C ASP B 240 -5.81 15.47 -41.36
N PRO B 241 -6.11 16.76 -41.56
CA PRO B 241 -6.97 17.49 -40.65
C PRO B 241 -8.39 16.95 -40.52
N MET B 242 -9.03 16.56 -41.63
CA MET B 242 -10.37 15.95 -41.58
C MET B 242 -10.39 14.71 -40.67
N ALA B 243 -9.30 13.94 -40.71
CA ALA B 243 -9.15 12.72 -39.93
C ALA B 243 -8.85 13.02 -38.47
N ALA B 244 -8.01 14.04 -38.23
CA ALA B 244 -7.65 14.49 -36.89
C ALA B 244 -8.92 14.92 -36.14
N ALA B 245 -9.83 15.60 -36.85
CA ALA B 245 -11.07 16.07 -36.24
C ALA B 245 -11.88 14.95 -35.64
N VAL B 246 -11.88 13.79 -36.27
CA VAL B 246 -12.66 12.67 -35.75
C VAL B 246 -12.16 12.23 -34.35
N ASP B 247 -10.84 12.29 -34.17
CA ASP B 247 -10.16 11.97 -32.93
C ASP B 247 -10.36 13.02 -31.86
N ILE B 248 -10.18 14.27 -32.26
CA ILE B 248 -10.55 15.40 -31.41
C ILE B 248 -12.02 15.25 -30.92
N ARG B 249 -12.94 15.15 -31.87
CA ARG B 249 -14.32 15.09 -31.49
C ARG B 249 -14.54 14.02 -30.45
N GLU B 250 -13.91 12.85 -30.66
CA GLU B 250 -14.17 11.67 -29.84
C GLU B 250 -13.52 11.73 -28.48
N THR B 251 -12.22 12.03 -28.46
CA THR B 251 -11.55 12.17 -27.17
C THR B 251 -12.12 13.32 -26.32
N PHE B 252 -12.50 14.44 -26.95
CA PHE B 252 -13.04 15.51 -26.15
C PHE B 252 -14.40 15.16 -25.59
N ARG B 253 -15.18 14.40 -26.36
CA ARG B 253 -16.49 14.01 -25.89
C ARG B 253 -16.37 13.23 -24.62
N ARG B 254 -15.31 12.42 -24.56
CA ARG B 254 -15.05 11.53 -23.43
C ARG B 254 -14.36 12.29 -22.31
N MET B 255 -14.20 13.60 -22.49
CA MET B 255 -13.67 14.42 -21.41
C MET B 255 -14.71 15.47 -21.16
N ALA B 256 -15.94 15.09 -21.53
CA ALA B 256 -17.17 15.85 -21.28
C ALA B 256 -17.32 17.16 -22.06
N MET B 257 -16.55 17.34 -23.12
CA MET B 257 -16.64 18.53 -23.94
C MET B 257 -17.38 18.23 -25.23
N ASN B 258 -18.40 19.02 -25.53
CA ASN B 258 -19.08 18.90 -26.83
C ASN B 258 -18.36 19.79 -27.80
N ASP B 259 -19.00 19.99 -28.95
CA ASP B 259 -18.35 20.62 -30.09
C ASP B 259 -17.99 22.09 -29.83
N VAL B 260 -18.97 22.87 -29.37
CA VAL B 260 -18.70 24.26 -29.01
C VAL B 260 -17.56 24.40 -27.98
N GLU B 261 -17.67 23.67 -26.86
CA GLU B 261 -16.67 23.71 -25.79
C GLU B 261 -15.29 23.31 -26.34
N THR B 262 -15.25 22.26 -27.16
CA THR B 262 -13.98 21.81 -27.72
C THR B 262 -13.26 22.87 -28.58
N ALA B 263 -13.97 23.34 -29.59
CA ALA B 263 -13.47 24.43 -30.43
C ALA B 263 -13.01 25.60 -29.57
N ALA B 264 -13.90 26.16 -28.77
CA ALA B 264 -13.55 27.19 -27.79
C ALA B 264 -12.24 26.91 -27.07
N LEU B 265 -12.12 25.66 -26.56
CA LEU B 265 -10.97 25.27 -25.77
C LEU B 265 -9.68 25.36 -26.57
N ILE B 266 -9.64 24.82 -27.77
CA ILE B 266 -8.40 24.80 -28.50
C ILE B 266 -8.02 26.19 -29.00
N VAL B 267 -9.00 26.94 -29.50
CA VAL B 267 -8.67 28.26 -30.02
C VAL B 267 -8.22 29.13 -28.87
N GLY B 268 -9.03 29.20 -27.83
CA GLY B 268 -8.64 29.93 -26.61
C GLY B 268 -7.25 29.55 -26.12
N GLY B 269 -6.95 28.25 -26.21
CA GLY B 269 -5.71 27.73 -25.71
C GLY B 269 -4.60 28.34 -26.52
N HIS B 270 -4.71 28.13 -27.82
CA HIS B 270 -3.58 28.43 -28.67
C HIS B 270 -3.51 29.88 -29.09
N THR B 271 -4.39 30.68 -28.52
CA THR B 271 -4.24 32.11 -28.58
C THR B 271 -3.00 32.53 -27.79
N PHE B 272 -2.40 31.58 -27.06
CA PHE B 272 -1.23 31.90 -26.22
C PHE B 272 -0.08 30.95 -26.45
N GLY B 273 1.13 31.51 -26.25
CA GLY B 273 2.40 30.80 -26.27
C GLY B 273 2.77 30.19 -27.59
N LYS B 274 3.62 29.18 -27.53
CA LYS B 274 4.15 28.51 -28.70
C LYS B 274 4.57 27.10 -28.36
N THR B 275 4.82 26.29 -29.37
CA THR B 275 5.37 24.95 -29.18
C THR B 275 6.91 25.02 -29.20
N HIS B 276 7.57 23.90 -28.90
CA HIS B 276 9.05 23.78 -28.85
C HIS B 276 9.64 22.54 -29.52
N GLY B 277 10.30 22.77 -30.66
CA GLY B 277 10.97 21.70 -31.41
C GLY B 277 12.21 22.18 -32.12
N ALA B 278 13.05 22.94 -31.39
CA ALA B 278 14.21 23.63 -31.95
C ALA B 278 15.28 22.76 -32.68
N GLY B 279 15.64 21.63 -32.10
CA GLY B 279 16.58 20.74 -32.75
C GLY B 279 16.15 19.28 -32.67
N PRO B 280 17.05 18.36 -33.04
CA PRO B 280 16.73 16.91 -33.12
C PRO B 280 16.09 16.31 -31.86
N ALA B 281 15.03 15.53 -32.06
CA ALA B 281 14.26 14.90 -30.97
C ALA B 281 15.12 14.01 -30.06
N ASP B 282 16.08 13.31 -30.65
CA ASP B 282 16.87 12.32 -29.93
C ASP B 282 18.00 12.90 -29.04
N LEU B 283 18.08 14.22 -28.95
CA LEU B 283 19.06 14.83 -28.05
C LEU B 283 18.46 15.16 -26.69
N VAL B 284 17.22 14.69 -26.49
CA VAL B 284 16.45 14.91 -25.28
C VAL B 284 16.58 13.68 -24.40
N GLY B 285 17.14 13.88 -23.20
CA GLY B 285 17.42 12.81 -22.26
C GLY B 285 16.19 12.06 -21.75
N PRO B 286 16.37 11.30 -20.65
CA PRO B 286 15.22 10.53 -20.20
C PRO B 286 14.27 11.36 -19.32
N GLU B 287 13.00 10.93 -19.32
CA GLU B 287 11.92 11.54 -18.56
C GLU B 287 12.08 11.39 -17.03
N PRO B 288 11.50 12.31 -16.24
CA PRO B 288 11.70 12.43 -14.79
C PRO B 288 11.91 11.15 -13.96
N GLU B 289 11.04 10.15 -14.13
CA GLU B 289 11.17 8.94 -13.31
C GLU B 289 12.42 8.17 -13.63
N ALA B 290 12.93 8.29 -14.85
CA ALA B 290 14.16 7.62 -15.27
C ALA B 290 15.40 8.53 -15.18
N ALA B 291 15.19 9.83 -14.92
CA ALA B 291 16.30 10.79 -14.86
C ALA B 291 17.22 10.44 -13.70
N PRO B 292 18.52 10.78 -13.80
CA PRO B 292 19.44 10.52 -12.70
C PRO B 292 19.30 11.55 -11.57
N LEU B 293 19.87 11.24 -10.42
CA LEU B 293 19.62 11.96 -9.18
C LEU B 293 19.95 13.44 -9.19
N GLU B 294 20.99 13.85 -9.90
CA GLU B 294 21.43 15.25 -9.79
C GLU B 294 20.51 16.19 -10.54
N GLN B 295 19.63 15.62 -11.36
CA GLN B 295 18.64 16.41 -12.07
C GLN B 295 17.48 16.90 -11.16
N MET B 296 17.48 16.47 -9.88
CA MET B 296 16.49 16.90 -8.88
C MET B 296 15.08 16.72 -9.38
N GLY B 297 14.78 15.52 -9.88
CA GLY B 297 13.44 15.15 -10.36
C GLY B 297 12.95 15.79 -11.65
N LEU B 298 13.88 16.43 -12.38
CA LEU B 298 13.59 17.05 -13.68
C LEU B 298 14.16 16.17 -14.80
N GLY B 299 13.32 15.85 -15.78
CA GLY B 299 13.75 14.99 -16.87
C GLY B 299 13.96 15.75 -18.14
N TRP B 300 14.05 15.00 -19.23
CA TRP B 300 14.12 15.52 -20.61
C TRP B 300 15.23 16.55 -20.85
N LYS B 301 16.37 16.37 -20.18
CA LYS B 301 17.53 17.23 -20.35
C LYS B 301 18.04 17.16 -21.80
N SER B 302 18.29 18.33 -22.39
CA SER B 302 18.65 18.46 -23.80
C SER B 302 20.15 18.77 -23.94
N SER B 303 20.87 17.91 -24.65
CA SER B 303 22.26 18.18 -25.07
C SER B 303 22.35 19.16 -26.26
N TYR B 304 21.24 19.33 -27.00
CA TYR B 304 21.14 20.31 -28.07
C TYR B 304 21.20 21.77 -27.57
N GLY B 305 22.19 22.52 -28.08
CA GLY B 305 22.38 23.94 -27.77
C GLY B 305 22.58 24.17 -26.28
N THR B 306 21.95 25.24 -25.77
CA THR B 306 21.82 25.44 -24.33
C THR B 306 20.82 24.42 -23.74
N GLY B 307 19.94 23.89 -24.59
CA GLY B 307 18.96 22.86 -24.21
C GLY B 307 17.71 23.42 -23.56
N THR B 308 17.77 24.69 -23.20
CA THR B 308 16.65 25.44 -22.65
C THR B 308 16.40 26.66 -23.55
N GLY B 309 15.24 27.30 -23.37
CA GLY B 309 14.97 28.61 -23.95
C GLY B 309 14.96 28.63 -25.47
N LYS B 310 15.66 29.61 -26.02
CA LYS B 310 16.00 29.69 -27.44
C LYS B 310 16.05 28.31 -28.11
N ASP B 311 16.47 27.29 -27.39
CA ASP B 311 16.75 25.96 -27.93
C ASP B 311 15.83 24.86 -27.44
N ALA B 312 14.70 25.25 -26.85
CA ALA B 312 13.85 24.31 -26.15
C ALA B 312 13.26 23.25 -27.08
N ILE B 313 13.38 21.99 -26.68
CA ILE B 313 12.65 20.92 -27.36
C ILE B 313 11.68 20.35 -26.37
N THR B 314 10.40 20.56 -26.62
CA THR B 314 9.37 19.95 -25.81
C THR B 314 8.65 18.92 -26.64
N SER B 315 7.80 19.36 -27.58
CA SER B 315 6.95 18.44 -28.34
C SER B 315 7.60 18.02 -29.64
N GLY B 316 8.61 18.76 -30.06
CA GLY B 316 9.29 18.50 -31.34
C GLY B 316 8.77 19.34 -32.49
N ILE B 317 7.55 19.85 -32.32
CA ILE B 317 6.91 20.76 -33.27
C ILE B 317 7.35 22.22 -33.00
N GLU B 318 7.36 23.09 -34.02
CA GLU B 318 7.80 24.48 -33.84
C GLU B 318 6.82 25.51 -34.41
N VAL B 319 5.63 25.55 -33.83
CA VAL B 319 4.56 26.42 -34.28
C VAL B 319 4.51 27.60 -33.31
N VAL B 320 4.23 28.81 -33.80
CA VAL B 320 3.84 29.95 -32.94
C VAL B 320 2.51 30.49 -33.45
N TRP B 321 1.42 30.25 -32.74
CA TRP B 321 0.13 30.40 -33.41
C TRP B 321 -0.25 31.83 -33.79
N THR B 322 -0.15 32.73 -32.81
CA THR B 322 -0.56 34.13 -32.97
C THR B 322 0.66 35.04 -33.04
N ASN B 323 0.43 36.32 -33.27
CA ASN B 323 1.51 37.29 -33.28
C ASN B 323 1.56 38.01 -31.97
N THR B 324 0.63 37.64 -31.08
CA THR B 324 0.53 38.21 -29.73
C THR B 324 0.47 37.04 -28.73
N PRO B 325 1.62 36.38 -28.54
CA PRO B 325 1.59 35.10 -27.84
C PRO B 325 1.22 35.26 -26.37
N THR B 326 1.38 36.47 -25.84
CA THR B 326 1.09 36.74 -24.43
C THR B 326 -0.03 37.77 -24.26
N LYS B 327 -1.08 37.62 -25.07
CA LYS B 327 -2.19 38.57 -25.06
C LYS B 327 -3.39 37.92 -25.69
N TRP B 328 -4.53 38.19 -25.10
CA TRP B 328 -5.78 37.65 -25.58
C TRP B 328 -6.34 38.61 -26.60
N ASP B 329 -6.82 38.06 -27.72
CA ASP B 329 -7.41 38.80 -28.86
C ASP B 329 -7.81 37.78 -29.91
N ASN B 330 -8.08 38.25 -31.12
CA ASN B 330 -8.54 37.32 -32.12
C ASN B 330 -7.56 36.80 -33.20
N SER B 331 -6.25 36.96 -33.01
CA SER B 331 -5.26 36.57 -34.04
C SER B 331 -5.34 35.12 -34.47
N PHE B 332 -5.50 34.20 -33.52
CA PHE B 332 -5.52 32.79 -33.86
C PHE B 332 -6.60 32.53 -34.89
N LEU B 333 -7.82 32.95 -34.61
CA LEU B 333 -8.82 32.71 -35.59
C LEU B 333 -8.56 33.50 -36.91
N GLU B 334 -7.96 34.68 -36.79
CA GLU B 334 -7.65 35.51 -37.97
C GLU B 334 -6.56 34.86 -38.82
N ILE B 335 -5.45 34.55 -38.19
CA ILE B 335 -4.42 33.79 -38.85
C ILE B 335 -4.95 32.48 -39.51
N LEU B 336 -5.72 31.68 -38.79
CA LEU B 336 -6.20 30.41 -39.33
C LEU B 336 -6.96 30.63 -40.64
N TYR B 337 -7.85 31.61 -40.65
CA TYR B 337 -8.72 31.84 -41.81
C TYR B 337 -8.11 32.77 -42.85
N GLY B 338 -7.13 33.57 -42.42
CA GLY B 338 -6.57 34.60 -43.27
C GLY B 338 -5.43 34.17 -44.15
N TYR B 339 -5.19 32.87 -44.27
CA TYR B 339 -4.13 32.34 -45.14
C TYR B 339 -4.48 30.98 -45.70
N GLU B 340 -3.66 30.52 -46.65
CA GLU B 340 -3.74 29.15 -47.09
C GLU B 340 -2.55 28.38 -46.53
N TRP B 341 -2.76 27.08 -46.31
CA TRP B 341 -1.80 26.27 -45.57
C TRP B 341 -1.19 25.13 -46.39
N GLU B 342 0.11 24.90 -46.19
CA GLU B 342 0.83 23.81 -46.83
C GLU B 342 1.68 23.07 -45.82
N LEU B 343 1.76 21.74 -45.97
CA LEU B 343 2.61 20.86 -45.12
C LEU B 343 4.09 21.23 -45.08
N THR B 344 4.75 20.87 -43.99
CA THR B 344 6.12 21.34 -43.75
C THR B 344 6.70 20.61 -42.52
N LYS B 345 7.99 20.80 -42.26
CA LYS B 345 8.63 20.04 -41.20
C LYS B 345 9.40 20.93 -40.24
N SER B 346 9.11 20.75 -38.95
CA SER B 346 9.83 21.42 -37.89
C SER B 346 11.30 21.06 -37.94
N PRO B 347 12.14 21.89 -37.31
CA PRO B 347 13.56 21.57 -37.20
C PRO B 347 13.85 20.20 -36.58
N ALA B 348 12.85 19.56 -35.97
CA ALA B 348 13.04 18.21 -35.42
C ALA B 348 12.26 17.19 -36.24
N GLY B 349 11.83 17.58 -37.43
CA GLY B 349 11.22 16.67 -38.40
C GLY B 349 9.77 16.33 -38.14
N ALA B 350 9.05 17.27 -37.54
CA ALA B 350 7.66 17.08 -37.20
C ALA B 350 6.75 17.78 -38.19
N TRP B 351 5.66 17.11 -38.54
CA TRP B 351 4.62 17.74 -39.36
C TRP B 351 3.98 19.00 -38.74
N GLN B 352 4.13 20.11 -39.43
CA GLN B 352 3.27 21.26 -39.16
C GLN B 352 2.70 21.90 -40.45
N TYR B 353 1.82 22.88 -40.27
CA TYR B 353 1.43 23.71 -41.40
C TYR B 353 2.10 25.08 -41.32
N THR B 354 2.21 25.70 -42.48
CA THR B 354 2.77 27.03 -42.66
C THR B 354 2.04 27.68 -43.82
N ALA B 355 2.12 29.00 -43.91
CA ALA B 355 1.36 29.76 -44.90
C ALA B 355 1.91 29.61 -46.33
N LYS B 356 1.00 29.30 -47.26
CA LYS B 356 1.28 29.15 -48.68
C LYS B 356 2.00 30.35 -49.25
N ASP B 357 2.76 30.09 -50.31
CA ASP B 357 3.50 31.10 -51.07
C ASP B 357 4.11 32.17 -50.16
N GLY B 358 4.94 31.74 -49.21
CA GLY B 358 5.61 32.63 -48.24
C GLY B 358 4.88 33.91 -47.78
N ALA B 359 3.56 33.85 -47.67
CA ALA B 359 2.75 34.96 -47.13
C ALA B 359 3.05 35.16 -45.62
N GLY B 360 2.81 36.38 -45.15
CA GLY B 360 2.93 36.72 -43.73
C GLY B 360 4.32 36.58 -43.14
N ALA B 361 5.33 36.36 -43.98
CA ALA B 361 6.71 36.20 -43.51
C ALA B 361 7.11 37.33 -42.57
N GLY B 362 7.79 36.96 -41.48
CA GLY B 362 8.30 37.90 -40.47
C GLY B 362 7.31 38.55 -39.52
N THR B 363 6.02 38.27 -39.69
CA THR B 363 4.97 38.90 -38.87
C THR B 363 4.72 38.23 -37.50
N ILE B 364 5.16 36.97 -37.35
CA ILE B 364 5.10 36.26 -36.08
C ILE B 364 6.43 36.47 -35.31
N PRO B 365 6.34 37.04 -34.10
CA PRO B 365 7.55 37.42 -33.37
C PRO B 365 8.28 36.24 -32.70
N ASP B 366 9.59 36.40 -32.49
CA ASP B 366 10.45 35.40 -31.83
C ASP B 366 10.43 35.40 -30.29
N PRO B 367 10.39 34.19 -29.66
CA PRO B 367 10.37 34.02 -28.21
C PRO B 367 11.52 34.69 -27.48
N PHE B 368 12.68 34.80 -28.13
CA PHE B 368 13.86 35.44 -27.54
C PHE B 368 14.50 36.53 -28.37
N GLY B 369 13.66 37.33 -29.04
CA GLY B 369 14.10 38.45 -29.84
C GLY B 369 14.93 38.14 -31.07
N GLY B 370 14.74 36.97 -31.69
CA GLY B 370 15.39 36.68 -32.95
C GLY B 370 14.69 37.44 -34.08
N PRO B 371 14.84 36.97 -35.33
CA PRO B 371 14.04 37.60 -36.39
C PRO B 371 12.56 37.14 -36.33
N GLY B 372 11.69 37.80 -37.11
CA GLY B 372 10.31 37.33 -37.29
C GLY B 372 10.20 35.92 -37.87
N ARG B 373 8.97 35.42 -38.00
CA ARG B 373 8.69 34.04 -38.44
C ARG B 373 7.40 34.06 -39.16
N SER B 374 7.17 33.04 -39.97
CA SER B 374 5.94 32.96 -40.74
C SER B 374 4.83 32.30 -39.93
N PRO B 375 3.57 32.55 -40.28
CA PRO B 375 2.37 31.90 -39.71
C PRO B 375 2.41 30.37 -39.80
N THR B 376 2.19 29.73 -38.66
CA THR B 376 2.40 28.30 -38.54
C THR B 376 1.22 27.73 -37.75
N MET B 377 0.89 26.46 -37.94
CA MET B 377 -0.25 25.81 -37.27
C MET B 377 -0.07 24.29 -37.14
N LEU B 378 -0.67 23.71 -36.11
CA LEU B 378 -0.69 22.24 -35.99
C LEU B 378 -1.72 21.66 -36.94
N ALA B 379 -1.47 20.43 -37.36
CA ALA B 379 -2.44 19.70 -38.15
C ALA B 379 -3.83 19.72 -37.47
N THR B 380 -3.86 19.62 -36.15
CA THR B 380 -5.12 19.64 -35.40
C THR B 380 -5.82 21.01 -35.38
N ASP B 381 -5.04 22.08 -35.57
CA ASP B 381 -5.59 23.44 -35.64
C ASP B 381 -6.37 23.60 -36.95
N LEU B 382 -5.84 23.04 -38.02
CA LEU B 382 -6.53 23.10 -39.27
C LEU B 382 -7.85 22.36 -39.21
N SER B 383 -7.95 21.34 -38.36
CA SER B 383 -9.20 20.59 -38.19
C SER B 383 -10.37 21.51 -38.00
N LEU B 384 -10.11 22.64 -37.33
CA LEU B 384 -11.14 23.58 -36.88
C LEU B 384 -11.72 24.44 -38.01
N ARG B 385 -10.95 24.53 -39.10
CA ARG B 385 -11.40 25.15 -40.33
C ARG B 385 -11.90 24.11 -41.38
N VAL B 386 -11.34 22.92 -41.35
CA VAL B 386 -11.60 21.89 -42.36
C VAL B 386 -12.82 21.01 -42.04
N ASP B 387 -13.01 20.64 -40.78
CA ASP B 387 -14.21 19.90 -40.44
C ASP B 387 -15.40 20.84 -40.62
N PRO B 388 -16.47 20.38 -41.27
CA PRO B 388 -17.76 21.10 -41.34
C PRO B 388 -18.25 21.73 -40.00
N ILE B 389 -18.45 20.91 -38.96
CA ILE B 389 -18.97 21.42 -37.67
C ILE B 389 -18.01 22.38 -36.98
N TYR B 390 -16.74 22.02 -36.91
CA TYR B 390 -15.79 22.98 -36.38
C TYR B 390 -15.74 24.31 -37.14
N GLU B 391 -15.86 24.25 -38.47
CA GLU B 391 -15.80 25.45 -39.32
C GLU B 391 -16.97 26.37 -39.01
N ARG B 392 -18.17 25.85 -39.15
CA ARG B 392 -19.41 26.54 -38.85
C ARG B 392 -19.31 27.33 -37.52
N ILE B 393 -18.73 26.68 -36.51
CA ILE B 393 -18.55 27.27 -35.21
C ILE B 393 -17.50 28.36 -35.21
N THR B 394 -16.35 28.08 -35.83
CA THR B 394 -15.21 28.98 -35.72
C THR B 394 -15.27 30.18 -36.66
N ARG B 395 -15.88 29.97 -37.84
CA ARG B 395 -16.19 31.08 -38.74
C ARG B 395 -17.07 32.08 -38.04
N ARG B 396 -18.14 31.62 -37.41
CA ARG B 396 -18.93 32.47 -36.54
C ARG B 396 -18.07 33.39 -35.60
N TRP B 397 -17.13 32.80 -34.84
CA TRP B 397 -16.33 33.56 -33.90
C TRP B 397 -15.26 34.44 -34.54
N LEU B 398 -15.00 34.21 -35.82
CA LEU B 398 -14.11 35.09 -36.57
C LEU B 398 -14.69 36.49 -36.68
N GLU B 399 -15.99 36.54 -36.96
CA GLU B 399 -16.74 37.77 -37.02
C GLU B 399 -17.35 38.16 -35.69
N HIS B 400 -17.24 37.31 -34.66
CA HIS B 400 -17.87 37.59 -33.37
C HIS B 400 -17.07 37.13 -32.18
N PRO B 401 -15.90 37.74 -31.97
CA PRO B 401 -14.94 37.31 -30.96
C PRO B 401 -15.47 37.27 -29.50
N GLU B 402 -16.47 38.12 -29.24
CA GLU B 402 -17.01 38.24 -27.89
C GLU B 402 -17.84 37.00 -27.55
N GLU B 403 -18.22 36.26 -28.60
CA GLU B 403 -18.86 34.95 -28.42
C GLU B 403 -17.83 33.89 -28.05
N LEU B 404 -16.64 33.97 -28.64
CA LEU B 404 -15.56 33.07 -28.27
C LEU B 404 -15.18 33.36 -26.83
N ALA B 405 -14.78 34.59 -26.53
CA ALA B 405 -14.43 34.96 -25.14
C ALA B 405 -15.46 34.47 -24.10
N ASP B 406 -16.72 34.34 -24.48
CA ASP B 406 -17.73 33.86 -23.58
C ASP B 406 -17.72 32.33 -23.46
N GLU B 407 -17.71 31.65 -24.61
CA GLU B 407 -17.67 30.19 -24.62
C GLU B 407 -16.42 29.65 -23.96
N PHE B 408 -15.27 30.23 -24.28
CA PHE B 408 -14.01 29.82 -23.68
C PHE B 408 -14.00 30.03 -22.18
N ALA B 409 -14.57 31.13 -21.70
CA ALA B 409 -14.62 31.39 -20.26
C ALA B 409 -15.33 30.27 -19.59
N LYS B 410 -16.41 29.83 -20.21
CA LYS B 410 -17.25 28.76 -19.73
C LYS B 410 -16.58 27.42 -19.79
N ALA B 411 -15.98 27.08 -20.93
CA ALA B 411 -15.40 25.75 -21.08
C ALA B 411 -14.25 25.55 -20.10
N TRP B 412 -13.31 26.47 -20.14
CA TRP B 412 -12.22 26.46 -19.23
C TRP B 412 -12.71 26.26 -17.78
N TYR B 413 -13.71 27.03 -17.35
CA TYR B 413 -14.12 26.95 -15.97
C TYR B 413 -14.52 25.54 -15.66
N LYS B 414 -15.43 25.02 -16.49
CA LYS B 414 -15.83 23.61 -16.44
C LYS B 414 -14.60 22.62 -16.50
N LEU B 415 -13.65 22.92 -17.42
CA LEU B 415 -12.52 22.07 -17.57
C LEU B 415 -11.78 21.91 -16.24
N ILE B 416 -11.49 22.99 -15.56
CA ILE B 416 -10.71 22.82 -14.36
C ILE B 416 -11.55 22.56 -13.13
N HIS B 417 -12.84 22.34 -13.30
CA HIS B 417 -13.67 22.10 -12.13
C HIS B 417 -14.49 20.84 -12.25
N LEU B 418 -14.33 20.17 -13.38
CA LEU B 418 -15.09 18.99 -13.71
C LEU B 418 -15.10 17.88 -12.68
N ASP B 419 -14.00 17.68 -11.99
CA ASP B 419 -13.91 16.56 -11.08
C ASP B 419 -13.98 16.95 -9.60
N MET B 420 -14.62 18.08 -9.30
CA MET B 420 -14.75 18.53 -7.91
C MET B 420 -16.08 18.22 -7.28
N GLY B 421 -16.94 17.56 -8.06
CA GLY B 421 -18.30 17.21 -7.67
C GLY B 421 -19.08 18.39 -7.11
N PRO B 422 -19.94 18.13 -6.14
CA PRO B 422 -20.88 19.07 -5.59
C PRO B 422 -20.26 20.44 -5.37
N VAL B 423 -21.04 21.46 -5.73
CA VAL B 423 -20.61 22.84 -5.66
C VAL B 423 -20.30 23.26 -4.22
N ALA B 424 -20.90 22.58 -3.24
CA ALA B 424 -20.56 22.77 -1.82
C ALA B 424 -19.03 22.78 -1.56
N ARG B 425 -18.28 21.97 -2.31
CA ARG B 425 -16.86 21.83 -2.08
C ARG B 425 -16.09 23.01 -2.57
N TYR B 426 -16.67 23.82 -3.45
CA TYR B 426 -15.89 24.90 -4.04
C TYR B 426 -15.66 25.94 -2.96
N LEU B 427 -14.45 26.51 -2.90
CA LEU B 427 -14.05 27.38 -1.79
C LEU B 427 -13.46 28.71 -2.19
N GLY B 428 -13.60 29.70 -1.31
CA GLY B 428 -12.84 30.96 -1.41
C GLY B 428 -13.61 32.06 -2.14
N PRO B 429 -13.01 33.27 -2.20
CA PRO B 429 -13.66 34.47 -2.71
C PRO B 429 -14.19 34.41 -4.13
N LEU B 430 -13.62 33.55 -4.98
CA LEU B 430 -13.84 33.66 -6.43
C LEU B 430 -14.90 32.73 -7.01
N VAL B 431 -15.58 31.97 -6.17
CA VAL B 431 -16.60 31.04 -6.67
C VAL B 431 -17.76 31.87 -7.17
N PRO B 432 -18.16 31.71 -8.43
CA PRO B 432 -19.26 32.52 -8.94
C PRO B 432 -20.59 32.14 -8.32
N LYS B 433 -21.55 33.05 -8.41
CA LYS B 433 -22.89 32.88 -7.88
C LYS B 433 -23.70 31.83 -8.61
N GLN B 434 -23.47 31.73 -9.91
CA GLN B 434 -24.31 30.93 -10.77
C GLN B 434 -23.98 29.43 -10.86
N THR B 435 -24.99 28.58 -10.81
CA THR B 435 -24.83 27.13 -10.92
C THR B 435 -25.04 26.66 -12.36
N LEU B 436 -24.43 25.51 -12.67
CA LEU B 436 -24.37 24.96 -14.03
C LEU B 436 -24.81 23.51 -14.02
N LEU B 437 -25.45 23.10 -15.12
CA LEU B 437 -26.04 21.78 -15.27
C LEU B 437 -25.04 20.62 -15.03
N TRP B 438 -23.82 20.75 -15.56
CA TRP B 438 -22.78 19.73 -15.37
C TRP B 438 -22.26 19.68 -13.95
N GLN B 439 -22.74 20.56 -13.08
CA GLN B 439 -22.45 20.40 -11.67
C GLN B 439 -23.49 19.50 -10.94
N ASP B 440 -24.47 18.97 -11.68
CA ASP B 440 -25.57 18.16 -11.17
C ASP B 440 -26.20 18.79 -9.95
N PRO B 441 -26.57 20.08 -10.04
CA PRO B 441 -26.94 20.80 -8.83
C PRO B 441 -28.23 20.24 -8.13
N VAL B 442 -28.45 20.68 -6.90
CA VAL B 442 -29.66 20.31 -6.18
C VAL B 442 -30.18 21.55 -5.46
N PRO B 443 -31.50 21.66 -5.33
CA PRO B 443 -32.11 22.82 -4.68
C PRO B 443 -31.43 23.11 -3.34
N ALA B 444 -31.32 24.37 -2.89
CA ALA B 444 -30.78 24.62 -1.53
C ALA B 444 -31.83 24.20 -0.51
N VAL B 445 -31.41 23.92 0.73
CA VAL B 445 -32.36 23.57 1.80
C VAL B 445 -33.25 24.80 1.98
N SER B 446 -34.56 24.65 1.76
CA SER B 446 -35.47 25.80 1.83
C SER B 446 -36.40 25.84 3.07
N HIS B 447 -36.32 24.83 3.93
CA HIS B 447 -37.16 24.73 5.13
C HIS B 447 -36.34 24.32 6.34
N ASP B 448 -37.02 24.13 7.47
CA ASP B 448 -36.39 23.52 8.64
C ASP B 448 -36.28 22.03 8.44
N LEU B 449 -35.17 21.46 8.89
CA LEU B 449 -34.93 20.02 8.75
C LEU B 449 -35.48 19.22 9.90
N VAL B 450 -35.96 18.01 9.59
CA VAL B 450 -36.57 17.10 10.58
C VAL B 450 -35.59 16.90 11.74
N GLY B 451 -36.11 16.85 12.96
CA GLY B 451 -35.25 16.68 14.12
C GLY B 451 -35.31 15.24 14.58
N GLU B 452 -34.81 14.99 15.79
CA GLU B 452 -34.82 13.65 16.36
C GLU B 452 -36.22 12.98 16.44
N ALA B 453 -37.24 13.74 16.84
CA ALA B 453 -38.60 13.24 16.99
C ALA B 453 -39.29 12.84 15.67
N GLU B 454 -39.12 13.65 14.62
CA GLU B 454 -39.80 13.46 13.34
C GLU B 454 -39.15 12.30 12.62
N ILE B 455 -37.84 12.22 12.79
CA ILE B 455 -37.04 11.10 12.31
C ILE B 455 -37.60 9.81 12.90
N ALA B 456 -37.76 9.77 14.22
CA ALA B 456 -38.34 8.60 14.88
C ALA B 456 -39.73 8.29 14.28
N SER B 457 -40.58 9.30 14.34
CA SER B 457 -41.91 9.29 13.80
C SER B 457 -41.94 8.68 12.39
N LEU B 458 -41.10 9.20 11.50
CA LEU B 458 -41.05 8.75 10.11
C LEU B 458 -40.60 7.31 9.96
N LYS B 459 -39.61 6.94 10.75
CA LYS B 459 -39.08 5.58 10.70
C LYS B 459 -40.21 4.63 10.97
N SER B 460 -41.00 4.94 11.99
CA SER B 460 -42.19 4.16 12.34
C SER B 460 -43.14 4.01 11.19
N GLN B 461 -43.39 5.14 10.53
CA GLN B 461 -44.34 5.23 9.45
C GLN B 461 -43.86 4.36 8.32
N ILE B 462 -42.55 4.37 8.07
CA ILE B 462 -41.98 3.60 6.96
C ILE B 462 -42.12 2.10 7.18
N ARG B 463 -41.85 1.60 8.38
CA ARG B 463 -42.11 0.17 8.69
C ARG B 463 -43.61 -0.16 8.52
N ALA B 464 -44.51 0.67 9.08
CA ALA B 464 -45.95 0.47 8.86
C ALA B 464 -46.41 0.47 7.38
N SER B 465 -45.59 0.94 6.46
CA SER B 465 -46.00 1.11 5.05
C SER B 465 -46.16 -0.20 4.26
N GLY B 466 -45.75 -1.31 4.88
CA GLY B 466 -45.76 -2.62 4.22
C GLY B 466 -44.73 -2.85 3.12
N LEU B 467 -43.81 -1.90 2.96
CA LEU B 467 -42.61 -2.13 2.18
C LEU B 467 -41.66 -3.05 2.95
N THR B 468 -41.34 -4.19 2.34
CA THR B 468 -40.40 -5.18 2.92
C THR B 468 -39.01 -4.56 3.19
N VAL B 469 -38.28 -5.15 4.12
CA VAL B 469 -36.89 -4.77 4.35
C VAL B 469 -36.06 -4.84 3.06
N SER B 470 -36.42 -5.80 2.22
CA SER B 470 -35.65 -6.02 1.03
C SER B 470 -35.75 -4.82 0.09
N GLN B 471 -36.98 -4.45 -0.27
CA GLN B 471 -37.21 -3.32 -1.17
C GLN B 471 -36.58 -2.09 -0.55
N LEU B 472 -36.86 -1.90 0.73
CA LEU B 472 -36.39 -0.72 1.41
C LEU B 472 -34.86 -0.49 1.35
N VAL B 473 -34.10 -1.56 1.56
CA VAL B 473 -32.66 -1.50 1.57
C VAL B 473 -32.12 -1.47 0.14
N SER B 474 -32.67 -2.34 -0.72
CA SER B 474 -32.36 -2.34 -2.13
C SER B 474 -32.35 -0.96 -2.71
N THR B 475 -33.35 -0.17 -2.33
CA THR B 475 -33.57 1.17 -2.88
C THR B 475 -32.56 2.20 -2.39
N ALA B 476 -32.42 2.30 -1.06
CA ALA B 476 -31.44 3.15 -0.44
C ALA B 476 -30.06 2.83 -1.00
N TRP B 477 -29.73 1.56 -1.17
CA TRP B 477 -28.46 1.24 -1.77
C TRP B 477 -28.39 1.75 -3.21
N ALA B 478 -29.34 1.32 -4.04
CA ALA B 478 -29.40 1.79 -5.40
C ALA B 478 -29.13 3.30 -5.51
N ALA B 479 -29.76 4.12 -4.66
CA ALA B 479 -29.56 5.56 -4.64
C ALA B 479 -28.14 5.98 -4.27
N ALA B 480 -27.68 5.52 -3.11
CA ALA B 480 -26.48 6.07 -2.51
C ALA B 480 -25.28 5.59 -3.30
N SER B 481 -25.38 4.36 -3.80
CA SER B 481 -24.22 3.67 -4.33
C SER B 481 -23.93 4.09 -5.77
N SER B 482 -24.73 5.01 -6.29
CA SER B 482 -24.45 5.55 -7.59
C SER B 482 -23.22 6.47 -7.55
N PHE B 483 -22.85 6.96 -6.36
CA PHE B 483 -21.65 7.79 -6.14
C PHE B 483 -20.33 7.21 -6.64
N ARG B 484 -19.41 8.06 -7.12
CA ARG B 484 -18.00 7.65 -7.32
C ARG B 484 -16.97 8.67 -6.85
N GLY B 485 -16.06 8.23 -5.99
CA GLY B 485 -15.03 9.10 -5.34
C GLY B 485 -14.08 9.77 -6.32
N SER B 486 -14.05 9.23 -7.53
CA SER B 486 -13.16 9.68 -8.55
C SER B 486 -13.41 11.16 -8.94
N ASP B 487 -14.62 11.49 -9.42
CA ASP B 487 -14.99 12.88 -9.71
C ASP B 487 -16.14 13.39 -8.81
N LYS B 488 -16.41 12.61 -7.77
CA LYS B 488 -17.39 12.93 -6.77
C LYS B 488 -18.82 13.15 -7.27
N ARG B 489 -19.11 12.68 -8.47
CA ARG B 489 -20.46 12.66 -9.01
C ARG B 489 -21.25 11.50 -8.38
N GLY B 490 -22.57 11.51 -8.54
CA GLY B 490 -23.40 10.43 -8.01
C GLY B 490 -23.79 10.57 -6.54
N GLY B 491 -24.52 9.60 -6.02
CA GLY B 491 -24.96 9.69 -4.64
C GLY B 491 -26.45 9.75 -4.41
N ALA B 492 -26.84 9.85 -3.16
CA ALA B 492 -28.23 9.81 -2.82
C ALA B 492 -28.82 11.18 -2.67
N ASN B 493 -27.98 12.21 -2.54
CA ASN B 493 -28.51 13.57 -2.63
C ASN B 493 -29.21 13.81 -3.99
N GLY B 494 -30.02 14.85 -4.07
CA GLY B 494 -30.79 15.10 -5.28
C GLY B 494 -31.99 14.22 -5.53
N GLY B 495 -32.12 13.11 -4.82
CA GLY B 495 -33.17 12.11 -5.06
C GLY B 495 -33.34 11.71 -6.51
N ARG B 496 -32.23 11.72 -7.23
CA ARG B 496 -32.23 11.42 -8.66
C ARG B 496 -32.65 9.99 -9.01
N ILE B 497 -33.02 9.20 -8.01
CA ILE B 497 -33.32 7.79 -8.22
C ILE B 497 -34.64 7.71 -8.93
N ARG B 498 -35.44 8.76 -8.77
CA ARG B 498 -36.78 8.71 -9.32
C ARG B 498 -36.91 9.38 -10.69
N LEU B 499 -35.81 10.00 -11.13
CA LEU B 499 -35.75 10.62 -12.45
C LEU B 499 -35.02 9.73 -13.44
N GLN B 500 -35.04 10.10 -14.72
CA GLN B 500 -34.23 9.45 -15.72
C GLN B 500 -32.79 9.89 -15.49
N PRO B 501 -31.82 9.03 -15.79
CA PRO B 501 -32.06 7.69 -16.26
C PRO B 501 -32.05 6.68 -15.12
N GLN B 502 -31.75 7.13 -13.91
CA GLN B 502 -31.56 6.23 -12.79
C GLN B 502 -32.76 5.31 -12.56
N VAL B 503 -33.96 5.83 -12.75
CA VAL B 503 -35.16 5.07 -12.44
C VAL B 503 -35.41 3.88 -13.38
N GLY B 504 -34.70 3.85 -14.50
CA GLY B 504 -34.87 2.75 -15.45
C GLY B 504 -33.57 2.05 -15.79
N TRP B 505 -32.61 2.11 -14.88
CA TRP B 505 -31.37 1.37 -15.01
C TRP B 505 -31.64 -0.10 -14.76
N GLU B 506 -31.00 -0.98 -15.54
CA GLU B 506 -31.23 -2.42 -15.42
C GLU B 506 -31.03 -2.85 -13.98
N VAL B 507 -29.84 -2.59 -13.47
CA VAL B 507 -29.46 -2.97 -12.13
C VAL B 507 -30.45 -2.48 -11.08
N ASN B 508 -30.93 -1.24 -11.21
CA ASN B 508 -31.91 -0.68 -10.27
C ASN B 508 -33.28 -1.34 -10.31
N ASP B 509 -33.49 -2.15 -11.36
CA ASP B 509 -34.73 -2.83 -11.80
C ASP B 509 -36.05 -2.09 -11.86
N PRO B 510 -36.41 -1.64 -13.06
CA PRO B 510 -37.74 -1.02 -13.24
C PRO B 510 -38.85 -2.09 -13.25
N ASP B 511 -38.53 -3.28 -13.77
CA ASP B 511 -39.39 -4.46 -13.82
C ASP B 511 -39.76 -4.95 -12.44
N GLY B 512 -38.79 -4.99 -11.54
CA GLY B 512 -39.11 -5.04 -10.13
C GLY B 512 -40.06 -3.90 -9.75
N ASP B 513 -40.06 -3.62 -8.46
CA ASP B 513 -41.05 -2.75 -7.85
C ASP B 513 -40.50 -1.37 -7.40
N LEU B 514 -39.47 -0.87 -8.07
CA LEU B 514 -38.91 0.41 -7.67
C LEU B 514 -39.98 1.52 -7.70
N ARG B 515 -40.82 1.50 -8.73
CA ARG B 515 -41.89 2.48 -8.87
C ARG B 515 -42.83 2.34 -7.66
N LYS B 516 -43.14 1.11 -7.26
CA LYS B 516 -44.01 0.85 -6.13
C LYS B 516 -43.47 1.52 -4.87
N VAL B 517 -42.16 1.36 -4.69
CA VAL B 517 -41.43 1.87 -3.53
C VAL B 517 -41.37 3.41 -3.55
N ILE B 518 -40.98 3.95 -4.69
CA ILE B 518 -41.07 5.41 -4.91
C ILE B 518 -42.45 5.99 -4.52
N ARG B 519 -43.52 5.39 -5.05
CA ARG B 519 -44.87 5.90 -4.82
C ARG B 519 -45.16 5.92 -3.33
N THR B 520 -44.98 4.77 -2.68
CA THR B 520 -45.24 4.68 -1.24
C THR B 520 -44.52 5.77 -0.46
N LEU B 521 -43.31 6.07 -0.91
CA LEU B 521 -42.44 6.99 -0.18
C LEU B 521 -42.89 8.41 -0.36
N GLU B 522 -43.25 8.78 -1.59
CA GLU B 522 -43.85 10.08 -1.86
C GLU B 522 -45.13 10.32 -1.02
N GLU B 523 -45.98 9.30 -0.92
CA GLU B 523 -47.17 9.35 -0.07
C GLU B 523 -46.82 9.65 1.36
N ILE B 524 -45.88 8.89 1.94
CA ILE B 524 -45.39 9.20 3.30
C ILE B 524 -44.82 10.61 3.40
N GLN B 525 -44.22 11.10 2.31
CA GLN B 525 -43.67 12.44 2.30
C GLN B 525 -44.79 13.48 2.41
N GLU B 526 -45.78 13.36 1.52
CA GLU B 526 -46.93 14.25 1.51
C GLU B 526 -47.64 14.24 2.86
N SER B 527 -48.05 13.05 3.33
CA SER B 527 -48.71 12.92 4.66
C SER B 527 -48.04 13.72 5.73
N PHE B 528 -46.76 13.40 5.94
CA PHE B 528 -45.91 14.11 6.88
C PHE B 528 -45.91 15.60 6.63
N ASN B 529 -45.83 15.98 5.35
CA ASN B 529 -45.72 17.40 4.97
C ASN B 529 -46.97 18.28 5.22
N SER B 530 -48.17 17.69 5.19
CA SER B 530 -49.38 18.34 5.72
C SER B 530 -49.35 18.44 7.24
N ALA B 531 -49.32 17.29 7.93
CA ALA B 531 -49.14 17.23 9.38
C ALA B 531 -48.16 18.28 9.95
N ALA B 532 -46.96 18.39 9.35
CA ALA B 532 -46.04 19.53 9.54
C ALA B 532 -46.06 20.27 10.90
N PRO B 533 -45.18 19.86 11.83
CA PRO B 533 -45.03 20.59 13.10
C PRO B 533 -44.18 21.86 12.91
N GLY B 534 -44.83 23.02 12.82
CA GLY B 534 -44.12 24.27 12.53
C GLY B 534 -43.69 24.31 11.07
N ASN B 535 -42.47 24.79 10.82
CA ASN B 535 -41.98 24.91 9.44
C ASN B 535 -41.00 23.81 8.96
N ILE B 536 -41.33 22.56 9.26
CA ILE B 536 -40.48 21.46 8.89
C ILE B 536 -41.02 20.77 7.64
N LYS B 537 -40.14 20.44 6.71
CA LYS B 537 -40.53 19.64 5.58
C LYS B 537 -39.49 18.55 5.42
N VAL B 538 -39.90 17.44 4.82
CA VAL B 538 -38.98 16.39 4.46
C VAL B 538 -38.94 16.21 2.93
N SER B 539 -37.72 16.02 2.41
CA SER B 539 -37.52 15.78 0.98
C SER B 539 -37.70 14.31 0.65
N PHE B 540 -37.99 14.03 -0.62
CA PHE B 540 -37.98 12.65 -1.08
C PHE B 540 -36.59 12.02 -0.89
N ALA B 541 -35.54 12.77 -1.21
CA ALA B 541 -34.18 12.26 -1.12
C ALA B 541 -33.86 11.73 0.25
N ASP B 542 -34.11 12.53 1.29
CA ASP B 542 -33.91 12.06 2.66
C ASP B 542 -34.73 10.79 2.98
N LEU B 543 -35.95 10.73 2.45
CA LEU B 543 -36.86 9.67 2.82
C LEU B 543 -36.38 8.34 2.31
N VAL B 544 -35.89 8.31 1.07
CA VAL B 544 -35.25 7.13 0.46
C VAL B 544 -34.15 6.54 1.35
N VAL B 545 -33.24 7.39 1.80
CA VAL B 545 -32.14 6.99 2.69
C VAL B 545 -32.71 6.55 4.03
N LEU B 546 -33.52 7.41 4.64
CA LEU B 546 -34.20 7.08 5.89
C LEU B 546 -34.81 5.70 5.83
N GLY B 547 -35.51 5.39 4.75
CA GLY B 547 -36.11 4.08 4.53
C GLY B 547 -35.19 2.89 4.79
N GLY B 548 -34.04 2.87 4.14
CA GLY B 548 -33.05 1.83 4.42
C GLY B 548 -32.66 1.80 5.89
N CYS B 549 -32.47 2.98 6.48
CA CYS B 549 -32.06 3.04 7.86
C CYS B 549 -33.09 2.37 8.76
N ALA B 550 -34.36 2.64 8.49
CA ALA B 550 -35.44 2.05 9.23
C ALA B 550 -35.44 0.54 9.03
N ALA B 551 -35.43 0.10 7.78
CA ALA B 551 -35.39 -1.31 7.44
C ALA B 551 -34.25 -1.99 8.17
N ILE B 552 -33.05 -1.43 8.13
CA ILE B 552 -31.89 -2.02 8.79
C ILE B 552 -32.09 -2.12 10.30
N GLU B 553 -32.66 -1.08 10.93
CA GLU B 553 -33.01 -1.10 12.34
C GLU B 553 -33.93 -2.28 12.66
N LYS B 554 -34.90 -2.50 11.77
CA LYS B 554 -35.84 -3.60 11.88
C LYS B 554 -35.16 -4.96 11.76
N ALA B 555 -34.33 -5.11 10.75
CA ALA B 555 -33.69 -6.37 10.49
C ALA B 555 -32.71 -6.73 11.59
N ALA B 556 -32.18 -5.71 12.26
CA ALA B 556 -31.24 -5.90 13.38
C ALA B 556 -31.94 -6.37 14.65
N LYS B 557 -33.17 -5.89 14.86
CA LYS B 557 -34.01 -6.34 15.96
C LYS B 557 -34.33 -7.79 15.73
N ALA B 558 -34.84 -8.12 14.54
CA ALA B 558 -35.26 -9.50 14.21
C ALA B 558 -34.16 -10.55 14.39
N ALA B 559 -33.02 -10.15 14.93
CA ALA B 559 -31.96 -11.06 15.25
C ALA B 559 -31.31 -10.57 16.53
N GLY B 560 -32.16 -10.15 17.47
CA GLY B 560 -31.79 -9.80 18.83
C GLY B 560 -30.78 -8.70 18.98
N HIS B 561 -30.88 -7.64 18.18
CA HIS B 561 -30.08 -6.45 18.44
C HIS B 561 -30.94 -5.19 18.41
N ASN B 562 -30.74 -4.33 19.39
CA ASN B 562 -31.34 -3.02 19.36
C ASN B 562 -30.31 -1.99 19.01
N ILE B 563 -29.95 -1.96 17.74
CA ILE B 563 -29.09 -0.89 17.25
C ILE B 563 -29.95 0.23 16.66
N THR B 564 -29.46 1.45 16.73
CA THR B 564 -30.12 2.57 16.09
C THR B 564 -29.19 3.14 14.99
N VAL B 565 -29.67 3.20 13.75
CA VAL B 565 -28.85 3.64 12.61
C VAL B 565 -28.85 5.16 12.45
N PRO B 566 -27.65 5.78 12.44
CA PRO B 566 -27.66 7.25 12.39
C PRO B 566 -28.14 7.78 11.04
N PHE B 567 -28.59 9.03 11.00
CA PHE B 567 -29.15 9.57 9.78
C PHE B 567 -28.96 11.06 9.79
N THR B 568 -28.46 11.60 8.68
CA THR B 568 -28.25 13.03 8.55
C THR B 568 -29.18 13.60 7.49
N PRO B 569 -30.17 14.38 7.93
CA PRO B 569 -31.11 15.01 7.00
C PRO B 569 -30.44 16.20 6.30
N GLY B 570 -31.02 16.64 5.18
CA GLY B 570 -30.43 17.74 4.44
C GLY B 570 -30.44 17.54 2.95
N ARG B 571 -30.62 16.31 2.48
CA ARG B 571 -30.70 16.07 1.05
C ARG B 571 -31.90 16.83 0.50
N THR B 572 -31.82 17.28 -0.76
CA THR B 572 -32.95 17.95 -1.42
C THR B 572 -33.26 17.21 -2.73
N ASP B 573 -34.32 17.59 -3.43
CA ASP B 573 -34.75 16.86 -4.64
C ASP B 573 -34.57 17.66 -5.95
N ALA B 574 -33.81 17.10 -6.89
CA ALA B 574 -33.61 17.71 -8.20
C ALA B 574 -34.84 17.50 -9.06
N SER B 575 -35.02 18.41 -10.00
CA SER B 575 -36.04 18.22 -11.02
C SER B 575 -35.35 17.48 -12.12
N GLN B 576 -36.12 16.99 -13.08
CA GLN B 576 -35.54 16.35 -14.25
C GLN B 576 -34.73 17.37 -15.08
N GLU B 577 -35.08 18.65 -14.98
CA GLU B 577 -34.39 19.76 -15.63
C GLU B 577 -32.99 19.94 -15.07
N GLN B 578 -32.80 19.78 -13.76
CA GLN B 578 -31.46 19.88 -13.18
C GLN B 578 -30.64 18.59 -13.37
N THR B 579 -31.19 17.63 -14.11
CA THR B 579 -30.53 16.34 -14.30
C THR B 579 -30.21 16.01 -15.76
N ASP B 580 -28.96 16.18 -16.17
CA ASP B 580 -28.60 15.82 -17.54
C ASP B 580 -28.59 14.30 -17.75
N VAL B 581 -29.68 13.78 -18.32
CA VAL B 581 -29.80 12.35 -18.64
C VAL B 581 -28.56 11.77 -19.36
N GLU B 582 -28.10 12.43 -20.40
CA GLU B 582 -26.97 11.95 -21.16
C GLU B 582 -25.71 11.88 -20.27
N SER B 583 -25.55 12.86 -19.40
CA SER B 583 -24.37 12.94 -18.57
C SER B 583 -24.31 11.79 -17.54
N PHE B 584 -25.45 11.51 -16.92
CA PHE B 584 -25.60 10.40 -15.97
C PHE B 584 -25.42 9.00 -16.56
N ALA B 585 -25.48 8.87 -17.89
CA ALA B 585 -25.28 7.58 -18.52
C ALA B 585 -24.05 6.87 -17.96
N VAL B 586 -22.96 7.60 -17.76
CA VAL B 586 -21.68 7.01 -17.37
C VAL B 586 -21.64 6.40 -15.97
N LEU B 587 -22.54 6.84 -15.08
CA LEU B 587 -22.66 6.24 -13.73
C LEU B 587 -23.51 4.94 -13.67
N GLU B 588 -24.10 4.49 -14.78
CA GLU B 588 -24.88 3.31 -14.64
C GLU B 588 -23.91 2.20 -14.33
N PRO B 589 -24.14 1.48 -13.24
CA PRO B 589 -23.37 0.28 -12.92
C PRO B 589 -23.51 -0.76 -14.02
N LYS B 590 -22.40 -1.23 -14.62
CA LYS B 590 -22.43 -2.44 -15.46
C LYS B 590 -22.20 -3.70 -14.59
N ALA B 591 -21.97 -3.48 -13.30
CA ALA B 591 -21.54 -4.49 -12.34
C ALA B 591 -21.61 -3.92 -10.90
N ASP B 592 -22.36 -4.57 -10.02
CA ASP B 592 -22.40 -4.16 -8.63
C ASP B 592 -22.37 -5.38 -7.72
N GLY B 593 -21.18 -5.80 -7.37
CA GLY B 593 -21.06 -7.01 -6.60
C GLY B 593 -21.86 -6.96 -5.32
N PHE B 594 -22.14 -5.76 -4.81
CA PHE B 594 -22.86 -5.64 -3.54
C PHE B 594 -24.31 -6.03 -3.72
N ARG B 595 -24.80 -5.88 -4.94
CA ARG B 595 -26.16 -6.31 -5.24
C ARG B 595 -26.14 -7.55 -6.08
N ASN B 596 -24.97 -8.18 -6.12
CA ASN B 596 -24.75 -9.38 -6.93
C ASN B 596 -25.31 -9.22 -8.35
N TYR B 597 -24.95 -8.10 -8.96
CA TYR B 597 -25.29 -7.77 -10.34
C TYR B 597 -24.04 -7.73 -11.22
N LEU B 598 -24.15 -8.34 -12.38
CA LEU B 598 -23.10 -8.29 -13.37
C LEU B 598 -23.78 -8.43 -14.72
N GLY B 599 -23.90 -7.29 -15.41
CA GLY B 599 -24.40 -7.23 -16.79
C GLY B 599 -23.19 -7.32 -17.70
N LYS B 600 -23.40 -7.06 -18.99
CA LYS B 600 -22.40 -7.35 -20.02
C LYS B 600 -21.29 -6.32 -20.22
N GLY B 601 -20.14 -6.83 -20.67
CA GLY B 601 -19.06 -5.99 -21.18
C GLY B 601 -18.12 -5.32 -20.18
N ASN B 602 -17.98 -5.90 -18.99
CA ASN B 602 -16.96 -5.41 -18.09
C ASN B 602 -15.65 -6.00 -18.55
N PRO B 603 -14.55 -5.28 -18.33
CA PRO B 603 -13.22 -5.74 -18.80
C PRO B 603 -12.64 -6.96 -18.07
N LEU B 604 -13.02 -7.17 -16.81
CA LEU B 604 -12.41 -8.24 -16.04
C LEU B 604 -13.51 -9.00 -15.38
N PRO B 605 -13.22 -10.22 -14.90
CA PRO B 605 -14.30 -11.01 -14.27
C PRO B 605 -14.88 -10.40 -12.98
N ALA B 606 -16.03 -10.93 -12.58
CA ALA B 606 -16.91 -10.35 -11.55
C ALA B 606 -16.17 -9.77 -10.37
N GLU B 607 -15.19 -10.51 -9.86
CA GLU B 607 -14.56 -10.17 -8.61
C GLU B 607 -13.65 -8.94 -8.70
N TYR B 608 -12.99 -8.74 -9.81
CA TYR B 608 -12.20 -7.52 -10.00
C TYR B 608 -13.12 -6.34 -10.13
N MET B 609 -14.35 -6.61 -10.55
CA MET B 609 -15.30 -5.53 -10.74
C MET B 609 -15.75 -5.04 -9.38
N LEU B 610 -15.96 -6.01 -8.49
CA LEU B 610 -16.24 -5.75 -7.09
C LEU B 610 -15.19 -4.83 -6.48
N LEU B 611 -13.92 -5.12 -6.69
CA LEU B 611 -12.90 -4.29 -6.11
C LEU B 611 -12.89 -2.89 -6.67
N ASP B 612 -13.04 -2.77 -7.99
CA ASP B 612 -13.06 -1.46 -8.63
C ASP B 612 -14.24 -0.67 -8.07
N LYS B 613 -15.37 -1.35 -7.91
CA LYS B 613 -16.56 -0.73 -7.35
C LYS B 613 -16.35 -0.27 -5.91
N ALA B 614 -15.73 -1.11 -5.09
CA ALA B 614 -15.41 -0.72 -3.72
C ALA B 614 -14.47 0.47 -3.74
N ASN B 615 -13.45 0.40 -4.59
CA ASN B 615 -12.51 1.51 -4.71
C ASN B 615 -13.25 2.81 -5.05
N LEU B 616 -14.22 2.72 -5.96
CA LEU B 616 -14.98 3.91 -6.33
C LEU B 616 -15.82 4.44 -5.17
N LEU B 617 -16.37 3.55 -4.36
CA LEU B 617 -17.14 3.99 -3.20
C LEU B 617 -16.31 4.46 -2.01
N THR B 618 -14.98 4.55 -2.17
CA THR B 618 -14.01 4.94 -1.10
C THR B 618 -14.04 4.00 0.13
N LEU B 619 -14.29 2.70 -0.11
CA LEU B 619 -14.36 1.70 0.97
C LEU B 619 -13.05 0.95 1.17
N SER B 620 -12.77 0.58 2.40
CA SER B 620 -11.66 -0.29 2.68
C SER B 620 -12.13 -1.73 2.59
N ALA B 621 -11.16 -2.64 2.49
CA ALA B 621 -11.45 -4.07 2.47
C ALA B 621 -12.36 -4.56 3.62
N PRO B 622 -12.09 -4.14 4.88
CA PRO B 622 -13.05 -4.49 5.94
C PRO B 622 -14.51 -4.03 5.63
N GLU B 623 -14.64 -2.75 5.29
CA GLU B 623 -15.91 -2.15 4.92
C GLU B 623 -16.59 -2.90 3.75
N MET B 624 -15.84 -3.11 2.68
CA MET B 624 -16.35 -3.88 1.57
C MET B 624 -16.84 -5.23 2.07
N THR B 625 -16.13 -5.83 3.02
CA THR B 625 -16.49 -7.19 3.40
C THR B 625 -17.80 -7.22 4.16
N VAL B 626 -17.94 -6.36 5.15
CA VAL B 626 -19.14 -6.39 5.94
C VAL B 626 -20.35 -6.03 5.08
N LEU B 627 -20.18 -5.13 4.14
CA LEU B 627 -21.33 -4.75 3.33
C LEU B 627 -21.85 -5.95 2.53
N VAL B 628 -20.95 -6.61 1.79
CA VAL B 628 -21.39 -7.79 1.08
C VAL B 628 -22.13 -8.74 2.03
N GLY B 629 -21.51 -9.03 3.18
CA GLY B 629 -22.16 -9.81 4.21
C GLY B 629 -23.59 -9.39 4.52
N GLY B 630 -23.75 -8.13 4.92
CA GLY B 630 -25.04 -7.65 5.40
C GLY B 630 -26.00 -7.66 4.22
N LEU B 631 -25.55 -7.07 3.10
CA LEU B 631 -26.41 -6.88 1.97
C LEU B 631 -27.00 -8.19 1.51
N ARG B 632 -26.16 -9.23 1.38
CA ARG B 632 -26.64 -10.54 1.01
C ARG B 632 -27.84 -11.00 1.86
N VAL B 633 -27.70 -10.96 3.18
CA VAL B 633 -28.75 -11.51 4.05
C VAL B 633 -29.98 -10.64 4.21
N LEU B 634 -29.88 -9.38 3.81
CA LEU B 634 -31.03 -8.48 3.80
C LEU B 634 -31.75 -8.63 2.46
N GLY B 635 -31.16 -9.44 1.57
CA GLY B 635 -31.69 -9.69 0.23
C GLY B 635 -31.76 -8.40 -0.57
N ALA B 636 -30.66 -7.66 -0.53
CA ALA B 636 -30.44 -6.53 -1.39
C ALA B 636 -30.18 -7.06 -2.79
N ASN B 637 -30.08 -8.37 -2.92
CA ASN B 637 -29.68 -8.93 -4.19
C ASN B 637 -30.58 -8.53 -5.33
N TYR B 638 -29.95 -8.24 -6.46
CA TYR B 638 -30.63 -8.01 -7.73
C TYR B 638 -31.57 -9.16 -8.11
N LYS B 639 -32.73 -8.85 -8.67
CA LYS B 639 -33.77 -9.87 -8.99
C LYS B 639 -33.98 -10.81 -7.78
N ARG B 640 -33.67 -10.30 -6.58
CA ARG B 640 -33.75 -11.05 -5.32
C ARG B 640 -33.34 -12.52 -5.50
N LEU B 641 -32.25 -12.74 -6.23
CA LEU B 641 -31.68 -14.06 -6.44
C LEU B 641 -31.12 -14.65 -5.15
N PRO B 642 -31.10 -15.99 -5.03
CA PRO B 642 -30.61 -16.64 -3.79
C PRO B 642 -29.06 -16.64 -3.64
N LEU B 643 -28.33 -16.38 -4.73
CA LEU B 643 -26.88 -16.36 -4.71
C LEU B 643 -26.22 -15.57 -3.55
N GLY B 644 -25.47 -16.31 -2.73
CA GLY B 644 -24.73 -15.74 -1.65
C GLY B 644 -25.59 -15.56 -0.43
N VAL B 645 -26.85 -15.97 -0.51
CA VAL B 645 -27.70 -15.73 0.63
C VAL B 645 -27.58 -16.93 1.55
N PHE B 646 -26.48 -16.97 2.29
CA PHE B 646 -26.15 -18.09 3.17
C PHE B 646 -26.74 -17.88 4.56
N THR B 647 -28.07 -17.75 4.60
CA THR B 647 -28.79 -17.64 5.84
C THR B 647 -30.03 -18.49 5.68
N GLU B 648 -30.61 -18.93 6.78
CA GLU B 648 -31.93 -19.61 6.79
C GLU B 648 -33.00 -18.58 7.11
N ALA B 649 -32.62 -17.48 7.75
CA ALA B 649 -33.55 -16.45 8.19
C ALA B 649 -33.87 -15.45 7.07
N SER B 650 -35.08 -14.90 7.12
CA SER B 650 -35.53 -13.86 6.17
C SER B 650 -35.25 -12.51 6.75
N GLU B 651 -34.70 -11.61 5.92
CA GLU B 651 -34.63 -10.20 6.28
C GLU B 651 -34.29 -10.01 7.75
N SER B 652 -33.17 -10.60 8.14
CA SER B 652 -32.64 -10.52 9.48
C SER B 652 -31.14 -10.34 9.39
N LEU B 653 -30.63 -9.37 10.14
CA LEU B 653 -29.23 -8.97 10.06
C LEU B 653 -28.33 -9.75 11.02
N THR B 654 -27.54 -10.64 10.44
CA THR B 654 -26.70 -11.60 11.15
C THR B 654 -25.44 -11.79 10.34
N ASN B 655 -24.47 -12.47 10.92
CA ASN B 655 -23.28 -12.78 10.18
C ASN B 655 -23.36 -14.12 9.43
N ASP B 656 -24.56 -14.63 9.21
CA ASP B 656 -24.70 -16.00 8.70
C ASP B 656 -23.91 -16.18 7.45
N PHE B 657 -23.81 -15.11 6.67
CA PHE B 657 -23.05 -15.16 5.43
C PHE B 657 -21.66 -15.71 5.72
N PHE B 658 -20.96 -15.06 6.64
CA PHE B 658 -19.61 -15.40 7.04
C PHE B 658 -19.44 -16.81 7.66
N VAL B 659 -20.34 -17.18 8.55
CA VAL B 659 -20.26 -18.48 9.23
C VAL B 659 -20.38 -19.58 8.19
N ASN B 660 -21.42 -19.48 7.37
CA ASN B 660 -21.63 -20.42 6.30
C ASN B 660 -20.58 -20.45 5.22
N LEU B 661 -19.97 -19.31 4.91
CA LEU B 661 -18.90 -19.28 3.92
C LEU B 661 -17.74 -20.13 4.39
N LEU B 662 -17.51 -20.10 5.70
CA LEU B 662 -16.38 -20.80 6.29
C LEU B 662 -16.66 -22.27 6.66
N ASP B 663 -17.87 -22.73 6.37
CA ASP B 663 -18.26 -24.12 6.63
C ASP B 663 -17.61 -25.13 5.68
N MET B 664 -16.63 -25.85 6.20
CA MET B 664 -15.94 -26.92 5.45
C MET B 664 -16.77 -28.17 5.17
N GLY B 665 -17.95 -28.25 5.81
CA GLY B 665 -18.96 -29.27 5.56
C GLY B 665 -19.66 -29.05 4.23
N ILE B 666 -19.55 -27.84 3.68
CA ILE B 666 -20.08 -27.57 2.34
C ILE B 666 -18.99 -27.73 1.29
N THR B 667 -19.30 -28.40 0.17
CA THR B 667 -18.33 -28.64 -0.94
C THR B 667 -18.75 -27.87 -2.20
N TRP B 668 -17.85 -27.06 -2.74
CA TRP B 668 -18.21 -26.15 -3.83
C TRP B 668 -17.75 -26.63 -5.20
N GLU B 669 -18.69 -26.82 -6.13
CA GLU B 669 -18.39 -27.03 -7.58
C GLU B 669 -19.12 -26.03 -8.49
N PRO B 670 -18.54 -25.68 -9.67
CA PRO B 670 -19.27 -24.84 -10.67
C PRO B 670 -20.55 -25.49 -11.13
N SER B 671 -21.64 -24.74 -11.24
CA SER B 671 -22.92 -25.31 -11.69
C SER B 671 -22.77 -26.06 -13.01
N PRO B 672 -23.46 -27.21 -13.13
CA PRO B 672 -23.41 -27.95 -14.39
C PRO B 672 -24.00 -27.04 -15.46
N ALA B 673 -25.13 -26.42 -15.15
CA ALA B 673 -25.73 -25.37 -16.00
C ALA B 673 -24.78 -24.18 -16.16
N ASP B 674 -23.61 -24.43 -16.77
CA ASP B 674 -22.44 -23.54 -16.83
C ASP B 674 -22.76 -22.06 -17.05
N ASP B 675 -22.46 -21.20 -16.08
CA ASP B 675 -22.83 -19.75 -16.12
C ASP B 675 -22.18 -18.86 -15.05
N GLY B 676 -20.90 -19.12 -14.77
CA GLY B 676 -20.18 -18.49 -13.65
C GLY B 676 -20.87 -18.50 -12.28
N THR B 677 -21.74 -19.46 -12.01
CA THR B 677 -22.26 -19.68 -10.66
C THR B 677 -21.89 -21.07 -10.13
N TYR B 678 -22.17 -21.32 -8.85
CA TYR B 678 -21.60 -22.48 -8.16
C TYR B 678 -22.60 -23.07 -7.21
N GLN B 679 -22.44 -24.37 -6.95
CA GLN B 679 -23.24 -25.14 -5.99
C GLN B 679 -22.44 -25.56 -4.77
N GLY B 680 -23.07 -25.48 -3.62
CA GLY B 680 -22.46 -25.88 -2.36
C GLY B 680 -23.31 -26.96 -1.72
N LYS B 681 -22.76 -28.18 -1.72
CA LYS B 681 -23.48 -29.37 -1.22
C LYS B 681 -22.97 -29.78 0.14
N ASP B 682 -23.81 -30.47 0.92
CA ASP B 682 -23.38 -30.98 2.21
C ASP B 682 -23.01 -32.46 2.20
N GLY B 683 -22.92 -33.06 3.39
CA GLY B 683 -22.51 -34.46 3.58
C GLY B 683 -23.37 -35.47 2.86
N SER B 684 -24.63 -35.11 2.58
CA SER B 684 -25.60 -36.01 1.93
C SER B 684 -25.87 -35.64 0.48
N GLY B 685 -24.96 -34.88 -0.14
CA GLY B 685 -25.02 -34.56 -1.59
C GLY B 685 -26.13 -33.64 -2.13
N LYS B 686 -26.88 -32.97 -1.25
CA LYS B 686 -27.93 -32.02 -1.63
C LYS B 686 -27.34 -30.63 -1.83
N VAL B 687 -27.80 -29.92 -2.87
CA VAL B 687 -27.41 -28.53 -3.05
C VAL B 687 -28.10 -27.71 -1.96
N LYS B 688 -27.29 -27.03 -1.17
CA LYS B 688 -27.75 -26.35 0.06
C LYS B 688 -27.61 -24.84 -0.13
N TRP B 689 -26.59 -24.44 -0.88
CA TRP B 689 -26.31 -23.04 -1.12
C TRP B 689 -25.93 -22.91 -2.56
N THR B 690 -26.29 -21.78 -3.19
CA THR B 690 -25.66 -21.40 -4.48
C THR B 690 -24.91 -20.06 -4.35
N GLY B 691 -24.04 -19.73 -5.28
CA GLY B 691 -23.29 -18.47 -5.19
C GLY B 691 -22.45 -18.12 -6.40
N SER B 692 -22.23 -16.82 -6.58
CA SER B 692 -21.47 -16.29 -7.74
C SER B 692 -19.98 -16.26 -7.42
N ARG B 693 -19.19 -15.70 -8.33
CA ARG B 693 -17.76 -15.56 -8.06
C ARG B 693 -17.59 -14.52 -6.98
N VAL B 694 -18.42 -13.49 -7.01
CA VAL B 694 -18.31 -12.38 -6.10
C VAL B 694 -18.46 -12.90 -4.69
N ASP B 695 -19.37 -13.85 -4.47
CA ASP B 695 -19.57 -14.50 -3.16
C ASP B 695 -18.40 -15.40 -2.75
N LEU B 696 -17.94 -16.26 -3.64
CA LEU B 696 -16.95 -17.25 -3.24
C LEU B 696 -15.53 -16.71 -3.04
N VAL B 697 -15.22 -15.60 -3.68
CA VAL B 697 -13.90 -15.02 -3.62
C VAL B 697 -13.64 -14.61 -2.18
N PHE B 698 -14.69 -14.39 -1.40
CA PHE B 698 -14.46 -14.02 0.00
C PHE B 698 -13.95 -15.21 0.82
N GLY B 699 -14.34 -16.41 0.44
CA GLY B 699 -13.82 -17.58 1.13
C GLY B 699 -12.61 -18.18 0.44
N SER B 700 -12.10 -17.52 -0.58
CA SER B 700 -11.12 -18.19 -1.38
C SER B 700 -9.80 -17.41 -1.42
N ASN B 701 -9.89 -16.11 -1.61
CA ASN B 701 -8.74 -15.23 -1.58
C ASN B 701 -8.24 -15.21 -0.15
N SER B 702 -6.94 -15.40 0.09
CA SER B 702 -6.49 -15.54 1.48
C SER B 702 -6.58 -14.27 2.32
N GLU B 703 -6.48 -13.11 1.68
CA GLU B 703 -6.68 -11.86 2.39
C GLU B 703 -8.15 -11.64 2.72
N LEU B 704 -9.04 -12.02 1.83
CA LEU B 704 -10.42 -11.74 2.13
C LEU B 704 -10.89 -12.73 3.12
N ARG B 705 -10.44 -13.97 2.98
CA ARG B 705 -10.87 -15.02 3.88
C ARG B 705 -10.44 -14.65 5.28
N ALA B 706 -9.32 -13.91 5.41
CA ALA B 706 -8.78 -13.51 6.72
C ALA B 706 -9.79 -12.61 7.42
N LEU B 707 -10.41 -11.73 6.63
CA LEU B 707 -11.43 -10.81 7.13
C LEU B 707 -12.70 -11.57 7.44
N VAL B 708 -13.07 -12.54 6.60
CA VAL B 708 -14.32 -13.28 6.79
C VAL B 708 -14.28 -14.03 8.12
N GLU B 709 -13.08 -14.46 8.50
CA GLU B 709 -12.85 -15.19 9.75
C GLU B 709 -13.03 -14.32 11.00
N VAL B 710 -12.94 -13.01 10.82
CA VAL B 710 -13.14 -12.11 11.96
C VAL B 710 -14.63 -12.04 12.19
N TYR B 711 -15.38 -11.76 11.14
CA TYR B 711 -16.82 -11.59 11.23
C TYR B 711 -17.57 -12.91 11.32
N GLY B 712 -16.86 -14.02 11.16
CA GLY B 712 -17.48 -15.32 11.26
C GLY B 712 -17.30 -16.01 12.60
N ALA B 713 -16.50 -15.43 13.50
CA ALA B 713 -16.29 -16.04 14.82
C ALA B 713 -17.56 -16.09 15.67
N ASP B 714 -17.53 -16.82 16.79
CA ASP B 714 -18.71 -16.93 17.64
C ASP B 714 -18.91 -15.65 18.44
N ASP B 715 -17.84 -14.99 18.79
CA ASP B 715 -17.95 -13.72 19.48
C ASP B 715 -18.30 -12.51 18.57
N ALA B 716 -18.44 -12.75 17.27
CA ALA B 716 -18.36 -11.67 16.30
C ALA B 716 -19.66 -10.87 16.05
N GLN B 717 -20.77 -11.36 16.59
CA GLN B 717 -22.09 -10.87 16.20
C GLN B 717 -22.30 -9.37 16.40
N PRO B 718 -22.19 -8.85 17.65
CA PRO B 718 -22.40 -7.41 17.84
C PRO B 718 -21.43 -6.56 16.98
N LYS B 719 -20.16 -6.99 16.91
CA LYS B 719 -19.12 -6.25 16.16
C LYS B 719 -19.48 -6.19 14.66
N PHE B 720 -20.00 -7.27 14.14
CA PHE B 720 -20.46 -7.26 12.79
C PHE B 720 -21.55 -6.21 12.63
N VAL B 721 -22.55 -6.22 13.50
CA VAL B 721 -23.64 -5.26 13.36
C VAL B 721 -23.14 -3.83 13.44
N GLN B 722 -22.25 -3.56 14.36
CA GLN B 722 -21.63 -2.25 14.44
C GLN B 722 -20.92 -1.81 13.19
N ASP B 723 -19.89 -2.56 12.82
CA ASP B 723 -19.15 -2.28 11.62
C ASP B 723 -20.04 -2.18 10.38
N PHE B 724 -21.10 -2.98 10.32
CA PHE B 724 -21.98 -2.93 9.16
C PHE B 724 -22.70 -1.60 9.06
N VAL B 725 -23.40 -1.23 10.11
CA VAL B 725 -23.98 0.11 10.21
C VAL B 725 -22.96 1.24 9.90
N ALA B 726 -21.79 1.23 10.54
CA ALA B 726 -20.79 2.27 10.29
C ALA B 726 -20.49 2.43 8.82
N ALA B 727 -20.45 1.31 8.10
CA ALA B 727 -20.21 1.30 6.67
C ALA B 727 -21.39 1.77 5.86
N TRP B 728 -22.55 1.19 6.13
CA TRP B 728 -23.80 1.64 5.53
C TRP B 728 -23.90 3.16 5.59
N ASP B 729 -23.77 3.68 6.81
CA ASP B 729 -23.86 5.09 7.07
C ASP B 729 -22.81 5.86 6.30
N LYS B 730 -21.65 5.25 6.06
CA LYS B 730 -20.62 5.92 5.29
C LYS B 730 -21.04 6.08 3.85
N VAL B 731 -21.53 4.99 3.29
CA VAL B 731 -22.02 5.02 1.94
C VAL B 731 -23.22 5.94 1.73
N MET B 732 -24.18 5.90 2.66
CA MET B 732 -25.27 6.86 2.68
C MET B 732 -24.76 8.29 2.70
N ASN B 733 -23.59 8.54 3.25
CA ASN B 733 -23.16 9.91 3.34
C ASN B 733 -22.11 10.39 2.37
N LEU B 734 -21.85 9.61 1.32
CA LEU B 734 -20.66 9.90 0.50
C LEU B 734 -20.68 11.24 -0.23
N ASP B 735 -21.87 11.66 -0.70
CA ASP B 735 -22.00 12.92 -1.44
C ASP B 735 -22.32 14.13 -0.56
N ARG B 736 -22.35 13.90 0.75
CA ARG B 736 -22.84 14.90 1.68
C ARG B 736 -21.81 15.94 2.08
N PHE B 737 -21.14 16.50 1.08
CA PHE B 737 -20.23 17.60 1.33
C PHE B 737 -20.88 18.85 1.92
N ASP B 738 -22.19 19.01 1.66
CA ASP B 738 -23.00 20.07 2.20
C ASP B 738 -22.96 20.12 3.74
N VAL B 739 -22.73 18.99 4.41
CA VAL B 739 -22.68 19.01 5.86
C VAL B 739 -21.28 18.71 6.35
N ARG B 740 -20.47 18.14 5.49
CA ARG B 740 -19.08 17.76 5.82
C ARG B 740 -18.10 18.98 5.73
CHA HEM C . 7.57 -34.07 7.52
CHB HEM C . 11.72 -32.57 5.44
CHC HEM C . 13.11 -30.78 9.69
CHD HEM C . 8.92 -32.07 11.70
C1A HEM C . 8.57 -33.75 6.60
C2A HEM C . 8.51 -34.04 5.17
C3A HEM C . 9.65 -33.64 4.62
C4A HEM C . 10.48 -33.08 5.65
CMA HEM C . 10.02 -33.75 3.12
CAA HEM C . 7.37 -34.71 4.37
CBA HEM C . 6.29 -33.74 3.96
CGA HEM C . 5.00 -34.53 3.79
O1A HEM C . 4.90 -35.28 2.77
O2A HEM C . 4.08 -34.39 4.67
C1B HEM C . 12.46 -31.97 6.43
C2B HEM C . 13.77 -31.36 6.26
C3B HEM C . 14.15 -30.88 7.42
C4B HEM C . 13.11 -31.15 8.37
CMB HEM C . 14.59 -31.31 4.95
CAB HEM C . 15.50 -30.17 7.65
CBB HEM C . 16.53 -30.95 7.98
C1C HEM C . 12.06 -30.87 10.56
C2C HEM C . 11.98 -30.21 11.85
C3C HEM C . 10.82 -30.57 12.40
C4C HEM C . 10.15 -31.47 11.47
CMC HEM C . 13.07 -29.28 12.43
CAC HEM C . 10.17 -30.19 13.74
CBC HEM C . 10.87 -29.80 14.81
C1D HEM C . 8.19 -32.81 10.81
C2D HEM C . 6.97 -33.51 11.13
C3D HEM C . 6.49 -34.14 9.81
C4D HEM C . 7.51 -33.76 8.85
CMD HEM C . 6.30 -33.57 12.51
CAD HEM C . 5.23 -35.02 9.65
CBD HEM C . 4.03 -34.33 9.01
CGD HEM C . 2.81 -35.25 8.91
O1D HEM C . 1.79 -34.88 8.23
O2D HEM C . 2.79 -36.37 9.50
NA HEM C . 9.80 -33.15 6.86
NB HEM C . 12.07 -31.81 7.77
NC HEM C . 10.95 -31.65 10.34
ND HEM C . 8.48 -32.98 9.47
FE HEM C . 10.40 -32.53 8.78
C1 GLC D . 23.14 1.12 39.01
C2 GLC D . 23.21 1.08 37.47
C3 GLC D . 24.38 0.18 37.00
C4 GLC D . 25.42 0.18 38.13
C5 GLC D . 24.82 -0.64 39.28
C6 GLC D . 25.74 -0.68 40.50
O1 GLC D . 21.84 1.47 39.46
O2 GLC D . 21.96 0.69 36.92
O3 GLC D . 24.98 0.53 35.76
O4 GLC D . 26.69 -0.31 37.73
O5 GLC D . 23.53 -0.11 39.61
O6 GLC D . 25.39 0.35 41.41
CHA HEM E . 1.20 23.95 -26.44
CHB HEM E . -1.08 20.31 -28.69
CHC HEM E . -5.27 21.63 -26.75
CHD HEM E . -3.02 25.26 -24.51
C1A HEM E . 0.93 22.81 -27.14
C2A HEM E . 1.92 21.98 -27.77
C3A HEM E . 1.30 20.99 -28.40
C4A HEM E . -0.12 21.15 -28.19
CMA HEM E . 2.01 19.88 -29.21
CAA HEM E . 3.43 22.21 -27.77
CBA HEM E . 4.04 21.81 -26.45
CGA HEM E . 5.42 22.40 -26.50
O1A HEM E . 6.24 21.91 -27.34
O2A HEM E . 5.69 23.36 -25.72
C1B HEM E . -2.42 20.39 -28.40
C2B HEM E . -3.47 19.57 -28.99
C3B HEM E . -4.63 19.93 -28.45
C4B HEM E . -4.35 20.99 -27.52
CMB HEM E . -3.28 18.46 -30.04
CAB HEM E . -6.01 19.34 -28.78
CBB HEM E . -6.50 19.36 -30.03
C1C HEM E . -5.02 22.66 -25.90
C2C HEM E . -5.96 23.25 -24.97
C3C HEM E . -5.34 24.27 -24.35
C4C HEM E . -3.98 24.34 -24.87
CMC HEM E . -7.42 22.75 -24.76
CAC HEM E . -5.93 25.22 -23.27
CBC HEM E . -7.24 25.54 -23.21
C1D HEM E . -1.70 25.32 -24.89
C2D HEM E . -0.82 26.40 -24.60
C3D HEM E . 0.53 26.02 -25.19
C4D HEM E . 0.30 24.74 -25.79
CMD HEM E . -1.15 27.69 -23.84
CAD HEM E . 1.79 26.89 -25.16
CBD HEM E . 2.66 26.62 -23.96
CGD HEM E . 3.96 27.39 -24.06
O1D HEM E . 5.02 26.73 -23.71
O2D HEM E . 3.97 28.62 -24.45
NA HEM E . -0.31 22.28 -27.42
NB HEM E . -3.00 21.25 -27.51
NC HEM E . -3.82 23.34 -25.83
ND HEM E . -1.02 24.36 -25.59
FE HEM E . -2.12 23.00 -26.76
C1 GLC F . -41.66 19.96 -1.69
C2 GLC F . -40.36 19.18 -1.98
C3 GLC F . -39.59 18.94 -0.68
C4 GLC F . -39.62 20.21 0.14
C5 GLC F . -41.08 20.59 0.49
C6 GLC F . -41.33 22.09 0.27
O1 GLC F . -42.77 19.62 -2.49
O2 GLC F . -40.50 17.92 -2.62
O3 GLC F . -38.26 18.58 -0.94
O4 GLC F . -38.74 20.03 1.22
O5 GLC F . -42.04 19.92 -0.33
O6 GLC F . -42.61 22.40 0.79
#